data_4XKF
#
_entry.id   4XKF
#
_cell.length_a   185.735
_cell.length_b   99.271
_cell.length_c   133.437
_cell.angle_alpha   90.000
_cell.angle_beta   126.450
_cell.angle_gamma   90.000
#
_symmetry.space_group_name_H-M   'C 1 2 1'
#
loop_
_entity.id
_entity.type
_entity.pdbx_description
1 polymer 'Hemagglutinin HA1 chain'
2 polymer 'Hemagglutinin HA2 chain'
3 branched 'N-acetyl-alpha-neuraminic acid-(2-3)-beta-D-galactopyranose-(1-3)-2-acetamido-2-deoxy-beta-D-glucopyranose'
4 non-polymer 2-acetamido-2-deoxy-beta-D-glucopyranose
5 water water
#
loop_
_entity_poly.entity_id
_entity_poly.type
_entity_poly.pdbx_seq_one_letter_code
_entity_poly.pdbx_strand_id
1 'polypeptide(L)'
;ADPGDKICIGYHANNSTTQVDTLLEKNVTVTHSVELLENQKEKRFCKIMNKAPLDLKDCTIEGWILGNPKCDLLLGDQSW
SYIVERPNAQNGICYPGVLNELEELKAFIGSGERVERFEMFPKSTWAGVDTSRGVTNACPSYTIDSSFYRNLVWIVKTDS
ATYPVIKGTYNNTGTQPILYFWGVHHPLDTTVQDNLYGSGDKYVRMGTESMNFAKSPEIAARPAVNGQRSRIDYYWSVLR
PGETLNVESNGNLIAPWYAYKFVSTNKKGAVFKSDLPIENCDATCQTITGVLRTNKTFQNVSPLWIGECPKYVKSESLRL
ATGLRNVPQIATR
;
A,C,E
2 'polypeptide(L)'
;GIFGAIAGFIEGGWTGMIDGWYGYHHENSQGSGYAADRESTQKAIDGITNKVNSIINKMNTQFEAVDHEFSNLERRIGNL
NKRMEDGFLDVWTYNAELLVLLENERTLDLHDANVKNLYEKVKSQLRDNANDLGNGCFEFWHKCDNECMESVKNGTYDYP
KYQKESKLNRQGIEGRLVPR
;
B,D,F
#
# COMPACT_ATOMS: atom_id res chain seq x y z
N PRO A 3 57.88 -30.18 -14.67
CA PRO A 3 58.41 -30.30 -16.03
C PRO A 3 58.70 -28.94 -16.65
N GLY A 4 57.64 -28.17 -16.87
CA GLY A 4 57.72 -26.91 -17.58
C GLY A 4 57.00 -25.81 -16.83
N ASP A 5 57.35 -24.57 -17.14
CA ASP A 5 56.75 -23.41 -16.50
C ASP A 5 55.22 -23.37 -16.63
N LYS A 6 54.54 -23.11 -15.53
CA LYS A 6 53.08 -23.07 -15.47
C LYS A 6 52.65 -21.62 -15.33
N ILE A 7 51.57 -21.19 -15.98
CA ILE A 7 50.81 -20.07 -15.43
C ILE A 7 49.35 -20.48 -15.41
N CYS A 8 48.67 -20.16 -14.31
CA CYS A 8 47.29 -20.58 -14.03
C CYS A 8 46.39 -19.40 -13.69
N ILE A 9 45.10 -19.51 -14.02
CA ILE A 9 44.13 -18.45 -13.72
C ILE A 9 43.15 -18.98 -12.68
N GLY A 10 42.80 -18.14 -11.70
CA GLY A 10 41.96 -18.63 -10.62
C GLY A 10 41.38 -17.53 -9.78
N TYR A 11 41.01 -17.88 -8.56
CA TYR A 11 40.27 -16.92 -7.76
C TYR A 11 40.50 -17.11 -6.27
N HIS A 12 40.24 -16.03 -5.53
CA HIS A 12 40.33 -15.96 -4.09
C HIS A 12 39.46 -17.01 -3.41
N ALA A 13 40.00 -17.66 -2.37
CA ALA A 13 39.20 -18.42 -1.41
C ALA A 13 39.57 -17.94 -0.02
N ASN A 14 38.78 -18.30 0.98
CA ASN A 14 39.08 -17.91 2.34
C ASN A 14 38.38 -18.71 3.43
N ASN A 15 38.66 -18.38 4.67
CA ASN A 15 38.17 -19.12 5.82
C ASN A 15 36.69 -18.90 6.12
N SER A 16 36.06 -17.99 5.40
CA SER A 16 34.69 -17.61 5.67
C SER A 16 33.72 -18.79 5.59
N THR A 17 32.78 -18.83 6.52
CA THR A 17 31.75 -19.83 6.57
C THR A 17 30.38 -19.17 6.48
N THR A 18 30.36 -17.88 6.17
CA THR A 18 29.11 -17.13 6.00
C THR A 18 28.43 -17.48 4.67
N GLN A 19 27.12 -17.73 4.72
CA GLN A 19 26.36 -18.13 3.54
C GLN A 19 25.31 -17.13 3.06
N VAL A 20 24.86 -17.29 1.82
CA VAL A 20 23.80 -16.44 1.26
C VAL A 20 22.85 -17.30 0.45
N ASP A 21 21.62 -16.83 0.22
CA ASP A 21 20.79 -17.55 -0.74
C ASP A 21 20.72 -16.78 -2.07
N THR A 22 20.53 -17.52 -3.15
CA THR A 22 20.22 -16.95 -4.45
C THR A 22 18.93 -17.59 -4.92
N LEU A 23 18.36 -17.06 -6.00
CA LEU A 23 17.18 -17.65 -6.61
C LEU A 23 17.39 -19.13 -6.96
N LEU A 24 18.61 -19.49 -7.35
CA LEU A 24 18.90 -20.84 -7.84
C LEU A 24 19.44 -21.77 -6.76
N GLU A 25 20.01 -21.22 -5.70
CA GLU A 25 20.66 -22.08 -4.74
C GLU A 25 20.65 -21.49 -3.35
N LYS A 26 20.48 -22.35 -2.35
CA LYS A 26 20.52 -21.93 -0.96
C LYS A 26 21.85 -22.27 -0.32
N ASN A 27 22.15 -21.60 0.79
CA ASN A 27 23.31 -21.90 1.59
C ASN A 27 24.59 -21.92 0.78
N VAL A 28 24.85 -20.85 0.04
CA VAL A 28 26.11 -20.70 -0.69
C VAL A 28 27.13 -19.93 0.15
N THR A 29 28.27 -20.54 0.41
CA THR A 29 29.33 -19.88 1.15
C THR A 29 30.08 -18.96 0.22
N VAL A 30 30.17 -17.67 0.60
CA VAL A 30 30.84 -16.69 -0.24
C VAL A 30 31.98 -16.08 0.54
N THR A 31 32.96 -15.50 -0.16
CA THR A 31 34.15 -15.01 0.53
C THR A 31 33.89 -13.69 1.25
N HIS A 32 33.02 -12.86 0.69
CA HIS A 32 32.70 -11.55 1.28
C HIS A 32 31.20 -11.26 1.18
N SER A 33 30.61 -10.73 2.24
CA SER A 33 29.19 -10.34 2.21
C SER A 33 28.89 -9.19 3.16
N VAL A 34 27.73 -8.56 3.00
CA VAL A 34 27.30 -7.52 3.93
C VAL A 34 25.88 -7.84 4.42
N GLU A 35 25.66 -7.75 5.73
CA GLU A 35 24.34 -7.97 6.30
C GLU A 35 23.61 -6.64 6.35
N LEU A 36 22.47 -6.57 5.67
CA LEU A 36 21.72 -5.33 5.52
C LEU A 36 20.62 -5.12 6.56
N LEU A 37 20.36 -6.11 7.38
CA LEU A 37 19.24 -6.04 8.32
C LEU A 37 19.71 -6.06 9.75
N GLU A 38 19.16 -5.14 10.54
CA GLU A 38 19.48 -5.03 11.95
C GLU A 38 18.45 -5.74 12.80
N ASN A 39 18.91 -6.48 13.79
CA ASN A 39 18.00 -7.15 14.71
C ASN A 39 18.34 -6.94 16.18
N GLN A 40 19.28 -6.05 16.47
CA GLN A 40 19.63 -5.76 17.86
C GLN A 40 19.08 -4.40 18.29
N LYS A 41 18.63 -4.31 19.55
CA LYS A 41 18.13 -3.08 20.15
C LYS A 41 18.55 -2.96 21.61
N GLU A 42 18.57 -1.75 22.15
CA GLU A 42 18.69 -1.57 23.60
C GLU A 42 17.28 -1.39 24.16
N LYS A 43 16.89 -2.29 25.07
CA LYS A 43 15.54 -2.29 25.61
C LYS A 43 15.30 -1.14 26.58
N ARG A 44 15.27 0.09 26.03
CA ARG A 44 15.08 1.28 26.85
C ARG A 44 14.62 2.50 26.01
N PHE A 45 14.24 3.58 26.71
CA PHE A 45 13.86 4.83 26.07
C PHE A 45 14.93 5.88 26.34
N CYS A 46 15.34 6.57 25.28
CA CYS A 46 16.41 7.56 25.32
C CYS A 46 15.89 8.88 24.82
N LYS A 47 16.67 9.94 25.00
CA LYS A 47 16.29 11.26 24.51
C LYS A 47 16.45 11.35 22.99
N ILE A 48 15.41 11.87 22.35
CA ILE A 48 15.41 12.12 20.91
C ILE A 48 15.64 13.60 20.67
N MET A 49 16.57 13.92 19.77
CA MET A 49 16.96 15.31 19.53
C MET A 49 17.31 16.02 20.84
N ASN A 50 17.89 15.25 21.76
CA ASN A 50 18.29 15.72 23.09
C ASN A 50 17.12 16.12 23.99
N LYS A 51 15.90 15.75 23.61
CA LYS A 51 14.77 16.09 24.43
C LYS A 51 14.28 14.81 25.11
N ALA A 52 14.13 14.90 26.44
CA ALA A 52 13.67 13.77 27.24
C ALA A 52 12.19 13.53 26.99
N PRO A 53 11.79 12.25 26.96
CA PRO A 53 10.38 11.95 26.81
C PRO A 53 9.62 12.26 28.10
N LEU A 54 8.30 12.30 28.05
CA LEU A 54 7.51 12.49 29.25
C LEU A 54 7.10 11.15 29.82
N ASP A 55 7.52 10.91 31.06
CA ASP A 55 7.16 9.69 31.79
C ASP A 55 5.89 9.93 32.64
N LEU A 56 4.78 9.42 32.17
CA LEU A 56 3.50 9.52 32.86
C LEU A 56 3.51 8.76 34.19
N LYS A 57 4.31 7.71 34.26
CA LYS A 57 4.41 6.91 35.47
C LYS A 57 3.05 6.28 35.80
N ASP A 58 2.59 6.42 37.03
CA ASP A 58 1.31 5.86 37.45
C ASP A 58 0.10 6.46 36.72
N CYS A 59 0.15 7.76 36.46
CA CYS A 59 -0.93 8.46 35.77
C CYS A 59 -1.09 8.07 34.29
N THR A 60 -2.34 7.99 33.83
CA THR A 60 -2.65 7.86 32.41
C THR A 60 -2.62 9.21 31.73
N ILE A 61 -2.82 9.26 30.41
CA ILE A 61 -2.96 10.54 29.72
C ILE A 61 -4.18 11.36 30.22
N GLU A 62 -5.34 10.73 30.34
CA GLU A 62 -6.50 11.38 30.94
C GLU A 62 -6.11 11.95 32.31
N GLY A 63 -5.57 11.08 33.17
CA GLY A 63 -5.15 11.48 34.50
C GLY A 63 -4.28 12.73 34.49
N TRP A 64 -3.36 12.79 33.53
CA TRP A 64 -2.39 13.87 33.44
C TRP A 64 -3.02 15.23 33.11
N ILE A 65 -3.75 15.29 32.00
CA ILE A 65 -4.27 16.58 31.53
C ILE A 65 -5.57 17.07 32.21
N LEU A 66 -6.26 16.24 32.98
CA LEU A 66 -7.39 16.75 33.77
C LEU A 66 -6.91 17.19 35.15
N GLY A 67 -5.68 16.84 35.49
CA GLY A 67 -5.17 17.07 36.81
C GLY A 67 -5.79 16.20 37.90
N ASN A 68 -5.87 14.89 37.67
CA ASN A 68 -6.08 13.94 38.77
C ASN A 68 -5.21 14.38 39.95
N PRO A 69 -5.81 14.53 41.14
CA PRO A 69 -5.04 15.09 42.26
C PRO A 69 -3.79 14.27 42.58
N LYS A 70 -3.83 12.96 42.35
CA LYS A 70 -2.68 12.08 42.58
C LYS A 70 -1.56 12.26 41.53
N CYS A 71 -1.79 13.13 40.56
CA CYS A 71 -0.85 13.29 39.47
C CYS A 71 -0.07 14.59 39.57
N ASP A 72 0.00 15.15 40.79
CA ASP A 72 0.63 16.45 40.99
C ASP A 72 2.10 16.49 40.62
N LEU A 73 2.75 15.33 40.59
CA LEU A 73 4.15 15.26 40.20
C LEU A 73 4.33 15.83 38.81
N LEU A 74 3.35 15.56 37.95
CA LEU A 74 3.35 16.03 36.56
C LEU A 74 2.77 17.42 36.35
N LEU A 75 2.16 17.99 37.41
CA LEU A 75 1.36 19.22 37.26
C LEU A 75 2.21 20.39 36.72
N GLY A 76 1.58 21.25 35.94
CA GLY A 76 2.28 22.36 35.31
C GLY A 76 3.01 22.06 34.01
N ASP A 77 4.01 22.90 33.70
CA ASP A 77 4.69 22.88 32.40
C ASP A 77 5.36 21.54 32.10
N GLN A 78 5.23 21.10 30.84
CA GLN A 78 5.98 19.95 30.33
C GLN A 78 6.43 20.19 28.90
N SER A 79 7.63 19.70 28.57
CA SER A 79 8.20 19.70 27.22
C SER A 79 8.77 18.32 26.92
N TRP A 80 8.44 17.73 25.78
CA TRP A 80 8.82 16.34 25.52
C TRP A 80 9.04 16.07 24.04
N SER A 81 9.85 15.07 23.74
CA SER A 81 10.09 14.62 22.37
C SER A 81 9.14 13.48 22.04
N TYR A 82 8.58 12.86 23.07
CA TYR A 82 7.56 11.84 22.93
C TYR A 82 7.04 11.44 24.31
N ILE A 83 5.92 10.72 24.34
CA ILE A 83 5.28 10.36 25.62
C ILE A 83 5.32 8.86 25.90
N VAL A 84 5.52 8.50 27.16
CA VAL A 84 5.50 7.09 27.55
C VAL A 84 4.45 6.87 28.64
N GLU A 85 3.46 6.03 28.33
CA GLU A 85 2.40 5.74 29.25
C GLU A 85 2.53 4.28 29.67
N ARG A 86 2.56 4.02 30.98
CA ARG A 86 2.81 2.66 31.46
C ARG A 86 1.54 1.85 31.38
N PRO A 87 1.64 0.60 30.91
CA PRO A 87 0.51 -0.31 30.65
C PRO A 87 -0.41 -0.53 31.86
N ASN A 88 0.03 -0.23 33.08
CA ASN A 88 -0.88 -0.41 34.21
C ASN A 88 -1.02 0.79 35.15
N ALA A 89 -0.93 2.00 34.59
CA ALA A 89 -1.12 3.22 35.39
C ALA A 89 -2.49 3.17 36.06
N GLN A 90 -2.54 3.56 37.35
CA GLN A 90 -3.78 3.43 38.12
C GLN A 90 -4.62 4.70 38.10
N ASN A 91 -3.94 5.83 37.92
CA ASN A 91 -4.55 7.14 38.12
C ASN A 91 -4.98 7.80 36.83
N GLY A 92 -6.25 7.60 36.48
CA GLY A 92 -6.82 8.22 35.30
C GLY A 92 -8.01 9.10 35.64
N ILE A 93 -9.14 8.81 35.01
CA ILE A 93 -10.41 9.41 35.37
C ILE A 93 -10.91 8.77 36.64
N CYS A 94 -10.92 9.54 37.73
CA CYS A 94 -11.31 8.97 39.02
C CYS A 94 -12.82 9.08 39.28
N TYR A 95 -13.44 10.16 38.80
CA TYR A 95 -14.90 10.25 38.88
C TYR A 95 -15.50 9.67 37.59
N PRO A 96 -16.24 8.57 37.70
CA PRO A 96 -16.63 7.80 36.51
C PRO A 96 -17.35 8.63 35.45
N GLY A 97 -16.97 8.43 34.20
CA GLY A 97 -17.61 9.11 33.10
C GLY A 97 -16.83 8.95 31.83
N VAL A 98 -17.34 9.51 30.75
CA VAL A 98 -16.67 9.47 29.47
C VAL A 98 -15.92 10.76 29.18
N LEU A 99 -14.65 10.63 28.80
CA LEU A 99 -13.90 11.72 28.19
C LEU A 99 -14.16 11.67 26.69
N ASN A 100 -14.96 12.59 26.18
CA ASN A 100 -15.48 12.43 24.84
C ASN A 100 -14.43 12.72 23.76
N GLU A 101 -14.54 12.02 22.64
CA GLU A 101 -13.56 12.11 21.57
C GLU A 101 -12.13 11.93 22.12
N LEU A 102 -11.92 10.80 22.81
CA LEU A 102 -10.68 10.53 23.54
C LEU A 102 -9.53 10.19 22.63
N GLU A 103 -9.83 9.40 21.60
CA GLU A 103 -8.82 8.91 20.69
C GLU A 103 -8.30 10.12 19.93
N GLU A 104 -9.23 10.98 19.53
CA GLU A 104 -8.84 12.15 18.79
C GLU A 104 -8.04 13.10 19.70
N LEU A 105 -8.33 13.08 20.99
CA LEU A 105 -7.50 13.84 21.96
C LEU A 105 -6.10 13.29 22.11
N LYS A 106 -6.00 11.96 22.23
CA LYS A 106 -4.71 11.30 22.42
C LYS A 106 -3.87 11.64 21.17
N ALA A 107 -4.49 11.55 20.01
CA ALA A 107 -3.83 11.96 18.78
C ALA A 107 -3.35 13.41 18.84
N PHE A 108 -4.19 14.32 19.34
CA PHE A 108 -3.82 15.74 19.37
C PHE A 108 -2.63 15.98 20.31
N ILE A 109 -2.65 15.37 21.47
CA ILE A 109 -1.57 15.55 22.44
C ILE A 109 -0.22 15.00 21.96
N GLY A 110 -0.25 13.96 21.15
CA GLY A 110 0.96 13.37 20.62
C GLY A 110 1.72 14.33 19.74
N SER A 111 1.02 15.30 19.18
CA SER A 111 1.55 16.14 18.12
C SER A 111 2.07 17.57 18.38
N GLY A 112 2.17 18.06 19.60
CA GLY A 112 2.53 17.40 20.83
C GLY A 112 4.01 17.64 21.08
N GLU A 113 4.33 18.84 21.57
CA GLU A 113 5.70 19.20 21.94
C GLU A 113 5.86 19.76 23.35
N ARG A 114 5.05 20.76 23.70
CA ARG A 114 5.14 21.37 25.02
C ARG A 114 3.80 21.96 25.49
N VAL A 115 3.60 22.02 26.79
CA VAL A 115 2.42 22.67 27.35
C VAL A 115 2.76 23.60 28.52
N GLU A 116 2.12 24.76 28.57
CA GLU A 116 2.24 25.69 29.70
C GLU A 116 0.91 25.79 30.43
N ARG A 117 0.92 25.42 31.69
CA ARG A 117 -0.29 25.48 32.47
C ARG A 117 -0.52 26.89 32.98
N PHE A 118 -1.79 27.25 33.17
CA PHE A 118 -2.17 28.59 33.58
C PHE A 118 -3.65 28.64 33.93
N GLU A 119 -4.03 29.59 34.78
CA GLU A 119 -5.43 29.73 35.19
C GLU A 119 -6.25 30.40 34.10
N MET A 120 -7.17 29.66 33.49
CA MET A 120 -7.96 30.19 32.40
C MET A 120 -9.19 30.96 32.91
N PHE A 121 -10.03 30.29 33.71
CA PHE A 121 -11.15 30.93 34.40
C PHE A 121 -10.96 30.88 35.91
N PRO A 122 -10.67 32.04 36.52
CA PRO A 122 -10.50 32.08 37.97
C PRO A 122 -11.84 31.76 38.65
N LYS A 123 -11.80 31.13 39.81
CA LYS A 123 -13.02 30.76 40.54
C LYS A 123 -14.06 31.89 40.67
N SER A 124 -13.61 33.14 40.67
CA SER A 124 -14.49 34.29 40.87
C SER A 124 -15.38 34.59 39.64
N THR A 125 -14.97 34.07 38.49
CA THR A 125 -15.67 34.22 37.21
C THR A 125 -17.17 33.96 37.36
N TRP A 126 -17.51 33.00 38.18
CA TRP A 126 -18.89 32.54 38.30
C TRP A 126 -19.52 33.21 39.50
N ALA A 127 -20.66 33.87 39.28
CA ALA A 127 -21.26 34.67 40.31
C ALA A 127 -22.54 34.06 40.88
N GLY A 128 -22.60 33.94 42.20
CA GLY A 128 -23.81 33.57 42.88
C GLY A 128 -23.82 32.09 43.16
N VAL A 129 -22.64 31.48 43.01
CA VAL A 129 -22.51 30.04 43.14
C VAL A 129 -21.37 29.66 44.07
N ASP A 130 -21.44 28.45 44.60
CA ASP A 130 -20.39 27.99 45.50
C ASP A 130 -19.29 27.20 44.75
N THR A 131 -18.05 27.61 44.98
CA THR A 131 -16.89 26.99 44.38
C THR A 131 -16.21 25.94 45.29
N SER A 132 -16.24 26.20 46.60
CA SER A 132 -15.41 25.50 47.59
C SER A 132 -15.89 24.11 47.96
N ARG A 133 -16.97 23.63 47.35
CA ARG A 133 -17.58 22.37 47.77
C ARG A 133 -17.44 21.30 46.70
N GLY A 134 -16.67 21.56 45.66
CA GLY A 134 -16.53 20.60 44.57
C GLY A 134 -15.50 19.53 44.85
N VAL A 135 -15.85 18.60 45.72
CA VAL A 135 -14.92 17.56 46.17
C VAL A 135 -15.64 16.22 46.19
N THR A 136 -14.87 15.15 46.02
CA THR A 136 -15.42 13.80 46.12
C THR A 136 -14.40 12.83 46.70
N ASN A 137 -14.91 11.74 47.27
CA ASN A 137 -14.04 10.69 47.81
C ASN A 137 -13.62 9.71 46.70
N ALA A 138 -14.13 9.94 45.50
CA ALA A 138 -13.76 9.15 44.34
C ALA A 138 -12.44 9.66 43.77
N CYS A 139 -12.08 10.86 44.18
CA CYS A 139 -10.89 11.53 43.69
C CYS A 139 -9.95 12.02 44.78
N PRO A 140 -9.46 11.12 45.63
CA PRO A 140 -8.54 11.65 46.64
C PRO A 140 -7.21 12.14 46.05
N SER A 141 -6.53 12.97 46.82
CA SER A 141 -5.13 13.24 46.60
C SER A 141 -4.39 12.24 47.47
N TYR A 142 -3.07 12.33 47.50
CA TYR A 142 -2.28 11.46 48.37
C TYR A 142 -2.30 11.95 49.81
N THR A 143 -3.13 12.94 50.10
CA THR A 143 -3.05 13.56 51.42
C THR A 143 -4.43 13.97 51.95
N ILE A 144 -5.43 14.04 51.06
CA ILE A 144 -6.80 14.36 51.45
C ILE A 144 -7.73 13.30 50.84
N ASP A 145 -8.72 12.84 51.61
CA ASP A 145 -9.57 11.73 51.18
C ASP A 145 -10.54 12.15 50.09
N SER A 146 -10.81 13.45 50.01
CA SER A 146 -11.79 13.95 49.06
C SER A 146 -11.29 15.21 48.43
N SER A 147 -11.06 15.13 47.12
CA SER A 147 -10.42 16.18 46.36
C SER A 147 -11.06 16.23 44.98
N PHE A 148 -10.36 16.81 44.00
CA PHE A 148 -10.90 16.94 42.66
C PHE A 148 -9.83 17.42 41.70
N TYR A 149 -10.08 17.22 40.41
CA TYR A 149 -9.14 17.53 39.35
C TYR A 149 -8.59 18.95 39.42
N ARG A 150 -7.28 19.11 39.27
CA ARG A 150 -6.67 20.41 39.43
C ARG A 150 -7.03 21.37 38.30
N ASN A 151 -7.72 20.90 37.27
CA ASN A 151 -8.02 21.80 36.15
C ASN A 151 -9.51 22.01 35.92
N LEU A 152 -10.32 21.53 36.85
CA LEU A 152 -11.75 21.72 36.72
C LEU A 152 -12.32 22.29 38.03
N VAL A 153 -13.52 22.84 37.95
CA VAL A 153 -14.23 23.26 39.16
C VAL A 153 -15.60 22.61 39.15
N TRP A 154 -15.87 21.77 40.14
CA TRP A 154 -17.21 21.24 40.32
C TRP A 154 -18.08 22.28 41.05
N ILE A 155 -18.88 23.04 40.29
CA ILE A 155 -19.65 24.14 40.88
C ILE A 155 -21.00 23.69 41.45
N VAL A 156 -21.23 24.08 42.70
CA VAL A 156 -22.45 23.73 43.41
C VAL A 156 -23.30 24.98 43.59
N LYS A 157 -24.62 24.79 43.62
CA LYS A 157 -25.57 25.82 44.07
C LYS A 157 -25.24 26.32 45.49
N THR A 158 -25.51 27.58 45.76
CA THR A 158 -25.25 28.09 47.10
C THR A 158 -26.43 27.76 48.04
N ASP A 159 -26.39 28.28 49.26
CA ASP A 159 -27.40 27.93 50.25
C ASP A 159 -28.79 28.35 49.81
N SER A 160 -28.90 29.52 49.19
CA SER A 160 -30.16 29.88 48.58
C SER A 160 -30.40 28.84 47.52
N ALA A 161 -31.61 28.29 47.45
CA ALA A 161 -31.84 27.18 46.55
C ALA A 161 -32.11 27.70 45.15
N THR A 162 -31.24 28.58 44.69
CA THR A 162 -31.24 29.00 43.30
C THR A 162 -29.84 28.93 42.73
N TYR A 163 -29.70 28.31 41.57
CA TYR A 163 -28.43 28.33 40.88
C TYR A 163 -28.61 29.38 39.81
N PRO A 164 -27.97 30.52 39.99
CA PRO A 164 -28.14 31.62 39.03
C PRO A 164 -27.55 31.25 37.69
N VAL A 165 -27.85 32.02 36.64
CA VAL A 165 -27.12 31.84 35.40
C VAL A 165 -25.73 32.37 35.62
N ILE A 166 -24.72 31.58 35.30
CA ILE A 166 -23.36 32.08 35.37
C ILE A 166 -22.78 32.22 33.97
N LYS A 167 -21.82 33.12 33.82
CA LYS A 167 -21.22 33.39 32.53
C LYS A 167 -19.73 33.53 32.69
N GLY A 168 -18.98 33.14 31.67
CA GLY A 168 -17.54 33.28 31.67
C GLY A 168 -17.04 33.57 30.27
N THR A 169 -16.07 34.46 30.17
CA THR A 169 -15.49 34.77 28.89
C THR A 169 -13.97 34.66 28.95
N TYR A 170 -13.38 34.03 27.95
CA TYR A 170 -11.95 34.08 27.83
C TYR A 170 -11.59 34.35 26.38
N ASN A 171 -10.80 35.41 26.21
CA ASN A 171 -10.35 35.86 24.93
C ASN A 171 -8.87 35.52 24.71
N ASN A 172 -8.57 34.74 23.66
CA ASN A 172 -7.21 34.29 23.41
C ASN A 172 -6.43 35.27 22.55
N THR A 173 -5.74 36.18 23.22
CA THR A 173 -4.96 37.19 22.54
C THR A 173 -3.54 36.71 22.23
N GLY A 174 -3.20 35.51 22.71
CA GLY A 174 -1.88 34.94 22.50
C GLY A 174 -1.66 34.41 21.10
N THR A 175 -0.46 33.89 20.87
CA THR A 175 -0.07 33.33 19.58
C THR A 175 -0.15 31.79 19.54
N GLN A 176 -0.67 31.20 20.61
CA GLN A 176 -0.66 29.75 20.77
C GLN A 176 -2.05 29.21 21.02
N PRO A 177 -2.34 28.04 20.43
CA PRO A 177 -3.63 27.39 20.74
C PRO A 177 -3.68 26.99 22.22
N ILE A 178 -4.87 27.00 22.78
CA ILE A 178 -5.06 26.64 24.16
C ILE A 178 -5.92 25.40 24.26
N LEU A 179 -5.38 24.39 24.94
CA LEU A 179 -6.09 23.15 25.16
C LEU A 179 -6.77 23.24 26.50
N TYR A 180 -8.08 23.02 26.52
CA TYR A 180 -8.81 23.20 27.74
C TYR A 180 -9.94 22.18 27.82
N PHE A 181 -10.46 22.00 29.04
CA PHE A 181 -11.41 20.94 29.39
C PHE A 181 -12.59 21.49 30.17
N TRP A 182 -13.71 20.78 30.12
CA TRP A 182 -14.85 21.12 30.96
C TRP A 182 -15.72 19.89 31.10
N GLY A 183 -16.84 20.04 31.81
CA GLY A 183 -17.70 18.91 32.09
C GLY A 183 -19.18 19.21 32.21
N VAL A 184 -19.97 18.15 32.18
CA VAL A 184 -21.38 18.23 32.53
C VAL A 184 -21.70 17.09 33.50
N HIS A 185 -22.24 17.42 34.67
CA HIS A 185 -22.50 16.42 35.71
C HIS A 185 -23.84 15.75 35.49
N HIS A 186 -23.91 14.43 35.63
CA HIS A 186 -25.18 13.68 35.57
C HIS A 186 -25.45 12.89 36.86
N PRO A 187 -26.26 13.47 37.77
CA PRO A 187 -26.65 12.81 39.03
C PRO A 187 -27.46 11.52 38.86
N LEU A 188 -27.25 10.57 39.76
CA LEU A 188 -28.07 9.37 39.80
C LEU A 188 -29.53 9.72 40.11
N ASP A 189 -30.24 10.67 40.80
CA ASP A 189 -31.40 11.36 41.39
C ASP A 189 -31.59 12.80 40.94
N THR A 190 -32.90 12.72 41.04
CA THR A 190 -33.53 14.05 41.02
C THR A 190 -33.32 14.67 42.40
N THR A 191 -33.24 13.82 43.41
CA THR A 191 -32.93 14.24 44.75
C THR A 191 -31.59 14.94 44.81
N VAL A 192 -30.55 14.24 44.33
CA VAL A 192 -29.19 14.77 44.24
C VAL A 192 -29.11 15.96 43.29
N GLN A 193 -29.84 15.86 42.18
CA GLN A 193 -29.99 17.00 41.28
C GLN A 193 -30.54 18.22 42.02
N ASP A 194 -31.65 18.06 42.74
CA ASP A 194 -32.24 19.20 43.45
C ASP A 194 -31.26 19.72 44.49
N ASN A 195 -30.69 18.82 45.28
CA ASN A 195 -29.77 19.19 46.33
C ASN A 195 -28.58 20.04 45.83
N LEU A 196 -27.88 19.55 44.81
CA LEU A 196 -26.64 20.15 44.28
C LEU A 196 -26.85 21.41 43.42
N TYR A 197 -27.93 21.43 42.64
CA TYR A 197 -28.19 22.57 41.77
C TYR A 197 -29.60 23.11 42.00
N GLY A 198 -30.15 23.84 41.03
CA GLY A 198 -31.46 24.40 41.26
C GLY A 198 -32.55 23.35 41.18
N SER A 199 -33.73 23.80 40.77
CA SER A 199 -34.78 22.94 40.26
C SER A 199 -34.96 23.37 38.80
N GLY A 200 -35.79 22.68 38.02
CA GLY A 200 -36.06 23.08 36.64
C GLY A 200 -34.94 22.87 35.61
N ASP A 201 -35.33 22.84 34.33
CA ASP A 201 -34.46 22.44 33.21
C ASP A 201 -33.06 23.10 33.28
N LYS A 202 -31.99 22.32 33.17
CA LYS A 202 -30.63 22.86 33.29
C LYS A 202 -29.85 22.68 32.01
N TYR A 203 -28.88 23.56 31.75
CA TYR A 203 -28.09 23.49 30.52
C TYR A 203 -26.63 23.93 30.72
N VAL A 204 -25.79 23.55 29.76
CA VAL A 204 -24.39 23.97 29.69
C VAL A 204 -24.12 24.31 28.24
N ARG A 205 -24.01 25.61 27.96
CA ARG A 205 -23.77 26.05 26.59
C ARG A 205 -22.42 26.75 26.51
N MET A 206 -21.76 26.61 25.38
CA MET A 206 -20.45 27.23 25.19
C MET A 206 -20.25 27.44 23.73
N GLY A 207 -19.47 28.44 23.37
CA GLY A 207 -19.24 28.68 21.97
C GLY A 207 -18.07 29.59 21.76
N THR A 208 -17.56 29.54 20.54
CA THR A 208 -16.49 30.39 20.10
C THR A 208 -16.89 30.82 18.72
N GLU A 209 -15.98 31.49 18.01
CA GLU A 209 -16.22 31.93 16.64
C GLU A 209 -16.46 30.77 15.68
N SER A 210 -15.95 29.59 16.01
CA SER A 210 -16.09 28.44 15.13
C SER A 210 -16.74 27.23 15.78
N MET A 211 -16.96 27.28 17.09
CA MET A 211 -17.44 26.11 17.83
C MET A 211 -18.73 26.36 18.64
N ASN A 212 -19.64 25.38 18.64
CA ASN A 212 -20.81 25.41 19.51
C ASN A 212 -20.94 24.16 20.37
N PHE A 213 -21.35 24.36 21.61
CA PHE A 213 -21.66 23.24 22.48
C PHE A 213 -22.87 23.53 23.35
N ALA A 214 -23.75 22.54 23.44
CA ALA A 214 -24.96 22.60 24.26
C ALA A 214 -25.25 21.23 24.86
N LYS A 215 -25.28 21.12 26.19
CA LYS A 215 -25.65 19.87 26.86
C LYS A 215 -26.54 20.12 28.06
N SER A 216 -27.41 19.17 28.36
CA SER A 216 -28.25 19.22 29.56
C SER A 216 -28.12 17.91 30.35
N PRO A 217 -28.40 17.93 31.66
CA PRO A 217 -28.10 16.72 32.42
C PRO A 217 -29.02 15.52 32.05
N GLU A 218 -28.42 14.36 31.83
CA GLU A 218 -29.14 13.12 31.56
C GLU A 218 -29.15 12.26 32.81
N ILE A 219 -30.20 12.41 33.62
CA ILE A 219 -30.24 11.88 34.99
C ILE A 219 -30.75 10.45 35.10
N ALA A 220 -29.96 9.60 35.75
CA ALA A 220 -30.24 8.17 35.82
C ALA A 220 -29.26 7.47 36.76
N ALA A 221 -29.74 6.43 37.44
CA ALA A 221 -28.88 5.61 38.28
C ALA A 221 -28.01 4.66 37.43
N ARG A 222 -26.70 4.71 37.65
CA ARG A 222 -25.77 3.86 36.90
C ARG A 222 -24.94 2.95 37.82
N PRO A 223 -24.45 1.81 37.28
CA PRO A 223 -23.62 0.90 38.10
C PRO A 223 -22.49 1.63 38.80
N ALA A 224 -22.24 1.32 40.07
CA ALA A 224 -21.29 2.09 40.87
C ALA A 224 -19.87 1.89 40.37
N VAL A 225 -19.13 2.99 40.27
CA VAL A 225 -17.71 2.96 39.92
C VAL A 225 -17.03 3.98 40.82
N ASN A 226 -15.92 3.60 41.44
CA ASN A 226 -15.33 4.37 42.53
C ASN A 226 -16.38 4.82 43.56
N GLY A 227 -17.39 3.98 43.77
CA GLY A 227 -18.43 4.30 44.72
C GLY A 227 -19.31 5.44 44.27
N GLN A 228 -19.40 5.64 42.97
CA GLN A 228 -20.29 6.67 42.41
C GLN A 228 -21.24 6.07 41.39
N ARG A 229 -22.53 6.27 41.62
CA ARG A 229 -23.57 5.80 40.70
C ARG A 229 -23.94 6.93 39.71
N SER A 230 -23.48 8.14 40.01
CA SER A 230 -23.58 9.26 39.06
C SER A 230 -22.38 9.24 38.12
N ARG A 231 -22.46 10.03 37.04
CA ARG A 231 -21.44 10.11 35.99
C ARG A 231 -21.12 11.57 35.64
N ILE A 232 -19.90 11.83 35.16
CA ILE A 232 -19.56 13.09 34.51
C ILE A 232 -19.15 12.92 33.03
N ASP A 233 -19.73 13.73 32.15
CA ASP A 233 -19.26 13.84 30.78
C ASP A 233 -18.15 14.88 30.68
N TYR A 234 -16.95 14.43 30.34
CA TYR A 234 -15.83 15.33 30.16
C TYR A 234 -15.70 15.71 28.70
N TYR A 235 -15.23 16.93 28.43
CA TYR A 235 -15.09 17.38 27.07
C TYR A 235 -13.77 18.15 26.93
N TRP A 236 -13.31 18.30 25.70
CA TRP A 236 -12.05 18.98 25.43
C TRP A 236 -12.18 19.78 24.15
N SER A 237 -11.42 20.85 24.05
CA SER A 237 -11.36 21.59 22.80
C SER A 237 -10.11 22.43 22.77
N VAL A 238 -9.95 23.12 21.66
CA VAL A 238 -8.73 23.84 21.39
C VAL A 238 -9.13 25.19 20.88
N LEU A 239 -8.68 26.19 21.60
CA LEU A 239 -9.12 27.54 21.37
C LEU A 239 -8.01 28.23 20.61
N ARG A 240 -8.21 28.36 19.31
CA ARG A 240 -7.24 28.91 18.38
C ARG A 240 -6.86 30.35 18.75
N PRO A 241 -5.66 30.78 18.35
CA PRO A 241 -5.25 32.19 18.56
C PRO A 241 -6.27 33.18 18.00
N GLY A 242 -6.62 34.19 18.76
CA GLY A 242 -7.50 35.22 18.26
C GLY A 242 -8.96 34.85 18.45
N GLU A 243 -9.21 33.65 18.95
CA GLU A 243 -10.57 33.23 19.24
C GLU A 243 -10.98 33.53 20.69
N THR A 244 -12.27 33.52 20.95
CA THR A 244 -12.79 33.87 22.25
C THR A 244 -13.78 32.79 22.67
N LEU A 245 -13.76 32.42 23.94
CA LEU A 245 -14.72 31.43 24.43
C LEU A 245 -15.74 32.13 25.33
N ASN A 246 -17.03 31.79 25.15
CA ASN A 246 -18.12 32.21 26.03
C ASN A 246 -18.71 31.00 26.73
N VAL A 247 -18.77 31.05 28.05
CA VAL A 247 -19.37 29.97 28.84
C VAL A 247 -20.65 30.42 29.55
N GLU A 248 -21.66 29.56 29.52
CA GLU A 248 -22.94 29.90 30.11
C GLU A 248 -23.64 28.68 30.67
N SER A 249 -23.97 28.73 31.97
CA SER A 249 -24.65 27.58 32.57
C SER A 249 -25.75 27.92 33.59
N ASN A 250 -26.88 27.28 33.37
CA ASN A 250 -27.98 27.12 34.30
C ASN A 250 -27.66 26.30 35.56
N GLY A 251 -26.83 25.27 35.38
CA GLY A 251 -26.50 24.29 36.41
C GLY A 251 -25.70 23.13 35.82
N ASN A 252 -25.11 22.32 36.70
CA ASN A 252 -24.42 21.08 36.33
C ASN A 252 -23.13 21.29 35.54
N LEU A 253 -22.59 22.49 35.59
CA LEU A 253 -21.32 22.77 34.92
C LEU A 253 -20.16 22.32 35.79
N ILE A 254 -19.23 21.59 35.20
CA ILE A 254 -17.92 21.38 35.81
C ILE A 254 -17.03 22.26 34.97
N ALA A 255 -16.70 23.42 35.51
CA ALA A 255 -16.12 24.51 34.72
C ALA A 255 -14.64 24.32 34.42
N PRO A 256 -14.17 24.91 33.31
CA PRO A 256 -12.72 24.98 33.15
C PRO A 256 -12.15 25.88 34.23
N TRP A 257 -11.00 25.50 34.79
CA TRP A 257 -10.27 26.31 35.77
C TRP A 257 -8.88 26.62 35.27
N TYR A 258 -8.08 25.56 35.07
CA TYR A 258 -6.74 25.69 34.48
C TYR A 258 -6.70 25.07 33.08
N ALA A 259 -5.93 25.67 32.19
CA ALA A 259 -5.84 25.18 30.82
C ALA A 259 -4.36 25.08 30.36
N TYR A 260 -4.14 24.91 29.06
CA TYR A 260 -2.76 24.77 28.58
C TYR A 260 -2.49 25.57 27.31
N LYS A 261 -1.42 26.34 27.33
CA LYS A 261 -0.88 26.86 26.10
C LYS A 261 -0.22 25.67 25.43
N PHE A 262 -0.52 25.48 24.16
CA PHE A 262 -0.12 24.25 23.51
C PHE A 262 0.81 24.52 22.35
N VAL A 263 2.03 24.01 22.42
CA VAL A 263 3.00 24.18 21.34
C VAL A 263 3.05 22.93 20.47
N SER A 264 2.69 23.09 19.19
CA SER A 264 2.76 21.98 18.23
C SER A 264 4.16 21.68 17.71
N THR A 265 4.34 20.48 17.17
CA THR A 265 5.60 20.06 16.58
C THR A 265 5.31 19.67 15.13
N ASN A 266 6.28 19.72 14.20
CA ASN A 266 7.74 19.85 14.38
C ASN A 266 8.42 18.50 14.65
N LYS A 268 6.79 15.13 14.12
CA LYS A 268 5.97 13.91 14.12
C LYS A 268 5.20 13.66 15.42
N GLY A 269 5.90 13.14 16.42
CA GLY A 269 5.32 12.96 17.73
C GLY A 269 4.79 11.60 18.00
N ALA A 270 4.98 11.10 19.19
CA ALA A 270 4.54 9.76 19.49
C ALA A 270 4.10 9.55 20.90
N VAL A 271 3.28 8.54 21.07
CA VAL A 271 2.84 8.09 22.39
C VAL A 271 3.11 6.60 22.52
N PHE A 272 4.09 6.21 23.35
CA PHE A 272 4.43 4.80 23.52
C PHE A 272 3.76 4.21 24.77
N LYS A 273 2.91 3.20 24.59
CA LYS A 273 2.46 2.44 25.74
C LYS A 273 3.53 1.39 25.96
N SER A 274 4.25 1.47 27.09
CA SER A 274 5.31 0.51 27.37
C SER A 274 5.78 0.56 28.81
N ASP A 275 6.33 -0.56 29.29
CA ASP A 275 6.92 -0.60 30.63
C ASP A 275 8.45 -0.52 30.64
N LEU A 276 9.07 -0.31 29.47
CA LEU A 276 10.54 -0.20 29.40
C LEU A 276 11.06 1.01 30.19
N PRO A 277 12.26 0.88 30.77
CA PRO A 277 12.87 1.99 31.52
C PRO A 277 13.23 3.21 30.66
N ILE A 278 13.27 4.38 31.30
CA ILE A 278 13.72 5.62 30.69
C ILE A 278 15.03 5.99 31.35
N GLU A 279 16.06 6.32 30.57
CA GLU A 279 17.40 6.54 31.11
C GLU A 279 18.10 7.79 30.54
N ASN A 280 19.17 8.21 31.19
CA ASN A 280 19.86 9.43 30.78
C ASN A 280 20.77 9.14 29.57
N CYS A 281 20.13 8.84 28.43
CA CYS A 281 20.88 8.46 27.24
C CYS A 281 20.31 9.12 25.98
N ASP A 282 21.14 9.21 24.94
CA ASP A 282 20.74 9.80 23.69
C ASP A 282 20.53 8.76 22.60
N ALA A 283 19.50 8.99 21.77
CA ALA A 283 19.21 8.13 20.63
C ALA A 283 18.94 8.94 19.35
N THR A 284 19.13 8.29 18.21
CA THR A 284 18.80 8.85 16.91
C THR A 284 17.53 8.16 16.41
N CYS A 285 17.35 6.92 16.86
CA CYS A 285 16.21 6.10 16.46
C CYS A 285 15.65 5.35 17.67
N GLN A 286 14.39 5.63 18.00
CA GLN A 286 13.72 5.02 19.14
C GLN A 286 12.48 4.26 18.73
N THR A 287 12.53 2.92 18.78
CA THR A 287 11.34 2.13 18.59
C THR A 287 10.62 1.89 19.93
N ILE A 288 9.37 1.43 19.86
CA ILE A 288 8.51 1.24 21.02
C ILE A 288 9.06 0.11 21.90
N THR A 289 9.86 -0.77 21.30
CA THR A 289 10.51 -1.84 22.06
C THR A 289 12.02 -1.64 22.20
N GLY A 290 12.56 -0.52 21.74
CA GLY A 290 13.98 -0.30 21.96
C GLY A 290 14.70 0.69 21.06
N VAL A 291 15.89 1.09 21.50
CA VAL A 291 16.72 1.97 20.71
C VAL A 291 17.52 1.17 19.68
N LEU A 292 17.50 1.63 18.44
CA LEU A 292 18.42 1.09 17.46
C LEU A 292 19.58 2.03 17.37
N ARG A 293 20.75 1.45 17.19
CA ARG A 293 21.98 2.18 17.10
C ARG A 293 22.74 1.49 16.01
N THR A 294 22.51 1.91 14.77
CA THR A 294 22.91 1.08 13.65
C THR A 294 23.11 1.85 12.34
N ASN A 295 23.78 1.18 11.39
CA ASN A 295 24.10 1.68 10.05
C ASN A 295 23.24 0.98 9.00
N LYS A 296 22.50 -0.03 9.43
CA LYS A 296 21.88 -0.92 8.47
C LYS A 296 20.66 -0.28 7.81
N THR A 297 20.18 -0.94 6.77
CA THR A 297 19.20 -0.34 5.89
C THR A 297 17.84 -0.84 6.25
N PHE A 298 17.82 -2.00 6.90
CA PHE A 298 16.59 -2.67 7.27
C PHE A 298 16.59 -3.03 8.74
N GLN A 299 15.42 -3.01 9.34
CA GLN A 299 15.28 -3.26 10.77
C GLN A 299 14.27 -4.35 11.11
N ASN A 300 14.72 -5.29 11.94
CA ASN A 300 13.91 -6.36 12.55
C ASN A 300 12.88 -5.96 13.60
N VAL A 301 13.24 -4.97 14.41
CA VAL A 301 12.64 -4.72 15.72
C VAL A 301 11.19 -4.25 15.87
N SER A 302 10.77 -3.26 15.07
CA SER A 302 9.46 -2.65 15.22
C SER A 302 9.12 -1.70 14.09
N PRO A 303 7.84 -1.69 13.67
CA PRO A 303 7.23 -0.69 12.76
C PRO A 303 6.94 0.65 13.43
N LEU A 304 6.95 0.69 14.76
CA LEU A 304 6.59 1.91 15.49
C LEU A 304 7.83 2.61 16.03
N TRP A 305 8.09 3.83 15.59
CA TRP A 305 9.25 4.58 16.08
C TRP A 305 9.12 6.10 15.88
N ILE A 306 9.92 6.88 16.61
CA ILE A 306 10.14 8.28 16.27
C ILE A 306 11.64 8.47 15.98
N GLY A 307 12.01 9.50 15.21
CA GLY A 307 13.39 9.66 14.78
C GLY A 307 13.74 8.96 13.45
N GLU A 308 15.03 8.81 13.14
CA GLU A 308 15.43 8.20 11.87
C GLU A 308 15.78 6.71 12.00
N CYS A 309 14.88 5.85 11.53
CA CYS A 309 15.07 4.41 11.64
C CYS A 309 15.21 3.74 10.31
N PRO A 310 15.91 2.59 10.28
CA PRO A 310 15.91 1.74 9.08
C PRO A 310 14.48 1.26 8.77
N LYS A 311 14.24 0.89 7.54
CA LYS A 311 12.92 0.40 7.17
C LYS A 311 12.64 -0.94 7.83
N TYR A 312 11.42 -1.10 8.32
CA TYR A 312 10.98 -2.30 9.01
C TYR A 312 10.52 -3.41 8.06
N VAL A 313 11.02 -4.62 8.28
CA VAL A 313 10.64 -5.80 7.48
C VAL A 313 10.54 -7.04 8.36
N LYS A 314 9.80 -8.03 7.90
CA LYS A 314 9.64 -9.25 8.66
C LYS A 314 10.87 -10.18 8.57
N SER A 315 11.75 -9.92 7.62
CA SER A 315 12.88 -10.82 7.36
C SER A 315 13.69 -11.16 8.61
N GLU A 316 14.24 -12.37 8.63
CA GLU A 316 15.19 -12.76 9.67
C GLU A 316 16.55 -12.20 9.31
N SER A 317 16.83 -12.15 8.02
CA SER A 317 18.16 -11.76 7.54
C SER A 317 18.18 -11.32 6.09
N LEU A 318 19.04 -10.37 5.78
CA LEU A 318 19.14 -9.84 4.43
C LEU A 318 20.60 -9.65 4.05
N ARG A 319 21.32 -10.75 3.87
CA ARG A 319 22.75 -10.69 3.58
C ARG A 319 22.99 -10.74 2.07
N LEU A 320 23.67 -9.69 1.57
CA LEU A 320 24.03 -9.57 0.18
C LEU A 320 25.44 -10.14 -0.06
N ALA A 321 25.58 -11.00 -1.08
CA ALA A 321 26.93 -11.42 -1.52
C ALA A 321 27.64 -10.20 -2.14
N THR A 322 28.89 -9.99 -1.76
CA THR A 322 29.73 -9.01 -2.43
C THR A 322 30.91 -9.71 -3.08
N GLY A 323 31.45 -10.71 -2.38
CA GLY A 323 32.52 -11.55 -2.90
C GLY A 323 31.99 -12.70 -3.72
N LEU A 324 32.81 -13.73 -3.91
CA LEU A 324 32.40 -14.83 -4.76
C LEU A 324 32.22 -16.13 -4.00
N ARG A 325 31.72 -17.13 -4.71
CA ARG A 325 31.63 -18.48 -4.17
C ARG A 325 32.97 -18.93 -3.56
N ASN A 326 32.92 -19.39 -2.32
CA ASN A 326 34.14 -19.69 -1.58
C ASN A 326 34.46 -21.16 -1.64
N VAL A 327 35.50 -21.51 -2.38
CA VAL A 327 35.84 -22.91 -2.60
C VAL A 327 37.28 -23.16 -2.14
N PRO A 328 37.52 -23.08 -0.81
CA PRO A 328 38.89 -23.29 -0.32
C PRO A 328 39.32 -24.74 -0.52
N GLN A 329 40.61 -24.99 -0.57
CA GLN A 329 41.13 -26.33 -0.70
C GLN A 329 40.98 -27.16 0.57
N ILE A 330 40.67 -28.42 0.39
CA ILE A 330 40.57 -29.33 1.50
C ILE A 330 41.96 -29.60 2.03
N ALA A 331 42.19 -29.22 3.27
CA ALA A 331 43.53 -29.31 3.85
C ALA A 331 43.86 -30.65 4.43
N THR A 332 42.92 -31.29 5.07
CA THR A 332 43.16 -32.62 5.60
C THR A 332 44.24 -32.70 6.69
N GLY B 1 28.91 -23.08 -12.34
CA GLY B 1 28.59 -21.69 -12.06
C GLY B 1 28.09 -21.48 -13.46
N ILE B 2 27.45 -20.36 -13.77
CA ILE B 2 26.86 -20.06 -15.12
C ILE B 2 27.86 -19.81 -16.29
N PHE B 3 28.97 -19.12 -16.01
CA PHE B 3 29.99 -18.86 -17.00
C PHE B 3 30.95 -20.06 -17.01
N GLY B 4 30.74 -20.98 -16.06
CA GLY B 4 31.43 -22.28 -16.06
C GLY B 4 32.84 -22.28 -15.52
N ALA B 5 33.30 -21.14 -15.00
CA ALA B 5 34.65 -21.07 -14.50
C ALA B 5 34.70 -21.36 -13.02
N ILE B 6 34.05 -20.54 -12.19
CA ILE B 6 34.18 -20.68 -10.76
C ILE B 6 33.52 -21.98 -10.37
N ALA B 7 34.27 -22.80 -9.63
CA ALA B 7 33.83 -24.15 -9.31
C ALA B 7 33.34 -24.88 -10.55
N GLY B 8 34.02 -24.66 -11.69
CA GLY B 8 33.58 -25.17 -12.97
C GLY B 8 34.80 -25.81 -13.61
N PHE B 9 35.26 -25.31 -14.75
CA PHE B 9 36.50 -25.87 -15.28
C PHE B 9 37.68 -25.43 -14.41
N ILE B 10 37.50 -24.45 -13.53
CA ILE B 10 38.52 -24.17 -12.51
C ILE B 10 37.94 -24.58 -11.15
N GLU B 11 38.44 -25.69 -10.62
CA GLU B 11 37.74 -26.46 -9.61
C GLU B 11 37.62 -25.80 -8.24
N GLY B 12 38.66 -25.08 -7.86
CA GLY B 12 38.70 -24.53 -6.51
C GLY B 12 39.32 -23.16 -6.47
N GLY B 13 39.20 -22.49 -5.32
CA GLY B 13 39.80 -21.18 -5.13
C GLY B 13 41.21 -21.26 -4.55
N TRP B 14 41.84 -20.11 -4.38
CA TRP B 14 43.17 -20.07 -3.82
C TRP B 14 43.17 -19.26 -2.53
N THR B 15 43.35 -19.95 -1.42
CA THR B 15 43.58 -19.29 -0.14
C THR B 15 44.87 -18.51 -0.14
N GLY B 16 45.79 -18.87 -1.04
CA GLY B 16 47.10 -18.24 -1.13
C GLY B 16 47.08 -16.87 -1.77
N MET B 17 46.17 -16.67 -2.73
CA MET B 17 46.04 -15.38 -3.38
C MET B 17 45.22 -14.41 -2.51
N ILE B 18 45.90 -13.55 -1.76
CA ILE B 18 45.31 -12.77 -0.67
C ILE B 18 45.02 -11.31 -0.97
N ASP B 19 45.55 -10.80 -2.08
CA ASP B 19 45.39 -9.41 -2.46
C ASP B 19 44.35 -9.14 -3.55
N GLY B 20 43.64 -10.15 -4.00
CA GLY B 20 42.65 -9.93 -5.03
C GLY B 20 41.56 -10.99 -5.15
N TRP B 21 40.45 -10.60 -5.76
CA TRP B 21 39.42 -11.54 -6.17
C TRP B 21 39.84 -12.51 -7.28
N TYR B 22 40.56 -11.98 -8.26
CA TYR B 22 41.01 -12.78 -9.41
C TYR B 22 42.51 -12.62 -9.58
N GLY B 23 43.16 -13.70 -9.99
CA GLY B 23 44.61 -13.77 -9.95
C GLY B 23 45.26 -14.81 -10.81
N TYR B 24 46.59 -14.77 -10.84
CA TYR B 24 47.39 -15.80 -11.48
C TYR B 24 48.23 -16.57 -10.49
N HIS B 25 48.40 -17.85 -10.75
CA HIS B 25 49.43 -18.64 -10.10
C HIS B 25 50.48 -18.99 -11.14
N HIS B 26 51.74 -18.71 -10.84
CA HIS B 26 52.80 -18.99 -11.80
C HIS B 26 53.85 -19.88 -11.13
N GLU B 27 54.63 -20.56 -11.95
CA GLU B 27 55.77 -21.29 -11.42
C GLU B 27 56.94 -21.27 -12.37
N ASN B 28 58.06 -20.72 -11.98
CA ASN B 28 59.17 -20.81 -12.91
C ASN B 28 60.46 -21.12 -12.23
N SER B 29 61.45 -21.44 -13.02
CA SER B 29 62.73 -21.87 -12.49
C SER B 29 63.09 -20.84 -11.44
N GLN B 30 62.73 -19.59 -11.70
CA GLN B 30 62.93 -18.53 -10.72
C GLN B 30 62.10 -18.73 -9.47
N GLY B 31 60.84 -19.15 -9.60
CA GLY B 31 59.99 -19.33 -8.44
C GLY B 31 58.52 -19.61 -8.69
N SER B 32 57.75 -19.67 -7.61
CA SER B 32 56.30 -19.86 -7.67
C SER B 32 55.63 -18.83 -6.80
N GLY B 33 54.37 -18.51 -7.10
CA GLY B 33 53.65 -17.55 -6.30
C GLY B 33 52.25 -17.25 -6.81
N TYR B 34 51.58 -16.33 -6.12
CA TYR B 34 50.23 -15.91 -6.46
C TYR B 34 50.21 -14.40 -6.68
N ALA B 35 49.46 -13.93 -7.66
CA ALA B 35 49.35 -12.50 -7.84
C ALA B 35 47.98 -12.16 -8.37
N ALA B 36 47.30 -11.23 -7.71
CA ALA B 36 45.99 -10.81 -8.16
C ALA B 36 46.13 -9.98 -9.40
N ASP B 37 45.22 -10.15 -10.35
CA ASP B 37 45.10 -9.21 -11.46
C ASP B 37 44.37 -7.95 -10.97
N ARG B 38 45.11 -6.85 -10.81
CA ARG B 38 44.57 -5.66 -10.16
C ARG B 38 43.48 -4.97 -10.95
N GLU B 39 43.67 -4.83 -12.25
CA GLU B 39 42.67 -4.13 -13.05
C GLU B 39 41.29 -4.76 -12.92
N SER B 40 41.15 -6.07 -13.14
CA SER B 40 39.79 -6.65 -13.09
C SER B 40 39.23 -6.69 -11.67
N THR B 41 40.07 -6.92 -10.67
CA THR B 41 39.58 -6.93 -9.31
C THR B 41 39.03 -5.57 -8.91
N GLN B 42 39.77 -4.50 -9.25
CA GLN B 42 39.35 -3.14 -8.91
C GLN B 42 38.06 -2.76 -9.63
N LYS B 43 37.92 -3.16 -10.89
CA LYS B 43 36.68 -2.92 -11.62
C LYS B 43 35.49 -3.58 -10.93
N ALA B 44 35.68 -4.81 -10.47
CA ALA B 44 34.62 -5.56 -9.83
C ALA B 44 34.27 -4.96 -8.48
N ILE B 45 35.28 -4.52 -7.73
CA ILE B 45 35.03 -3.89 -6.43
C ILE B 45 34.20 -2.61 -6.57
N ASP B 46 34.52 -1.79 -7.58
CA ASP B 46 33.77 -0.57 -7.85
C ASP B 46 32.33 -0.91 -8.23
N GLY B 47 32.14 -1.96 -9.02
CA GLY B 47 30.81 -2.31 -9.50
C GLY B 47 29.96 -2.85 -8.37
N ILE B 48 30.47 -3.84 -7.64
CA ILE B 48 29.80 -4.38 -6.45
C ILE B 48 29.46 -3.26 -5.46
N THR B 49 30.38 -2.32 -5.26
CA THR B 49 30.17 -1.24 -4.31
C THR B 49 29.07 -0.26 -4.77
N ASN B 50 29.09 0.07 -6.06
CA ASN B 50 28.03 0.90 -6.61
C ASN B 50 26.66 0.23 -6.42
N LYS B 51 26.63 -1.09 -6.56
CA LYS B 51 25.41 -1.85 -6.50
C LYS B 51 24.86 -1.85 -5.09
N VAL B 52 25.75 -2.05 -4.12
CA VAL B 52 25.31 -2.02 -2.74
C VAL B 52 24.78 -0.62 -2.38
N ASN B 53 25.47 0.42 -2.85
CA ASN B 53 25.04 1.77 -2.57
C ASN B 53 23.76 2.12 -3.28
N SER B 54 23.54 1.60 -4.49
CA SER B 54 22.28 1.86 -5.18
C SER B 54 21.13 1.26 -4.40
N ILE B 55 21.32 0.03 -3.98
CA ILE B 55 20.30 -0.69 -3.24
C ILE B 55 20.00 0.02 -1.93
N ILE B 56 21.02 0.39 -1.18
CA ILE B 56 20.84 1.17 0.04
C ILE B 56 20.11 2.49 -0.27
N ASN B 57 20.55 3.17 -1.32
CA ASN B 57 19.91 4.41 -1.74
C ASN B 57 18.42 4.24 -2.00
N LYS B 58 18.05 3.25 -2.82
CA LYS B 58 16.67 3.12 -3.23
C LYS B 58 15.78 2.61 -2.11
N MET B 59 16.40 2.02 -1.10
CA MET B 59 15.63 1.46 0.01
C MET B 59 15.49 2.45 1.16
N ASN B 60 15.91 3.69 0.92
CA ASN B 60 16.07 4.64 2.00
C ASN B 60 14.84 5.50 2.31
N THR B 61 13.65 4.94 2.12
CA THR B 61 12.43 5.56 2.59
C THR B 61 11.82 4.60 3.55
N GLN B 62 10.89 5.04 4.36
CA GLN B 62 10.23 4.15 5.29
C GLN B 62 8.75 4.40 5.31
N PHE B 63 7.99 3.35 5.48
CA PHE B 63 6.58 3.51 5.68
C PHE B 63 6.43 3.91 7.12
N GLU B 64 5.44 4.72 7.39
CA GLU B 64 5.21 5.25 8.71
C GLU B 64 4.05 4.54 9.33
N ALA B 65 4.27 3.80 10.40
CA ALA B 65 3.17 3.24 11.16
C ALA B 65 2.89 4.10 12.38
N VAL B 66 1.71 3.98 12.94
CA VAL B 66 1.31 4.89 14.02
C VAL B 66 0.71 4.21 15.25
N ASP B 67 0.89 4.86 16.38
CA ASP B 67 0.33 4.45 17.65
C ASP B 67 -1.16 4.83 17.94
N HIS B 68 -1.92 5.24 16.93
CA HIS B 68 -3.29 5.77 17.16
C HIS B 68 -4.27 4.77 17.76
N GLU B 69 -5.14 5.26 18.65
CA GLU B 69 -6.14 4.41 19.31
C GLU B 69 -7.48 4.47 18.60
N PHE B 70 -8.26 3.42 18.76
CA PHE B 70 -9.58 3.34 18.15
C PHE B 70 -10.60 2.87 19.17
N SER B 71 -11.81 3.42 19.08
CA SER B 71 -12.85 3.10 20.04
C SER B 71 -13.67 1.96 19.49
N ASN B 72 -14.54 1.37 20.30
CA ASN B 72 -15.30 0.22 19.85
C ASN B 72 -16.55 0.58 19.05
N LEU B 73 -16.60 1.79 18.50
CA LEU B 73 -17.49 2.03 17.38
C LEU B 73 -16.61 2.27 16.15
N GLU B 74 -15.32 2.01 16.29
CA GLU B 74 -14.38 2.23 15.19
C GLU B 74 -13.63 0.95 14.75
N ARG B 75 -14.34 -0.18 14.75
CA ARG B 75 -13.78 -1.43 14.30
C ARG B 75 -13.41 -1.35 12.84
N ARG B 76 -14.26 -0.75 12.00
CA ARG B 76 -13.95 -0.72 10.57
C ARG B 76 -12.70 0.11 10.23
N ILE B 77 -12.59 1.35 10.72
CA ILE B 77 -11.39 2.10 10.38
C ILE B 77 -10.14 1.60 11.16
N GLY B 78 -10.30 1.07 12.38
CA GLY B 78 -9.18 0.40 13.05
C GLY B 78 -8.60 -0.76 12.25
N ASN B 79 -9.47 -1.57 11.65
CA ASN B 79 -9.03 -2.65 10.79
C ASN B 79 -8.46 -2.11 9.45
N LEU B 80 -8.98 -0.96 9.00
CA LEU B 80 -8.46 -0.37 7.77
C LEU B 80 -6.99 0.03 8.01
N ASN B 81 -6.70 0.59 9.18
CA ASN B 81 -5.33 0.97 9.52
C ASN B 81 -4.45 -0.27 9.55
N LYS B 82 -4.92 -1.28 10.27
CA LYS B 82 -4.21 -2.54 10.42
C LYS B 82 -3.91 -3.16 9.07
N ARG B 83 -4.91 -3.32 8.22
CA ARG B 83 -4.69 -3.89 6.90
C ARG B 83 -3.82 -2.99 6.02
N MET B 84 -3.86 -1.67 6.24
CA MET B 84 -3.02 -0.77 5.47
C MET B 84 -1.54 -1.00 5.82
N GLU B 85 -1.22 -1.00 7.11
CA GLU B 85 0.16 -1.07 7.56
C GLU B 85 0.78 -2.44 7.29
N ASP B 86 0.04 -3.51 7.58
CA ASP B 86 0.45 -4.85 7.21
C ASP B 86 0.70 -4.94 5.72
N GLY B 87 -0.17 -4.27 4.96
CA GLY B 87 -0.10 -4.26 3.52
C GLY B 87 1.23 -3.75 3.02
N PHE B 88 1.69 -2.62 3.57
CA PHE B 88 2.98 -2.09 3.15
C PHE B 88 4.16 -2.91 3.71
N LEU B 89 4.03 -3.41 4.92
CA LEU B 89 5.01 -4.30 5.50
C LEU B 89 5.20 -5.53 4.59
N ASP B 90 4.12 -6.07 4.05
CA ASP B 90 4.28 -7.23 3.20
C ASP B 90 4.93 -6.88 1.89
N VAL B 91 4.56 -5.76 1.29
CA VAL B 91 5.15 -5.34 0.04
C VAL B 91 6.66 -5.06 0.18
N TRP B 92 7.08 -4.48 1.31
CA TRP B 92 8.50 -4.17 1.46
C TRP B 92 9.36 -5.38 1.83
N THR B 93 8.85 -6.23 2.69
CA THR B 93 9.50 -7.51 2.95
C THR B 93 9.73 -8.28 1.65
N TYR B 94 8.71 -8.30 0.79
CA TYR B 94 8.78 -8.99 -0.47
C TYR B 94 9.88 -8.42 -1.34
N ASN B 95 9.93 -7.08 -1.41
CA ASN B 95 10.92 -6.44 -2.26
C ASN B 95 12.34 -6.68 -1.81
N ALA B 96 12.61 -6.45 -0.54
CA ALA B 96 13.96 -6.66 -0.01
C ALA B 96 14.39 -8.12 -0.20
N GLU B 97 13.51 -9.05 0.15
CA GLU B 97 13.87 -10.46 0.07
C GLU B 97 14.06 -10.93 -1.36
N LEU B 98 13.14 -10.59 -2.25
CA LEU B 98 13.29 -11.01 -3.63
C LEU B 98 14.53 -10.39 -4.26
N LEU B 99 14.77 -9.11 -3.96
CA LEU B 99 15.92 -8.38 -4.48
C LEU B 99 17.23 -9.04 -4.07
N VAL B 100 17.35 -9.39 -2.79
CA VAL B 100 18.58 -10.02 -2.32
C VAL B 100 18.80 -11.38 -3.00
N LEU B 101 17.75 -12.18 -3.19
CA LEU B 101 17.92 -13.42 -3.92
C LEU B 101 18.37 -13.20 -5.37
N LEU B 102 17.75 -12.25 -6.07
CA LEU B 102 18.12 -11.96 -7.45
C LEU B 102 19.53 -11.36 -7.57
N GLU B 103 19.80 -10.31 -6.81
CA GLU B 103 21.13 -9.70 -6.87
C GLU B 103 22.21 -10.70 -6.45
N ASN B 104 21.93 -11.59 -5.52
CA ASN B 104 22.92 -12.57 -5.13
C ASN B 104 23.26 -13.53 -6.27
N GLU B 105 22.26 -13.94 -7.06
CA GLU B 105 22.52 -14.78 -8.21
C GLU B 105 23.38 -14.05 -9.27
N ARG B 106 23.11 -12.78 -9.46
CA ARG B 106 23.77 -12.03 -10.51
C ARG B 106 25.18 -11.62 -10.12
N THR B 107 25.38 -11.31 -8.84
CA THR B 107 26.69 -10.92 -8.38
C THR B 107 27.66 -12.10 -8.48
N LEU B 108 27.18 -13.33 -8.25
CA LEU B 108 28.03 -14.50 -8.40
C LEU B 108 28.35 -14.76 -9.86
N ASP B 109 27.38 -14.53 -10.74
CA ASP B 109 27.60 -14.65 -12.18
C ASP B 109 28.67 -13.66 -12.65
N LEU B 110 28.65 -12.47 -12.06
CA LEU B 110 29.62 -11.43 -12.43
C LEU B 110 31.06 -11.89 -12.13
N HIS B 111 31.30 -12.40 -10.93
CA HIS B 111 32.59 -12.92 -10.56
C HIS B 111 33.00 -14.06 -11.47
N ASP B 112 32.04 -14.91 -11.80
CA ASP B 112 32.28 -16.06 -12.66
C ASP B 112 32.65 -15.64 -14.08
N ALA B 113 32.11 -14.51 -14.53
CA ALA B 113 32.44 -13.98 -15.85
C ALA B 113 33.84 -13.37 -15.88
N ASN B 114 34.26 -12.72 -14.80
CA ASN B 114 35.56 -12.10 -14.77
C ASN B 114 36.67 -13.13 -14.79
N VAL B 115 36.52 -14.18 -13.98
CA VAL B 115 37.44 -15.30 -14.02
C VAL B 115 37.58 -15.87 -15.43
N LYS B 116 36.45 -16.20 -16.05
CA LYS B 116 36.41 -16.70 -17.41
C LYS B 116 37.06 -15.76 -18.43
N ASN B 117 36.84 -14.44 -18.25
CA ASN B 117 37.39 -13.43 -19.15
C ASN B 117 38.91 -13.32 -19.02
N LEU B 118 39.36 -13.48 -17.77
CA LEU B 118 40.75 -13.45 -17.45
C LEU B 118 41.44 -14.67 -18.10
N TYR B 119 40.78 -15.82 -18.04
CA TYR B 119 41.31 -17.02 -18.66
C TYR B 119 41.29 -16.95 -20.18
N GLU B 120 40.27 -16.34 -20.77
CA GLU B 120 40.20 -16.28 -22.22
C GLU B 120 41.23 -15.31 -22.77
N LYS B 121 41.51 -14.28 -21.98
CA LYS B 121 42.50 -13.30 -22.39
C LYS B 121 43.89 -13.96 -22.51
N VAL B 122 44.27 -14.71 -21.48
CA VAL B 122 45.57 -15.35 -21.43
C VAL B 122 45.67 -16.42 -22.51
N LYS B 123 44.64 -17.25 -22.61
CA LYS B 123 44.61 -18.30 -23.61
C LYS B 123 44.86 -17.78 -25.02
N SER B 124 44.27 -16.64 -25.35
CA SER B 124 44.34 -16.12 -26.71
C SER B 124 45.67 -15.41 -27.01
N GLN B 125 46.38 -14.93 -25.99
CA GLN B 125 47.75 -14.48 -26.16
C GLN B 125 48.75 -15.61 -26.47
N LEU B 126 48.64 -16.68 -25.68
CA LEU B 126 49.56 -17.82 -25.72
C LEU B 126 49.46 -18.63 -27.01
N ARG B 127 48.24 -18.81 -27.51
CA ARG B 127 48.03 -19.58 -28.73
C ARG B 127 48.62 -20.96 -28.54
N ASP B 128 49.45 -21.42 -29.48
CA ASP B 128 50.02 -22.77 -29.39
C ASP B 128 51.41 -22.82 -28.71
N ASN B 129 51.89 -21.68 -28.24
CA ASN B 129 53.15 -21.63 -27.46
C ASN B 129 52.99 -22.35 -26.11
N ALA B 130 51.76 -22.61 -25.71
CA ALA B 130 51.52 -23.25 -24.42
C ALA B 130 50.50 -24.36 -24.52
N ASN B 131 50.56 -25.29 -23.59
CA ASN B 131 49.69 -26.44 -23.59
C ASN B 131 48.71 -26.34 -22.45
N ASP B 132 47.43 -26.53 -22.74
CA ASP B 132 46.42 -26.46 -21.71
C ASP B 132 46.50 -27.72 -20.85
N LEU B 133 46.66 -27.52 -19.55
CA LEU B 133 46.77 -28.64 -18.62
C LEU B 133 45.44 -29.04 -18.02
N GLY B 134 44.42 -28.20 -18.17
CA GLY B 134 43.11 -28.52 -17.65
C GLY B 134 42.43 -27.47 -16.78
N ASN B 135 42.89 -27.37 -15.54
CA ASN B 135 42.21 -26.58 -14.52
C ASN B 135 42.60 -25.11 -14.61
N GLY B 136 42.40 -24.52 -15.78
CA GLY B 136 42.81 -23.16 -16.04
C GLY B 136 44.31 -22.95 -16.00
N CYS B 137 45.05 -24.02 -16.27
CA CYS B 137 46.51 -24.00 -16.17
C CYS B 137 47.16 -24.21 -17.53
N PHE B 138 48.16 -23.40 -17.83
CA PHE B 138 48.89 -23.52 -19.09
C PHE B 138 50.35 -23.88 -18.84
N GLU B 139 50.86 -24.85 -19.59
CA GLU B 139 52.27 -25.17 -19.53
C GLU B 139 52.95 -24.66 -20.80
N PHE B 140 53.96 -23.81 -20.62
CA PHE B 140 54.65 -23.20 -21.74
C PHE B 140 55.49 -24.24 -22.49
N TRP B 141 55.57 -24.09 -23.81
CA TRP B 141 56.41 -24.92 -24.63
C TRP B 141 57.80 -24.28 -24.74
N HIS B 142 58.05 -23.25 -23.95
CA HIS B 142 59.34 -22.57 -23.92
C HIS B 142 59.65 -22.11 -22.49
N LYS B 143 60.89 -21.70 -22.25
CA LYS B 143 61.24 -21.10 -20.98
C LYS B 143 60.47 -19.79 -20.85
N CYS B 144 59.87 -19.58 -19.69
CA CYS B 144 59.19 -18.33 -19.44
C CYS B 144 59.69 -17.79 -18.12
N ASP B 145 60.63 -16.85 -18.14
CA ASP B 145 61.07 -16.25 -16.89
C ASP B 145 60.04 -15.24 -16.38
N ASN B 146 60.36 -14.62 -15.25
CA ASN B 146 59.54 -13.59 -14.64
C ASN B 146 59.10 -12.45 -15.59
N GLU B 147 60.02 -11.93 -16.42
CA GLU B 147 59.64 -10.86 -17.35
C GLU B 147 58.53 -11.33 -18.30
N CYS B 148 58.68 -12.56 -18.75
CA CYS B 148 57.70 -13.19 -19.65
C CYS B 148 56.39 -13.50 -18.92
N MET B 149 56.49 -13.87 -17.65
CA MET B 149 55.32 -14.06 -16.82
C MET B 149 54.54 -12.76 -16.71
N GLU B 150 55.24 -11.71 -16.27
CA GLU B 150 54.65 -10.37 -16.14
C GLU B 150 54.03 -9.92 -17.44
N SER B 151 54.74 -10.26 -18.50
CA SER B 151 54.32 -10.00 -19.85
C SER B 151 52.91 -10.52 -20.13
N VAL B 152 52.60 -11.73 -19.66
CA VAL B 152 51.31 -12.37 -19.88
C VAL B 152 50.25 -11.65 -19.05
N LYS B 153 50.56 -11.44 -17.78
CA LYS B 153 49.69 -10.75 -16.85
C LYS B 153 49.37 -9.31 -17.29
N ASN B 154 50.29 -8.67 -18.01
CA ASN B 154 50.13 -7.26 -18.46
C ASN B 154 49.41 -7.15 -19.79
N GLY B 155 49.34 -8.23 -20.55
CA GLY B 155 48.68 -8.22 -21.84
C GLY B 155 49.59 -7.91 -23.01
N THR B 156 50.91 -8.09 -22.80
CA THR B 156 51.94 -7.75 -23.80
C THR B 156 52.88 -8.93 -24.13
N TYR B 157 52.34 -10.14 -24.12
CA TYR B 157 53.12 -11.33 -24.40
C TYR B 157 53.47 -11.40 -25.88
N ASP B 158 54.72 -11.79 -26.12
CA ASP B 158 55.34 -11.77 -27.46
C ASP B 158 55.34 -13.17 -28.04
N TYR B 159 54.21 -13.56 -28.62
CA TYR B 159 54.09 -14.86 -29.26
C TYR B 159 55.17 -15.13 -30.35
N PRO B 160 55.48 -14.14 -31.22
CA PRO B 160 56.55 -14.37 -32.24
C PRO B 160 57.91 -14.68 -31.61
N LYS B 161 58.27 -13.89 -30.59
CA LYS B 161 59.54 -14.05 -29.91
C LYS B 161 59.89 -15.49 -29.53
N TYR B 162 58.89 -16.30 -29.16
CA TYR B 162 59.12 -17.67 -28.65
C TYR B 162 58.57 -18.77 -29.56
N GLN B 163 58.06 -18.41 -30.72
CA GLN B 163 57.35 -19.38 -31.54
C GLN B 163 58.25 -20.46 -32.16
N LYS B 164 59.54 -20.16 -32.39
CA LYS B 164 60.47 -21.18 -32.90
C LYS B 164 60.78 -22.21 -31.79
N GLU B 165 61.23 -21.71 -30.65
CA GLU B 165 61.49 -22.54 -29.47
C GLU B 165 60.33 -23.47 -29.08
N SER B 166 59.12 -22.91 -29.07
CA SER B 166 57.91 -23.68 -28.72
C SER B 166 57.64 -24.78 -29.74
N LYS B 167 57.77 -24.47 -31.02
CA LYS B 167 57.51 -25.43 -32.10
C LYS B 167 58.51 -26.60 -32.05
N LEU B 168 59.78 -26.29 -31.80
CA LEU B 168 60.79 -27.33 -31.78
C LEU B 168 60.58 -28.26 -30.59
N ASN B 169 60.23 -27.69 -29.44
CA ASN B 169 59.95 -28.50 -28.27
C ASN B 169 58.73 -29.37 -28.46
N ARG B 170 57.73 -28.81 -29.12
CA ARG B 170 56.48 -29.53 -29.36
C ARG B 170 56.74 -30.78 -30.20
N GLN B 171 57.53 -30.64 -31.25
CA GLN B 171 57.89 -31.77 -32.12
C GLN B 171 58.61 -32.86 -31.32
N GLY B 172 59.62 -32.48 -30.55
CA GLY B 172 60.36 -33.40 -29.68
C GLY B 172 59.48 -34.33 -28.84
N ILE B 173 58.50 -33.77 -28.15
CA ILE B 173 57.59 -34.60 -27.36
C ILE B 173 56.55 -35.25 -28.29
N GLY C 4 48.40 -8.28 -44.81
CA GLY C 4 47.30 -9.08 -45.34
C GLY C 4 45.94 -8.45 -45.10
N ASP C 5 44.91 -9.06 -45.65
CA ASP C 5 43.53 -8.63 -45.49
C ASP C 5 43.07 -8.74 -44.02
N LYS C 6 42.34 -7.72 -43.53
CA LYS C 6 41.73 -7.75 -42.18
C LYS C 6 40.23 -8.03 -42.32
N ILE C 7 39.69 -8.85 -41.43
CA ILE C 7 38.28 -8.72 -41.06
C ILE C 7 38.23 -8.51 -39.55
N CYS C 8 37.38 -7.56 -39.15
CA CYS C 8 37.26 -7.17 -37.75
C CYS C 8 35.80 -7.17 -37.33
N ILE C 9 35.55 -7.45 -36.05
CA ILE C 9 34.19 -7.39 -35.50
C ILE C 9 34.12 -6.17 -34.59
N GLY C 10 33.01 -5.46 -34.63
CA GLY C 10 32.89 -4.28 -33.81
C GLY C 10 31.48 -3.82 -33.63
N TYR C 11 31.36 -2.61 -33.12
CA TYR C 11 30.07 -2.11 -32.68
C TYR C 11 30.00 -0.62 -32.88
N HIS C 12 28.77 -0.14 -32.93
CA HIS C 12 28.40 1.23 -33.23
C HIS C 12 28.82 2.26 -32.18
N ALA C 13 29.20 3.44 -32.66
CA ALA C 13 29.50 4.59 -31.83
C ALA C 13 28.93 5.85 -32.45
N ASN C 14 28.72 6.88 -31.64
CA ASN C 14 28.19 8.15 -32.14
C ASN C 14 28.50 9.33 -31.22
N ASN C 15 27.97 10.50 -31.54
CA ASN C 15 28.33 11.74 -30.87
C ASN C 15 27.56 12.04 -29.60
N SER C 16 26.71 11.10 -29.20
CA SER C 16 25.84 11.28 -28.04
C SER C 16 26.59 11.47 -26.73
N THR C 17 26.05 12.33 -25.89
CA THR C 17 26.58 12.66 -24.58
C THR C 17 25.52 12.36 -23.52
N THR C 18 24.40 11.79 -23.94
CA THR C 18 23.35 11.37 -23.02
C THR C 18 23.74 10.14 -22.17
N GLN C 19 23.63 10.29 -20.86
CA GLN C 19 23.99 9.22 -19.94
C GLN C 19 22.79 8.56 -19.22
N VAL C 20 22.99 7.30 -18.85
CA VAL C 20 22.03 6.56 -18.03
C VAL C 20 22.77 6.10 -16.79
N ASP C 21 22.03 5.68 -15.77
CA ASP C 21 22.62 5.03 -14.61
C ASP C 21 22.38 3.51 -14.66
N THR C 22 23.17 2.79 -13.87
CA THR C 22 23.19 1.34 -13.90
C THR C 22 23.40 0.90 -12.45
N LEU C 23 22.90 -0.28 -12.09
CA LEU C 23 23.23 -0.85 -10.78
C LEU C 23 24.75 -0.86 -10.52
N LEU C 24 25.54 -1.22 -11.55
CA LEU C 24 27.00 -1.28 -11.43
C LEU C 24 27.70 0.05 -11.69
N GLU C 25 27.14 0.89 -12.55
CA GLU C 25 27.90 2.06 -13.01
C GLU C 25 27.06 3.33 -13.14
N LYS C 26 27.60 4.47 -12.73
CA LYS C 26 26.73 5.64 -12.64
C LYS C 26 26.66 6.44 -13.94
N ASN C 27 27.72 7.04 -14.43
CA ASN C 27 27.45 8.01 -15.49
C ASN C 27 27.83 7.51 -16.86
N VAL C 28 27.00 6.61 -17.40
CA VAL C 28 27.37 5.83 -18.57
C VAL C 28 26.77 6.37 -19.86
N THR C 29 27.63 6.88 -20.74
CA THR C 29 27.21 7.39 -22.04
C THR C 29 26.83 6.25 -22.99
N VAL C 30 25.63 6.38 -23.57
CA VAL C 30 25.09 5.36 -24.46
C VAL C 30 24.61 5.92 -25.80
N THR C 31 24.49 5.07 -26.80
CA THR C 31 24.28 5.54 -28.18
C THR C 31 22.83 5.92 -28.43
N HIS C 32 21.93 5.33 -27.65
CA HIS C 32 20.49 5.49 -27.82
C HIS C 32 19.79 5.33 -26.47
N SER C 33 18.71 6.08 -26.25
CA SER C 33 18.02 6.02 -24.98
C SER C 33 16.67 6.74 -25.03
N VAL C 34 15.80 6.36 -24.11
CA VAL C 34 14.45 6.92 -23.97
C VAL C 34 14.20 7.38 -22.55
N GLU C 35 13.94 8.68 -22.40
CA GLU C 35 13.44 9.25 -21.16
C GLU C 35 12.00 8.88 -21.03
N LEU C 36 11.62 8.36 -19.87
CA LEU C 36 10.24 7.90 -19.64
C LEU C 36 9.45 8.86 -18.77
N LEU C 37 10.14 9.84 -18.19
CA LEU C 37 9.50 10.77 -17.25
C LEU C 37 9.30 12.14 -17.84
N GLU C 38 8.18 12.74 -17.45
CA GLU C 38 7.82 14.08 -17.85
C GLU C 38 7.86 15.03 -16.67
N ASN C 39 8.64 16.10 -16.79
CA ASN C 39 8.72 17.12 -15.76
C ASN C 39 8.12 18.50 -16.13
N GLN C 40 7.41 18.58 -17.25
CA GLN C 40 6.95 19.86 -17.79
C GLN C 40 5.43 20.01 -17.75
N LYS C 41 4.75 21.10 -17.63
CA LYS C 41 3.43 21.57 -17.26
C LYS C 41 3.09 22.95 -17.81
N GLU C 42 2.01 23.03 -18.36
CA GLU C 42 1.45 24.33 -18.67
C GLU C 42 0.76 24.79 -17.40
N LYS C 43 1.08 25.98 -16.93
CA LYS C 43 0.51 26.44 -15.66
C LYS C 43 -0.87 27.06 -15.84
N ARG C 44 -1.84 26.24 -16.23
CA ARG C 44 -3.20 26.73 -16.44
C ARG C 44 -4.22 25.60 -16.37
N PHE C 45 -5.49 25.96 -16.22
CA PHE C 45 -6.58 24.97 -16.29
C PHE C 45 -7.19 24.95 -17.71
N CYS C 46 -7.62 23.79 -18.18
CA CYS C 46 -8.23 23.64 -19.51
C CYS C 46 -9.50 22.79 -19.45
N LYS C 47 -10.18 22.64 -20.57
CA LYS C 47 -11.36 21.77 -20.65
C LYS C 47 -10.91 20.31 -20.70
N ILE C 48 -11.61 19.46 -19.99
CA ILE C 48 -11.41 18.03 -20.09
C ILE C 48 -12.65 17.40 -20.70
N MET C 49 -12.46 16.50 -21.66
CA MET C 49 -13.57 15.94 -22.42
C MET C 49 -14.41 17.06 -23.06
N ASN C 50 -13.72 18.11 -23.54
CA ASN C 50 -14.39 19.31 -24.09
C ASN C 50 -15.46 19.92 -23.19
N LYS C 51 -15.19 19.95 -21.88
CA LYS C 51 -16.13 20.44 -20.89
C LYS C 51 -15.37 21.38 -19.95
N ALA C 52 -15.82 22.64 -19.87
CA ALA C 52 -15.09 23.63 -19.08
C ALA C 52 -15.23 23.34 -17.59
N PRO C 53 -14.26 23.79 -16.79
CA PRO C 53 -14.35 23.65 -15.34
C PRO C 53 -15.22 24.76 -14.77
N LEU C 54 -15.66 24.61 -13.52
CA LEU C 54 -16.48 25.64 -12.91
C LEU C 54 -15.61 26.49 -11.99
N ASP C 55 -15.57 27.80 -12.26
CA ASP C 55 -14.75 28.73 -11.50
C ASP C 55 -15.67 29.37 -10.44
N LEU C 56 -15.35 29.13 -9.18
CA LEU C 56 -16.12 29.66 -8.07
C LEU C 56 -15.71 31.10 -7.74
N LYS C 57 -14.59 31.55 -8.33
CA LYS C 57 -14.18 32.96 -8.22
C LYS C 57 -13.99 33.37 -6.77
N ASP C 58 -14.75 34.38 -6.36
CA ASP C 58 -14.65 34.94 -5.01
C ASP C 58 -15.47 34.12 -4.03
N CYS C 59 -16.13 33.07 -4.52
CA CYS C 59 -17.01 32.29 -3.67
C CYS C 59 -16.38 30.94 -3.27
N THR C 60 -16.71 30.44 -2.08
CA THR C 60 -16.32 29.10 -1.67
C THR C 60 -17.45 28.14 -2.01
N ILE C 61 -17.19 26.84 -1.89
CA ILE C 61 -18.23 25.83 -2.12
C ILE C 61 -19.49 26.07 -1.28
N GLU C 62 -19.31 26.46 -0.02
CA GLU C 62 -20.44 26.80 0.87
C GLU C 62 -21.26 27.98 0.33
N GLY C 63 -20.55 29.05 -0.07
CA GLY C 63 -21.20 30.24 -0.58
C GLY C 63 -21.98 29.96 -1.84
N TRP C 64 -21.37 29.24 -2.77
CA TRP C 64 -22.06 28.80 -3.97
C TRP C 64 -23.35 28.06 -3.63
N ILE C 65 -23.23 26.97 -2.86
CA ILE C 65 -24.31 26.01 -2.83
C ILE C 65 -25.40 26.37 -1.79
N LEU C 66 -25.06 27.16 -0.78
CA LEU C 66 -26.08 27.69 0.11
C LEU C 66 -26.77 28.91 -0.52
N GLY C 67 -26.09 29.58 -1.44
CA GLY C 67 -26.67 30.72 -2.14
C GLY C 67 -26.41 32.04 -1.43
N ASN C 68 -25.13 32.31 -1.14
CA ASN C 68 -24.77 33.60 -0.58
C ASN C 68 -25.17 34.64 -1.62
N PRO C 69 -25.72 35.79 -1.17
CA PRO C 69 -26.20 36.81 -2.12
C PRO C 69 -25.07 37.37 -2.97
N LYS C 70 -23.87 37.47 -2.40
CA LYS C 70 -22.71 37.91 -3.18
C LYS C 70 -22.24 36.85 -4.21
N CYS C 71 -22.87 35.70 -4.20
CA CYS C 71 -22.52 34.62 -5.10
C CYS C 71 -23.58 34.45 -6.17
N ASP C 72 -24.29 35.52 -6.48
CA ASP C 72 -25.42 35.46 -7.40
C ASP C 72 -25.05 35.04 -8.81
N LEU C 73 -23.84 35.37 -9.23
CA LEU C 73 -23.41 35.09 -10.59
C LEU C 73 -23.41 33.59 -10.90
N LEU C 74 -23.23 32.77 -9.87
CA LEU C 74 -23.20 31.33 -10.02
C LEU C 74 -24.55 30.63 -9.82
N LEU C 75 -25.61 31.40 -9.64
CA LEU C 75 -26.94 30.86 -9.42
C LEU C 75 -27.49 30.07 -10.61
N GLY C 76 -28.23 28.99 -10.32
CA GLY C 76 -28.83 28.13 -11.32
C GLY C 76 -28.09 26.86 -11.69
N ASP C 77 -28.41 26.30 -12.85
CA ASP C 77 -27.82 25.06 -13.34
C ASP C 77 -26.33 25.19 -13.66
N GLN C 78 -25.57 24.10 -13.51
CA GLN C 78 -24.13 24.19 -13.72
C GLN C 78 -23.68 22.83 -14.26
N SER C 79 -22.78 22.82 -15.24
CA SER C 79 -22.18 21.58 -15.76
C SER C 79 -20.69 21.71 -15.71
N TRP C 80 -20.02 20.85 -14.97
CA TRP C 80 -18.58 20.97 -14.89
C TRP C 80 -17.86 19.64 -15.09
N SER C 81 -16.58 19.78 -15.46
CA SER C 81 -15.69 18.64 -15.63
C SER C 81 -14.84 18.50 -14.39
N TYR C 82 -14.73 19.62 -13.67
CA TYR C 82 -14.09 19.68 -12.36
C TYR C 82 -14.33 21.06 -11.79
N ILE C 83 -14.00 21.25 -10.52
CA ILE C 83 -14.33 22.48 -9.83
C ILE C 83 -13.04 23.17 -9.40
N VAL C 84 -13.00 24.50 -9.54
CA VAL C 84 -11.85 25.26 -9.12
C VAL C 84 -12.25 26.23 -8.02
N GLU C 85 -11.80 25.98 -6.79
CA GLU C 85 -12.07 26.90 -5.69
C GLU C 85 -10.84 27.76 -5.48
N ARG C 86 -11.02 29.08 -5.51
CA ARG C 86 -9.89 29.96 -5.31
C ARG C 86 -9.62 30.06 -3.81
N PRO C 87 -8.35 30.02 -3.45
CA PRO C 87 -7.90 29.93 -2.06
C PRO C 87 -8.30 31.12 -1.22
N ASN C 88 -8.26 32.31 -1.81
CA ASN C 88 -8.52 33.53 -1.06
C ASN C 88 -9.97 33.97 -1.03
N ALA C 89 -10.86 33.15 -1.59
CA ALA C 89 -12.26 33.52 -1.74
C ALA C 89 -12.91 33.85 -0.41
N GLN C 90 -13.64 34.95 -0.37
CA GLN C 90 -14.21 35.45 0.88
C GLN C 90 -15.71 35.25 1.07
N ASN C 91 -16.42 34.78 0.05
CA ASN C 91 -17.86 34.61 0.21
C ASN C 91 -18.22 33.18 0.53
N GLY C 92 -18.48 32.93 1.80
CA GLY C 92 -18.81 31.62 2.28
C GLY C 92 -20.08 31.65 3.10
N ILE C 93 -19.98 31.24 4.35
CA ILE C 93 -21.13 31.31 5.23
C ILE C 93 -21.13 32.67 5.86
N CYS C 94 -22.14 33.46 5.53
CA CYS C 94 -22.17 34.85 5.94
C CYS C 94 -22.80 35.00 7.34
N TYR C 95 -23.90 34.32 7.59
CA TYR C 95 -24.47 34.28 8.95
C TYR C 95 -23.80 33.17 9.74
N PRO C 96 -23.00 33.55 10.76
CA PRO C 96 -22.12 32.63 11.49
C PRO C 96 -22.81 31.36 12.00
N GLY C 97 -22.14 30.24 11.80
CA GLY C 97 -22.59 28.95 12.29
C GLY C 97 -21.88 27.78 11.65
N VAL C 98 -22.26 26.57 12.05
CA VAL C 98 -21.61 25.37 11.55
C VAL C 98 -22.42 24.77 10.42
N LEU C 99 -21.76 24.46 9.31
CA LEU C 99 -22.38 23.63 8.28
C LEU C 99 -22.04 22.18 8.64
N ASN C 100 -23.03 21.38 9.00
CA ASN C 100 -22.70 20.06 9.51
C ASN C 100 -22.35 19.02 8.44
N GLU C 101 -21.44 18.12 8.80
CA GLU C 101 -20.90 17.14 7.86
C GLU C 101 -20.41 17.82 6.59
N LEU C 102 -19.66 18.89 6.78
CA LEU C 102 -19.14 19.74 5.71
C LEU C 102 -18.19 19.02 4.75
N GLU C 103 -17.27 18.23 5.30
CA GLU C 103 -16.27 17.52 4.48
C GLU C 103 -16.98 16.48 3.58
N GLU C 104 -17.98 15.83 4.16
CA GLU C 104 -18.79 14.87 3.44
C GLU C 104 -19.61 15.54 2.32
N LEU C 105 -20.04 16.78 2.56
CA LEU C 105 -20.74 17.57 1.53
C LEU C 105 -19.79 17.91 0.39
N LYS C 106 -18.61 18.44 0.74
CA LYS C 106 -17.60 18.81 -0.25
C LYS C 106 -17.25 17.55 -1.11
N ALA C 107 -17.22 16.35 -0.52
CA ALA C 107 -16.92 15.14 -1.32
C ALA C 107 -18.09 14.72 -2.21
N PHE C 108 -19.32 14.79 -1.69
CA PHE C 108 -20.52 14.54 -2.51
C PHE C 108 -20.63 15.50 -3.72
N ILE C 109 -20.40 16.79 -3.48
CA ILE C 109 -20.46 17.77 -4.57
C ILE C 109 -19.38 17.50 -5.62
N GLY C 110 -18.15 17.21 -5.18
CA GLY C 110 -17.07 16.84 -6.08
C GLY C 110 -17.36 15.63 -6.99
N SER C 111 -18.21 14.73 -6.54
CA SER C 111 -18.49 13.53 -7.31
C SER C 111 -19.59 13.80 -8.34
N GLY C 112 -20.01 15.05 -8.47
CA GLY C 112 -21.06 15.38 -9.41
C GLY C 112 -20.52 15.98 -10.68
N GLU C 113 -21.38 16.19 -11.68
CA GLU C 113 -20.97 16.88 -12.89
C GLU C 113 -22.00 17.94 -13.27
N ARG C 114 -23.13 17.93 -12.60
CA ARG C 114 -24.22 18.82 -12.93
C ARG C 114 -25.25 18.95 -11.80
N VAL C 115 -25.78 20.17 -11.65
CA VAL C 115 -26.90 20.44 -10.75
C VAL C 115 -27.91 21.31 -11.43
N GLU C 116 -29.19 21.05 -11.20
CA GLU C 116 -30.26 21.94 -11.63
C GLU C 116 -30.95 22.51 -10.41
N ARG C 117 -30.98 23.83 -10.32
CA ARG C 117 -31.61 24.55 -9.22
C ARG C 117 -33.09 24.73 -9.48
N PHE C 118 -33.91 24.49 -8.46
CA PHE C 118 -35.36 24.49 -8.60
C PHE C 118 -36.01 24.73 -7.24
N GLU C 119 -37.13 25.44 -7.23
CA GLU C 119 -37.87 25.69 -5.98
C GLU C 119 -38.47 24.41 -5.41
N MET C 120 -38.03 24.02 -4.21
CA MET C 120 -38.51 22.81 -3.57
C MET C 120 -39.72 23.15 -2.68
N PHE C 121 -39.57 24.19 -1.87
CA PHE C 121 -40.64 24.65 -0.99
C PHE C 121 -40.99 26.11 -1.21
N PRO C 122 -42.01 26.35 -2.04
CA PRO C 122 -42.58 27.69 -2.20
C PRO C 122 -42.89 28.31 -0.84
N LYS C 123 -42.69 29.62 -0.67
CA LYS C 123 -42.91 30.27 0.63
C LYS C 123 -44.32 30.11 1.21
N SER C 124 -45.29 29.85 0.34
CA SER C 124 -46.66 29.68 0.75
C SER C 124 -46.90 28.32 1.40
N THR C 125 -45.85 27.52 1.45
CA THR C 125 -45.90 26.19 2.04
C THR C 125 -46.15 26.29 3.53
N TRP C 126 -45.63 27.34 4.13
CA TRP C 126 -45.70 27.50 5.57
C TRP C 126 -46.79 28.50 5.83
N ALA C 127 -47.89 28.02 6.40
CA ALA C 127 -49.05 28.83 6.60
C ALA C 127 -49.06 29.48 7.98
N GLY C 128 -49.30 30.78 8.02
CA GLY C 128 -49.52 31.47 9.28
C GLY C 128 -48.27 32.13 9.79
N VAL C 129 -47.25 32.17 8.95
CA VAL C 129 -45.98 32.74 9.36
C VAL C 129 -45.50 33.73 8.34
N ASP C 130 -44.59 34.60 8.74
CA ASP C 130 -44.07 35.60 7.81
C ASP C 130 -42.83 35.09 7.09
N THR C 131 -42.92 34.97 5.77
CA THR C 131 -41.79 34.49 4.96
C THR C 131 -40.96 35.57 4.29
N SER C 132 -41.36 36.83 4.44
CA SER C 132 -40.66 37.91 3.77
C SER C 132 -39.80 38.82 4.66
N ARG C 133 -39.76 38.57 5.96
CA ARG C 133 -39.03 39.49 6.82
C ARG C 133 -37.57 39.05 6.86
N GLY C 134 -37.23 37.96 6.17
CA GLY C 134 -35.83 37.68 5.92
C GLY C 134 -35.13 37.65 7.23
N VAL C 135 -34.10 38.50 7.38
CA VAL C 135 -33.18 38.98 6.35
C VAL C 135 -32.14 39.56 7.32
N THR C 136 -30.89 39.69 6.95
CA THR C 136 -29.88 40.14 7.93
C THR C 136 -28.73 40.95 7.37
N ASN C 137 -28.12 41.80 8.19
CA ASN C 137 -26.97 42.58 7.74
C ASN C 137 -25.67 41.77 7.73
N ALA C 138 -25.72 40.54 8.21
CA ALA C 138 -24.57 39.65 8.09
C ALA C 138 -24.49 39.10 6.66
N CYS C 139 -25.57 39.25 5.89
CA CYS C 139 -25.61 38.71 4.53
C CYS C 139 -25.97 39.74 3.46
N PRO C 140 -25.17 40.82 3.34
CA PRO C 140 -25.44 41.79 2.28
C PRO C 140 -25.31 41.18 0.93
N SER C 141 -26.07 41.64 -0.06
CA SER C 141 -25.66 41.36 -1.43
C SER C 141 -24.76 42.53 -1.80
N TYR C 142 -24.42 42.66 -3.08
CA TYR C 142 -23.69 43.81 -3.56
C TYR C 142 -24.55 45.09 -3.53
N THR C 143 -25.84 44.94 -3.85
CA THR C 143 -26.78 46.06 -3.87
C THR C 143 -27.63 46.25 -2.61
N ILE C 144 -27.71 45.24 -1.75
CA ILE C 144 -28.53 45.35 -0.54
C ILE C 144 -27.72 45.01 0.72
N ASP C 145 -27.83 45.89 1.72
CA ASP C 145 -27.16 45.73 3.03
C ASP C 145 -27.67 44.53 3.83
N SER C 146 -28.95 44.19 3.67
CA SER C 146 -29.56 43.10 4.46
C SER C 146 -30.30 42.13 3.54
N SER C 147 -29.66 41.00 3.23
CA SER C 147 -30.27 39.97 2.38
C SER C 147 -30.17 38.62 3.08
N PHE C 148 -30.31 37.53 2.32
CA PHE C 148 -30.17 36.20 2.90
C PHE C 148 -29.80 35.17 1.85
N TYR C 149 -29.51 33.95 2.27
CA TYR C 149 -29.24 32.87 1.31
C TYR C 149 -30.41 32.64 0.38
N ARG C 150 -30.13 32.58 -0.91
CA ARG C 150 -31.18 32.44 -1.91
C ARG C 150 -31.86 31.08 -1.83
N ASN C 151 -31.25 30.11 -1.15
CA ASN C 151 -31.81 28.76 -1.14
C ASN C 151 -32.53 28.41 0.18
N LEU C 152 -32.59 29.37 1.09
CA LEU C 152 -33.18 29.20 2.40
C LEU C 152 -34.14 30.35 2.70
N VAL C 153 -35.14 30.11 3.53
CA VAL C 153 -36.00 31.19 4.02
C VAL C 153 -35.91 31.25 5.53
N TRP C 154 -35.52 32.41 6.06
CA TRP C 154 -35.55 32.60 7.49
C TRP C 154 -36.97 32.99 7.89
N ILE C 155 -37.72 32.02 8.41
CA ILE C 155 -39.10 32.23 8.72
C ILE C 155 -39.24 32.78 10.13
N VAL C 156 -40.19 33.71 10.27
CA VAL C 156 -40.40 34.46 11.50
C VAL C 156 -41.93 34.53 11.79
N LYS C 157 -42.31 34.77 13.03
CA LYS C 157 -43.75 34.86 13.33
C LYS C 157 -44.38 36.12 12.70
N THR C 158 -45.68 36.02 12.46
CA THR C 158 -46.41 37.10 11.79
C THR C 158 -46.54 38.28 12.75
N ASP C 159 -46.98 39.43 12.25
CA ASP C 159 -46.86 40.68 12.99
C ASP C 159 -47.52 40.57 14.37
N SER C 160 -48.70 39.95 14.42
CA SER C 160 -49.28 39.51 15.68
C SER C 160 -48.67 38.18 16.10
N ALA C 161 -48.64 37.88 17.39
CA ALA C 161 -48.25 36.52 17.82
C ALA C 161 -49.38 35.59 17.32
N THR C 162 -49.15 34.29 17.13
CA THR C 162 -48.01 33.49 17.56
C THR C 162 -47.58 32.58 16.42
N TYR C 163 -46.44 31.91 16.60
CA TYR C 163 -45.89 31.03 15.56
C TYR C 163 -46.57 29.66 15.65
N PRO C 164 -47.38 29.30 14.64
CA PRO C 164 -48.10 28.02 14.69
C PRO C 164 -47.30 26.87 14.13
N VAL C 165 -47.78 25.65 14.31
CA VAL C 165 -47.12 24.52 13.69
C VAL C 165 -47.22 24.71 12.21
N ILE C 166 -46.08 24.57 11.52
CA ILE C 166 -46.00 24.68 10.07
C ILE C 166 -45.50 23.37 9.52
N LYS C 167 -45.98 23.00 8.35
CA LYS C 167 -45.72 21.68 7.80
C LYS C 167 -45.55 21.75 6.30
N GLY C 168 -44.71 20.88 5.77
CA GLY C 168 -44.47 20.84 4.34
C GLY C 168 -44.07 19.44 3.93
N THR C 169 -44.44 19.07 2.70
CA THR C 169 -44.02 17.82 2.13
C THR C 169 -43.51 18.04 0.70
N TYR C 170 -42.43 17.36 0.34
CA TYR C 170 -42.01 17.29 -1.04
C TYR C 170 -41.82 15.85 -1.44
N ASN C 171 -42.39 15.46 -2.58
CA ASN C 171 -42.26 14.11 -3.07
C ASN C 171 -41.34 14.10 -4.27
N ASN C 172 -40.30 13.27 -4.23
CA ASN C 172 -39.34 13.20 -5.31
C ASN C 172 -39.81 12.26 -6.40
N THR C 173 -40.63 12.77 -7.29
CA THR C 173 -41.14 12.04 -8.44
C THR C 173 -40.04 11.67 -9.41
N GLY C 174 -39.03 12.52 -9.50
CA GLY C 174 -37.97 12.41 -10.49
C GLY C 174 -36.95 11.30 -10.33
N THR C 175 -36.20 11.09 -11.42
CA THR C 175 -35.14 10.09 -11.49
C THR C 175 -33.79 10.53 -10.90
N GLN C 176 -33.68 11.78 -10.48
CA GLN C 176 -32.39 12.31 -9.99
C GLN C 176 -32.44 12.61 -8.49
N PRO C 177 -31.34 12.32 -7.78
CA PRO C 177 -31.26 12.70 -6.36
C PRO C 177 -31.36 14.23 -6.17
N ILE C 178 -31.99 14.69 -5.08
CA ILE C 178 -32.06 16.11 -4.76
C ILE C 178 -31.24 16.52 -3.55
N LEU C 179 -30.31 17.46 -3.76
CA LEU C 179 -29.49 17.97 -2.68
C LEU C 179 -30.15 19.21 -2.08
N TYR C 180 -30.49 19.16 -0.80
CA TYR C 180 -31.19 20.28 -0.17
C TYR C 180 -30.60 20.66 1.19
N PHE C 181 -31.09 21.76 1.74
CA PHE C 181 -30.50 22.39 2.91
C PHE C 181 -31.54 22.97 3.85
N TRP C 182 -31.19 23.07 5.10
CA TRP C 182 -32.02 23.76 6.05
C TRP C 182 -31.17 24.18 7.22
N GLY C 183 -31.82 24.78 8.20
CA GLY C 183 -31.10 25.25 9.35
C GLY C 183 -31.96 25.43 10.57
N VAL C 184 -31.28 25.68 11.69
CA VAL C 184 -31.96 25.99 12.94
C VAL C 184 -31.38 27.26 13.54
N HIS C 185 -32.23 28.26 13.77
CA HIS C 185 -31.73 29.49 14.38
C HIS C 185 -31.51 29.32 15.88
N HIS C 186 -30.33 29.72 16.35
CA HIS C 186 -30.00 29.71 17.78
C HIS C 186 -29.81 31.12 18.28
N PRO C 187 -30.87 31.77 18.78
CA PRO C 187 -30.70 33.17 19.22
C PRO C 187 -29.76 33.33 20.42
N LEU C 188 -29.26 34.55 20.62
CA LEU C 188 -28.39 34.88 21.76
C LEU C 188 -29.13 35.10 23.11
N ASP C 189 -30.42 35.42 23.06
CA ASP C 189 -31.22 35.87 24.21
C ASP C 189 -32.58 35.23 24.17
N THR C 190 -33.25 35.11 25.31
CA THR C 190 -34.65 34.69 25.30
C THR C 190 -35.52 35.81 24.70
N THR C 191 -35.05 37.05 24.86
CA THR C 191 -35.68 38.20 24.22
C THR C 191 -35.80 38.05 22.70
N VAL C 192 -34.69 37.74 22.03
CA VAL C 192 -34.71 37.58 20.58
C VAL C 192 -35.52 36.35 20.21
N GLN C 193 -35.45 35.31 21.05
CA GLN C 193 -36.25 34.13 20.81
C GLN C 193 -37.73 34.54 20.83
N ASP C 194 -38.16 35.22 21.89
CA ASP C 194 -39.57 35.63 22.04
C ASP C 194 -40.04 36.58 20.93
N ASN C 195 -39.19 37.52 20.52
CA ASN C 195 -39.54 38.44 19.44
C ASN C 195 -39.81 37.76 18.11
N LEU C 196 -38.99 36.79 17.74
CA LEU C 196 -39.05 36.21 16.39
C LEU C 196 -39.99 35.01 16.33
N TYR C 197 -40.06 34.27 17.42
CA TYR C 197 -40.86 33.06 17.45
C TYR C 197 -41.85 33.16 18.61
N GLY C 198 -42.57 32.10 18.88
CA GLY C 198 -43.50 32.18 20.00
C GLY C 198 -42.80 32.24 21.36
N SER C 199 -43.55 31.87 22.39
CA SER C 199 -42.98 31.52 23.68
C SER C 199 -42.82 29.99 23.75
N GLY C 200 -42.14 29.48 24.77
CA GLY C 200 -42.18 28.04 24.99
C GLY C 200 -41.27 27.20 24.11
N ASP C 201 -41.36 25.88 24.29
CA ASP C 201 -40.42 24.97 23.68
C ASP C 201 -40.61 24.83 22.15
N LYS C 202 -39.54 25.09 21.40
CA LYS C 202 -39.61 25.06 19.95
C LYS C 202 -38.82 23.88 19.36
N TYR C 203 -39.24 23.35 18.22
CA TYR C 203 -38.53 22.24 17.61
C TYR C 203 -38.50 22.37 16.09
N VAL C 204 -37.54 21.66 15.50
CA VAL C 204 -37.50 21.46 14.06
C VAL C 204 -37.40 19.96 13.87
N ARG C 205 -38.33 19.40 13.10
CA ARG C 205 -38.34 17.98 12.85
C ARG C 205 -38.59 17.71 11.39
N MET C 206 -37.84 16.75 10.86
CA MET C 206 -37.89 16.40 9.46
C MET C 206 -37.61 14.90 9.32
N GLY C 207 -38.24 14.28 8.33
CA GLY C 207 -38.05 12.87 8.12
C GLY C 207 -38.33 12.50 6.67
N THR C 208 -37.73 11.39 6.26
CA THR C 208 -37.99 10.76 4.98
C THR C 208 -38.22 9.30 5.31
N GLU C 209 -38.44 8.46 4.29
CA GLU C 209 -38.50 7.01 4.49
C GLU C 209 -37.23 6.45 5.15
N SER C 210 -36.09 7.06 4.89
CA SER C 210 -34.83 6.50 5.38
C SER C 210 -34.05 7.38 6.37
N MET C 211 -34.54 8.59 6.62
CA MET C 211 -33.78 9.54 7.42
C MET C 211 -34.64 10.27 8.45
N ASN C 212 -34.06 10.51 9.61
CA ASN C 212 -34.73 11.22 10.68
C ASN C 212 -33.92 12.41 11.18
N PHE C 213 -34.59 13.49 11.53
CA PHE C 213 -33.91 14.66 12.09
C PHE C 213 -34.75 15.39 13.12
N ALA C 214 -34.08 15.84 14.18
CA ALA C 214 -34.74 16.56 15.24
C ALA C 214 -33.75 17.43 16.01
N LYS C 215 -34.11 18.70 16.19
CA LYS C 215 -33.24 19.66 16.86
C LYS C 215 -34.10 20.79 17.39
N SER C 216 -33.66 21.41 18.47
CA SER C 216 -34.40 22.51 19.08
C SER C 216 -33.40 23.63 19.45
N PRO C 217 -33.90 24.86 19.67
CA PRO C 217 -32.96 25.98 19.83
C PRO C 217 -32.07 25.91 21.08
N GLU C 218 -30.77 26.14 20.87
CA GLU C 218 -29.77 26.21 21.94
C GLU C 218 -29.37 27.65 22.21
N ILE C 219 -30.20 28.35 22.98
CA ILE C 219 -30.10 29.79 23.17
C ILE C 219 -28.96 30.24 24.07
N ALA C 220 -28.03 31.04 23.52
CA ALA C 220 -26.92 31.63 24.28
C ALA C 220 -26.08 32.60 23.42
N ALA C 221 -25.36 33.51 24.05
CA ALA C 221 -24.56 34.50 23.32
C ALA C 221 -23.14 34.02 23.00
N ARG C 222 -22.82 33.96 21.70
CA ARG C 222 -21.49 33.54 21.26
C ARG C 222 -20.72 34.78 20.79
N PRO C 223 -19.39 34.69 20.66
CA PRO C 223 -18.63 35.85 20.19
C PRO C 223 -19.16 36.45 18.89
N ALA C 224 -19.25 37.77 18.81
CA ALA C 224 -19.73 38.42 17.61
C ALA C 224 -18.91 38.04 16.37
N VAL C 225 -19.63 37.69 15.31
CA VAL C 225 -19.05 37.31 14.01
C VAL C 225 -19.97 37.86 12.93
N ASN C 226 -19.47 38.77 12.10
CA ASN C 226 -20.36 39.58 11.24
C ASN C 226 -21.51 40.22 12.02
N GLY C 227 -21.23 40.72 13.22
CA GLY C 227 -22.22 41.43 14.01
C GLY C 227 -23.19 40.55 14.78
N GLN C 228 -23.03 39.23 14.69
CA GLN C 228 -23.97 38.29 15.30
C GLN C 228 -23.38 37.53 16.48
N ARG C 229 -24.11 37.51 17.60
CA ARG C 229 -23.81 36.68 18.77
C ARG C 229 -24.73 35.45 18.77
N SER C 230 -25.75 35.48 17.93
CA SER C 230 -26.55 34.31 17.63
C SER C 230 -25.82 33.40 16.63
N ARG C 231 -26.39 32.23 16.36
CA ARG C 231 -25.84 31.26 15.42
C ARG C 231 -26.93 30.59 14.59
N ILE C 232 -26.54 30.03 13.45
CA ILE C 232 -27.40 29.08 12.73
C ILE C 232 -26.67 27.75 12.53
N ASP C 233 -27.38 26.67 12.78
CA ASP C 233 -26.86 25.35 12.40
C ASP C 233 -27.36 25.01 11.04
N TYR C 234 -26.47 24.88 10.05
CA TYR C 234 -26.93 24.50 8.72
C TYR C 234 -26.81 22.98 8.60
N TYR C 235 -27.68 22.38 7.79
CA TYR C 235 -27.66 20.94 7.52
C TYR C 235 -27.88 20.68 6.03
N TRP C 236 -27.42 19.52 5.57
CA TRP C 236 -27.73 19.10 4.22
C TRP C 236 -28.17 17.64 4.20
N SER C 237 -28.87 17.25 3.14
CA SER C 237 -29.19 15.84 2.92
C SER C 237 -29.56 15.65 1.47
N VAL C 238 -29.80 14.40 1.11
CA VAL C 238 -30.04 13.99 -0.26
C VAL C 238 -31.31 13.13 -0.29
N LEU C 239 -32.34 13.69 -0.90
CA LEU C 239 -33.61 13.01 -1.07
C LEU C 239 -33.50 12.06 -2.25
N ARG C 240 -33.59 10.76 -1.98
CA ARG C 240 -33.43 9.76 -3.03
C ARG C 240 -34.65 9.76 -3.95
N PRO C 241 -34.47 9.38 -5.23
CA PRO C 241 -35.61 9.27 -6.14
C PRO C 241 -36.64 8.28 -5.58
N GLY C 242 -37.89 8.68 -5.48
CA GLY C 242 -38.92 7.85 -4.88
C GLY C 242 -39.16 8.20 -3.42
N GLU C 243 -38.17 8.84 -2.79
CA GLU C 243 -38.34 9.28 -1.41
C GLU C 243 -39.18 10.56 -1.24
N THR C 244 -39.58 10.80 0.01
CA THR C 244 -40.47 11.87 0.35
C THR C 244 -39.96 12.58 1.60
N LEU C 245 -40.05 13.90 1.59
CA LEU C 245 -39.57 14.70 2.70
C LEU C 245 -40.74 15.41 3.41
N ASN C 246 -40.95 15.07 4.68
CA ASN C 246 -41.87 15.83 5.56
C ASN C 246 -41.09 16.75 6.48
N VAL C 247 -41.56 18.00 6.58
CA VAL C 247 -40.95 19.00 7.45
C VAL C 247 -41.98 19.56 8.43
N GLU C 248 -41.57 19.71 9.68
CA GLU C 248 -42.48 20.18 10.72
C GLU C 248 -41.71 20.97 11.77
N SER C 249 -42.24 22.12 12.18
CA SER C 249 -41.58 23.02 13.12
C SER C 249 -42.56 23.99 13.74
N ASN C 250 -42.29 24.41 14.97
CA ASN C 250 -43.08 25.48 15.62
C ASN C 250 -42.24 26.74 15.85
N GLY C 251 -41.07 26.80 15.21
CA GLY C 251 -40.19 27.95 15.36
C GLY C 251 -38.72 27.60 15.16
N ASN C 252 -37.92 28.63 14.87
CA ASN C 252 -36.46 28.51 14.62
C ASN C 252 -36.02 27.77 13.35
N LEU C 253 -36.96 27.45 12.46
CA LEU C 253 -36.65 26.80 11.19
C LEU C 253 -36.08 27.78 10.16
N ILE C 254 -34.86 27.51 9.66
CA ILE C 254 -34.41 28.16 8.41
C ILE C 254 -34.78 27.18 7.28
N ALA C 255 -35.85 27.49 6.58
CA ALA C 255 -36.47 26.49 5.73
C ALA C 255 -35.75 26.26 4.41
N PRO C 256 -35.79 25.04 3.89
CA PRO C 256 -35.33 24.86 2.52
C PRO C 256 -36.25 25.64 1.63
N TRP C 257 -35.71 26.22 0.57
CA TRP C 257 -36.50 26.97 -0.37
C TRP C 257 -36.26 26.40 -1.76
N TYR C 258 -35.02 26.53 -2.20
CA TYR C 258 -34.57 25.99 -3.47
C TYR C 258 -33.56 24.89 -3.22
N ALA C 259 -33.54 23.88 -4.09
CA ALA C 259 -32.63 22.74 -3.95
C ALA C 259 -31.98 22.39 -5.29
N TYR C 260 -31.21 21.30 -5.36
CA TYR C 260 -30.59 20.92 -6.62
C TYR C 260 -30.88 19.47 -7.02
N LYS C 261 -31.38 19.30 -8.24
CA LYS C 261 -31.37 17.97 -8.83
C LYS C 261 -29.94 17.74 -9.21
N PHE C 262 -29.41 16.58 -8.85
CA PHE C 262 -27.98 16.37 -8.84
C PHE C 262 -27.63 15.21 -9.76
N VAL C 263 -26.69 15.41 -10.66
CA VAL C 263 -26.27 14.33 -11.55
C VAL C 263 -24.83 13.90 -11.27
N SER C 264 -24.67 12.67 -10.80
CA SER C 264 -23.34 12.10 -10.54
C SER C 264 -22.80 11.34 -11.73
N LYS C 268 -15.02 10.47 -12.16
CA LYS C 268 -14.12 10.74 -11.04
C LYS C 268 -14.56 11.91 -10.17
N GLY C 269 -14.25 13.10 -10.64
CA GLY C 269 -14.55 14.31 -9.93
C GLY C 269 -13.34 14.84 -9.22
N ALA C 270 -13.21 16.14 -9.19
CA ALA C 270 -12.16 16.77 -8.47
C ALA C 270 -12.52 18.17 -8.09
N VAL C 271 -11.86 18.64 -7.07
CA VAL C 271 -11.98 20.00 -6.63
C VAL C 271 -10.58 20.48 -6.41
N PHE C 272 -10.14 21.38 -7.25
CA PHE C 272 -8.83 21.98 -7.18
C PHE C 272 -8.86 23.35 -6.49
N LYS C 273 -8.09 23.47 -5.42
CA LYS C 273 -7.83 24.76 -4.78
C LYS C 273 -6.58 25.35 -5.39
N SER C 274 -6.74 26.40 -6.17
CA SER C 274 -5.66 26.96 -6.96
C SER C 274 -5.83 28.40 -7.45
N ASP C 275 -4.70 29.03 -7.77
CA ASP C 275 -4.65 30.37 -8.35
C ASP C 275 -4.57 30.40 -9.87
N LEU C 276 -4.48 29.23 -10.49
CA LEU C 276 -4.15 29.18 -11.91
C LEU C 276 -5.26 29.75 -12.75
N PRO C 277 -4.90 30.42 -13.85
CA PRO C 277 -5.92 30.96 -14.76
C PRO C 277 -6.66 29.85 -15.51
N ILE C 278 -7.92 30.07 -15.81
CA ILE C 278 -8.71 29.16 -16.62
C ILE C 278 -8.81 29.75 -18.03
N GLU C 279 -8.20 29.09 -19.01
CA GLU C 279 -8.05 29.67 -20.34
C GLU C 279 -8.84 28.89 -21.37
N ASN C 280 -8.92 29.40 -22.59
CA ASN C 280 -9.65 28.68 -23.62
C ASN C 280 -8.74 27.69 -24.34
N CYS C 281 -8.66 26.49 -23.78
CA CYS C 281 -7.82 25.42 -24.32
C CYS C 281 -8.40 24.07 -23.95
N ASP C 282 -7.77 23.02 -24.47
CA ASP C 282 -8.21 21.66 -24.26
C ASP C 282 -7.10 20.78 -23.72
N ALA C 283 -7.47 19.88 -22.82
CA ALA C 283 -6.50 18.97 -22.23
C ALA C 283 -7.05 17.55 -22.18
N THR C 284 -6.13 16.60 -22.21
CA THR C 284 -6.41 15.20 -21.97
C THR C 284 -6.07 14.87 -20.51
N CYS C 285 -5.06 15.57 -20.00
CA CYS C 285 -4.62 15.49 -18.62
C CYS C 285 -4.55 16.83 -17.91
N GLN C 286 -5.15 16.91 -16.73
CA GLN C 286 -5.08 18.13 -15.94
C GLN C 286 -4.61 17.87 -14.51
N THR C 287 -3.48 18.42 -14.10
CA THR C 287 -3.08 18.32 -12.70
C THR C 287 -3.41 19.62 -12.01
N ILE C 288 -3.35 19.61 -10.69
CA ILE C 288 -3.68 20.78 -9.90
C ILE C 288 -2.67 21.92 -10.07
N THR C 289 -1.51 21.61 -10.64
CA THR C 289 -0.48 22.62 -10.91
C THR C 289 -0.28 22.81 -12.39
N GLY C 290 -1.08 22.13 -13.21
CA GLY C 290 -1.00 22.37 -14.63
C GLY C 290 -1.41 21.24 -15.54
N VAL C 291 -1.48 21.58 -16.82
CA VAL C 291 -1.72 20.63 -17.89
C VAL C 291 -0.46 19.87 -18.28
N LEU C 292 -0.64 18.57 -18.53
CA LEU C 292 0.39 17.70 -19.07
C LEU C 292 0.02 17.40 -20.50
N ARG C 293 0.88 17.84 -21.42
CA ARG C 293 0.75 17.49 -22.81
C ARG C 293 1.95 16.63 -23.18
N THR C 294 1.75 15.30 -23.17
CA THR C 294 2.85 14.36 -23.15
C THR C 294 2.42 12.95 -23.50
N ASN C 295 3.41 12.13 -23.82
CA ASN C 295 3.22 10.73 -24.19
C ASN C 295 4.07 9.87 -23.25
N LYS C 296 4.76 10.54 -22.33
CA LYS C 296 5.64 9.87 -21.37
C LYS C 296 4.88 8.96 -20.43
N THR C 297 5.62 8.08 -19.77
CA THR C 297 5.02 7.04 -18.94
C THR C 297 4.88 7.49 -17.48
N PHE C 298 5.87 8.23 -17.00
CA PHE C 298 5.85 8.72 -15.62
C PHE C 298 5.83 10.23 -15.62
N GLN C 299 5.34 10.83 -14.53
CA GLN C 299 5.44 12.27 -14.36
C GLN C 299 5.75 12.63 -12.92
N ASN C 300 6.35 13.79 -12.73
CA ASN C 300 6.66 14.26 -11.39
C ASN C 300 6.01 15.60 -11.04
N VAL C 301 5.00 15.99 -11.80
CA VAL C 301 4.33 17.25 -11.56
C VAL C 301 3.41 17.18 -10.34
N SER C 302 2.52 16.21 -10.31
CA SER C 302 1.56 16.12 -9.24
C SER C 302 0.84 14.78 -9.20
N PRO C 303 0.57 14.27 -7.99
CA PRO C 303 -0.33 13.11 -7.74
C PRO C 303 -1.83 13.47 -7.85
N LEU C 304 -2.16 14.77 -7.85
CA LEU C 304 -3.56 15.18 -7.91
C LEU C 304 -4.00 15.56 -9.33
N TRP C 305 -4.89 14.78 -9.95
CA TRP C 305 -5.30 15.10 -11.32
C TRP C 305 -6.64 14.52 -11.74
N ILE C 306 -6.96 14.75 -13.01
CA ILE C 306 -8.21 14.34 -13.62
C ILE C 306 -7.91 14.08 -15.11
N GLY C 307 -8.59 13.13 -15.72
CA GLY C 307 -8.24 12.73 -17.07
C GLY C 307 -7.24 11.58 -17.05
N GLU C 308 -6.66 11.27 -18.21
CA GLU C 308 -5.63 10.23 -18.33
C GLU C 308 -4.24 10.82 -18.13
N CYS C 309 -3.58 10.49 -17.03
CA CYS C 309 -2.24 11.02 -16.77
C CYS C 309 -1.24 9.90 -16.59
N PRO C 310 0.04 10.17 -16.87
CA PRO C 310 1.09 9.23 -16.50
C PRO C 310 1.20 9.11 -14.98
N LYS C 311 1.83 8.03 -14.54
CA LYS C 311 2.04 7.73 -13.13
C LYS C 311 2.90 8.77 -12.43
N TYR C 312 2.48 9.18 -11.24
CA TYR C 312 3.26 10.11 -10.47
C TYR C 312 4.32 9.40 -9.64
N VAL C 313 5.55 9.88 -9.72
CA VAL C 313 6.69 9.37 -8.94
C VAL C 313 7.59 10.54 -8.53
N LYS C 314 8.41 10.36 -7.51
CA LYS C 314 9.27 11.44 -7.01
C LYS C 314 10.61 11.54 -7.73
N SER C 315 10.73 10.89 -8.88
CA SER C 315 12.00 10.82 -9.61
C SER C 315 12.29 12.07 -10.45
N GLU C 316 13.57 12.37 -10.62
CA GLU C 316 13.99 13.48 -11.46
C GLU C 316 14.01 13.05 -12.90
N SER C 317 14.43 11.80 -13.13
CA SER C 317 14.67 11.28 -14.46
C SER C 317 14.56 9.79 -14.43
N LEU C 318 14.00 9.19 -15.48
CA LEU C 318 13.96 7.73 -15.61
C LEU C 318 14.37 7.32 -17.01
N ARG C 319 15.65 7.42 -17.32
CA ARG C 319 16.10 7.20 -18.68
C ARG C 319 16.57 5.77 -18.91
N LEU C 320 15.94 5.13 -19.87
CA LEU C 320 16.16 3.74 -20.20
C LEU C 320 17.20 3.62 -21.31
N ALA C 321 18.30 2.91 -21.09
CA ALA C 321 19.23 2.63 -22.18
C ALA C 321 18.55 1.74 -23.22
N THR C 322 18.65 2.13 -24.49
CA THR C 322 18.24 1.23 -25.57
C THR C 322 19.45 0.80 -26.37
N GLY C 323 20.34 1.75 -26.59
CA GLY C 323 21.61 1.54 -27.30
C GLY C 323 22.71 0.98 -26.41
N LEU C 324 23.81 0.63 -27.04
CA LEU C 324 25.01 0.21 -26.34
C LEU C 324 25.89 1.33 -25.76
N ARG C 325 26.87 0.98 -24.94
CA ARG C 325 27.76 1.99 -24.37
C ARG C 325 28.52 2.68 -25.50
N ASN C 326 28.56 4.03 -25.44
CA ASN C 326 29.18 4.85 -26.48
C ASN C 326 30.66 5.01 -26.26
N VAL C 327 31.48 4.35 -27.06
CA VAL C 327 32.94 4.53 -26.99
C VAL C 327 33.52 4.97 -28.35
N PRO C 328 33.23 6.21 -28.80
CA PRO C 328 33.67 6.72 -30.10
C PRO C 328 35.18 6.98 -30.22
N GLN C 329 35.75 6.80 -31.42
CA GLN C 329 37.19 7.00 -31.63
C GLN C 329 37.59 8.46 -31.36
N ILE C 330 38.66 8.64 -30.58
CA ILE C 330 39.11 10.00 -30.25
C ILE C 330 39.86 10.66 -31.40
N ALA C 331 39.41 11.86 -31.76
CA ALA C 331 39.98 12.61 -32.86
C ALA C 331 40.61 13.91 -32.38
N THR C 332 41.82 14.19 -32.82
CA THR C 332 42.53 15.38 -32.38
C THR C 332 42.72 16.38 -33.52
N GLY D 1 33.51 -4.85 -19.40
CA GLY D 1 32.23 -5.14 -19.96
C GLY D 1 32.12 -6.52 -19.45
N ILE D 2 30.90 -7.00 -19.18
CA ILE D 2 30.64 -8.35 -18.61
C ILE D 2 30.99 -9.57 -19.47
N PHE D 3 30.70 -9.48 -20.78
CA PHE D 3 31.00 -10.52 -21.73
C PHE D 3 32.40 -10.24 -22.29
N GLY D 4 32.96 -9.10 -21.89
CA GLY D 4 34.33 -8.81 -22.20
C GLY D 4 34.60 -8.10 -23.51
N ALA D 5 33.62 -8.04 -24.39
CA ALA D 5 33.87 -7.44 -25.71
C ALA D 5 33.77 -5.91 -25.70
N ILE D 6 32.57 -5.33 -25.58
CA ILE D 6 32.41 -3.87 -25.62
C ILE D 6 33.27 -3.15 -24.57
N ALA D 7 33.99 -2.12 -25.00
CA ALA D 7 35.01 -1.45 -24.18
C ALA D 7 35.87 -2.43 -23.42
N GLY D 8 36.22 -3.53 -24.08
CA GLY D 8 36.87 -4.67 -23.44
C GLY D 8 38.01 -5.14 -24.31
N PHE D 9 37.95 -6.35 -24.85
CA PHE D 9 39.04 -6.78 -25.74
C PHE D 9 38.85 -6.16 -27.13
N ILE D 10 37.69 -5.52 -27.35
CA ILE D 10 37.48 -4.64 -28.48
C ILE D 10 37.33 -3.23 -27.94
N GLU D 11 38.43 -2.50 -27.97
CA GLU D 11 38.60 -1.29 -27.16
C GLU D 11 37.62 -0.15 -27.46
N GLY D 12 37.14 -0.06 -28.69
CA GLY D 12 36.29 1.07 -29.07
C GLY D 12 35.23 0.73 -30.11
N GLY D 13 34.34 1.67 -30.32
CA GLY D 13 33.26 1.58 -31.29
C GLY D 13 33.62 2.28 -32.59
N TRP D 14 32.73 2.18 -33.57
CA TRP D 14 32.96 2.74 -34.89
C TRP D 14 31.93 3.82 -35.26
N THR D 15 32.32 5.08 -35.17
CA THR D 15 31.46 6.14 -35.68
C THR D 15 31.21 5.96 -37.17
N GLY D 16 32.08 5.22 -37.83
CA GLY D 16 31.92 4.99 -39.26
C GLY D 16 30.82 4.00 -39.62
N MET D 17 30.51 3.07 -38.71
CA MET D 17 29.45 2.11 -39.00
C MET D 17 28.11 2.69 -38.52
N ILE D 18 27.28 3.16 -39.44
CA ILE D 18 26.07 3.93 -39.08
C ILE D 18 24.73 3.25 -39.38
N ASP D 19 24.76 2.06 -39.97
CA ASP D 19 23.51 1.41 -40.32
C ASP D 19 23.22 0.21 -39.42
N GLY D 20 23.88 0.14 -38.28
CA GLY D 20 23.65 -0.98 -37.37
C GLY D 20 24.35 -0.84 -36.03
N TRP D 21 24.04 -1.72 -35.08
CA TRP D 21 24.67 -1.70 -33.76
C TRP D 21 25.95 -2.52 -33.69
N TYR D 22 25.98 -3.63 -34.42
CA TYR D 22 27.11 -4.56 -34.48
C TYR D 22 27.53 -4.81 -35.92
N GLY D 23 28.77 -5.20 -36.13
CA GLY D 23 29.17 -5.54 -37.49
C GLY D 23 30.65 -5.73 -37.78
N TYR D 24 31.00 -5.47 -39.03
CA TYR D 24 32.31 -5.86 -39.58
C TYR D 24 33.03 -4.72 -40.22
N HIS D 25 34.36 -4.75 -40.08
CA HIS D 25 35.24 -3.88 -40.82
C HIS D 25 36.23 -4.74 -41.61
N HIS D 26 36.21 -4.63 -42.93
CA HIS D 26 37.11 -5.41 -43.76
C HIS D 26 38.15 -4.50 -44.37
N GLU D 27 39.34 -5.02 -44.65
CA GLU D 27 40.23 -4.33 -45.59
C GLU D 27 40.79 -5.32 -46.64
N ASN D 28 40.61 -4.99 -47.90
CA ASN D 28 41.11 -5.86 -48.94
C ASN D 28 41.63 -5.09 -50.12
N SER D 29 42.38 -5.78 -50.94
CA SER D 29 43.08 -5.17 -52.06
C SER D 29 42.02 -4.35 -52.83
N GLN D 30 40.75 -4.77 -52.73
CA GLN D 30 39.69 -4.04 -53.41
C GLN D 30 39.04 -2.91 -52.60
N GLY D 31 39.61 -2.53 -51.46
CA GLY D 31 39.00 -1.50 -50.64
C GLY D 31 38.72 -1.89 -49.19
N SER D 32 38.03 -1.01 -48.46
CA SER D 32 37.73 -1.24 -47.06
C SER D 32 36.49 -0.54 -46.60
N GLY D 33 35.91 -1.03 -45.51
CA GLY D 33 34.70 -0.41 -45.05
C GLY D 33 34.11 -0.97 -43.79
N TYR D 34 32.95 -0.43 -43.44
CA TYR D 34 32.23 -0.77 -42.22
C TYR D 34 30.83 -1.16 -42.61
N ALA D 35 30.47 -2.42 -42.39
CA ALA D 35 29.13 -2.93 -42.70
C ALA D 35 28.53 -3.72 -41.53
N ALA D 36 27.26 -3.48 -41.24
CA ALA D 36 26.58 -4.05 -40.08
C ALA D 36 26.03 -5.45 -40.33
N ASP D 37 26.08 -6.29 -39.30
CA ASP D 37 25.35 -7.54 -39.37
C ASP D 37 23.87 -7.28 -39.10
N ARG D 38 23.07 -7.40 -40.16
CA ARG D 38 21.69 -6.97 -40.15
C ARG D 38 20.82 -7.83 -39.24
N GLU D 39 21.00 -9.14 -39.32
CA GLU D 39 20.16 -10.08 -38.61
C GLU D 39 20.22 -9.89 -37.11
N SER D 40 21.41 -9.61 -36.59
CA SER D 40 21.60 -9.54 -35.16
C SER D 40 21.40 -8.12 -34.67
N THR D 41 21.52 -7.16 -35.57
CA THR D 41 21.13 -5.79 -35.25
C THR D 41 19.60 -5.76 -35.12
N GLN D 42 18.92 -6.40 -36.08
CA GLN D 42 17.47 -6.41 -36.11
C GLN D 42 16.90 -7.12 -34.89
N LYS D 43 17.42 -8.32 -34.57
CA LYS D 43 16.95 -9.09 -33.40
C LYS D 43 17.10 -8.31 -32.10
N ALA D 44 18.22 -7.60 -31.95
CA ALA D 44 18.45 -6.78 -30.78
C ALA D 44 17.43 -5.64 -30.70
N ILE D 45 17.12 -5.04 -31.85
CA ILE D 45 16.14 -3.95 -31.90
C ILE D 45 14.70 -4.40 -31.51
N ASP D 46 14.23 -5.50 -32.09
CA ASP D 46 12.97 -6.14 -31.70
C ASP D 46 12.95 -6.47 -30.21
N GLY D 47 14.01 -7.10 -29.76
CA GLY D 47 14.14 -7.44 -28.35
C GLY D 47 14.11 -6.20 -27.48
N ILE D 48 14.92 -5.19 -27.79
CA ILE D 48 14.98 -4.02 -26.93
C ILE D 48 13.66 -3.23 -26.96
N THR D 49 13.05 -3.12 -28.14
CA THR D 49 11.75 -2.43 -28.29
C THR D 49 10.67 -3.12 -27.46
N ASN D 50 10.67 -4.46 -27.51
CA ASN D 50 9.73 -5.22 -26.72
C ASN D 50 9.95 -4.92 -25.24
N LYS D 51 11.21 -4.84 -24.83
CA LYS D 51 11.50 -4.56 -23.42
C LYS D 51 10.92 -3.21 -22.98
N VAL D 52 11.06 -2.18 -23.82
CA VAL D 52 10.58 -0.84 -23.51
C VAL D 52 9.05 -0.85 -23.48
N ASN D 53 8.42 -1.57 -24.40
CA ASN D 53 6.97 -1.65 -24.42
C ASN D 53 6.37 -2.48 -23.31
N SER D 54 7.09 -3.49 -22.82
CA SER D 54 6.56 -4.32 -21.76
C SER D 54 6.58 -3.51 -20.48
N ILE D 55 7.66 -2.74 -20.32
CA ILE D 55 7.80 -1.88 -19.14
C ILE D 55 6.74 -0.78 -19.16
N ILE D 56 6.49 -0.21 -20.33
CA ILE D 56 5.50 0.84 -20.43
C ILE D 56 4.12 0.24 -20.10
N ASN D 57 3.82 -0.92 -20.68
CA ASN D 57 2.56 -1.57 -20.40
C ASN D 57 2.37 -1.93 -18.93
N LYS D 58 3.37 -2.53 -18.29
CA LYS D 58 3.20 -3.00 -16.91
C LYS D 58 3.07 -1.81 -16.00
N MET D 59 3.63 -0.68 -16.42
CA MET D 59 3.52 0.56 -15.67
C MET D 59 2.22 1.38 -15.94
N ASN D 60 1.25 0.77 -16.61
CA ASN D 60 0.10 1.50 -17.15
C ASN D 60 -1.01 1.80 -16.15
N THR D 61 -0.87 1.41 -14.91
CA THR D 61 -1.86 1.80 -13.96
C THR D 61 -1.37 3.04 -13.22
N GLN D 62 -2.29 3.70 -12.52
CA GLN D 62 -1.96 4.81 -11.66
C GLN D 62 -2.63 4.68 -10.29
N PHE D 63 -1.96 5.10 -9.24
CA PHE D 63 -2.62 5.23 -7.98
C PHE D 63 -3.16 6.64 -7.95
N GLU D 64 -4.38 6.82 -7.49
CA GLU D 64 -4.99 8.14 -7.51
C GLU D 64 -5.21 8.73 -6.13
N ALA D 65 -4.62 9.88 -5.88
CA ALA D 65 -4.75 10.60 -4.62
C ALA D 65 -5.97 11.51 -4.58
N VAL D 66 -6.40 11.99 -3.41
CA VAL D 66 -7.65 12.74 -3.38
C VAL D 66 -7.66 14.10 -2.67
N ASP D 67 -8.51 15.00 -3.16
CA ASP D 67 -8.68 16.32 -2.59
C ASP D 67 -9.49 16.39 -1.28
N HIS D 68 -9.83 15.26 -0.68
CA HIS D 68 -10.70 15.26 0.50
C HIS D 68 -10.17 16.04 1.70
N GLU D 69 -11.05 16.82 2.29
CA GLU D 69 -10.73 17.56 3.49
C GLU D 69 -11.14 16.77 4.72
N PHE D 70 -10.56 17.14 5.86
CA PHE D 70 -10.84 16.48 7.13
C PHE D 70 -10.99 17.52 8.22
N SER D 71 -11.94 17.34 9.12
CA SER D 71 -12.17 18.34 10.17
C SER D 71 -11.15 18.19 11.28
N ASN D 72 -11.31 18.99 12.34
CA ASN D 72 -10.38 18.99 13.46
C ASN D 72 -10.70 17.89 14.48
N LEU D 73 -11.69 17.06 14.15
CA LEU D 73 -11.93 15.83 14.90
C LEU D 73 -11.62 14.61 14.03
N GLU D 74 -10.93 14.83 12.92
CA GLU D 74 -10.61 13.73 12.01
C GLU D 74 -9.12 13.69 11.71
N ARG D 75 -8.31 13.99 12.72
CA ARG D 75 -6.88 13.96 12.58
C ARG D 75 -6.35 12.55 12.31
N ARG D 76 -6.97 11.51 12.90
CA ARG D 76 -6.51 10.14 12.67
C ARG D 76 -6.85 9.67 11.26
N ILE D 77 -8.11 9.73 10.81
CA ILE D 77 -8.32 9.32 9.40
C ILE D 77 -7.54 10.19 8.41
N GLY D 78 -7.39 11.49 8.71
CA GLY D 78 -6.67 12.37 7.80
C GLY D 78 -5.22 11.90 7.66
N ASN D 79 -4.61 11.59 8.80
CA ASN D 79 -3.26 11.06 8.77
C ASN D 79 -3.20 9.66 8.16
N LEU D 80 -4.26 8.90 8.28
CA LEU D 80 -4.31 7.60 7.64
C LEU D 80 -4.18 7.81 6.15
N ASN D 81 -5.00 8.73 5.62
CA ASN D 81 -5.02 8.98 4.19
C ASN D 81 -3.68 9.44 3.65
N LYS D 82 -2.94 10.21 4.44
CA LYS D 82 -1.66 10.75 4.03
C LYS D 82 -0.61 9.63 3.98
N ARG D 83 -0.51 8.86 5.04
CA ARG D 83 0.48 7.77 5.11
C ARG D 83 0.24 6.75 3.99
N MET D 84 -1.02 6.46 3.70
CA MET D 84 -1.34 5.58 2.57
C MET D 84 -0.84 6.14 1.23
N GLU D 85 -1.15 7.41 0.95
CA GLU D 85 -0.77 8.00 -0.31
C GLU D 85 0.76 8.11 -0.47
N ASP D 86 1.44 8.55 0.59
CA ASP D 86 2.89 8.55 0.62
C ASP D 86 3.44 7.12 0.44
N GLY D 87 2.71 6.14 0.96
CA GLY D 87 3.10 4.74 0.91
C GLY D 87 3.13 4.21 -0.49
N PHE D 88 2.08 4.49 -1.24
CA PHE D 88 2.00 3.96 -2.60
C PHE D 88 2.93 4.75 -3.50
N LEU D 89 3.22 5.98 -3.10
CA LEU D 89 4.08 6.82 -3.85
C LEU D 89 5.55 6.33 -3.72
N ASP D 90 5.95 5.96 -2.51
CA ASP D 90 7.28 5.45 -2.26
C ASP D 90 7.48 4.09 -2.91
N VAL D 91 6.51 3.21 -2.75
CA VAL D 91 6.54 1.92 -3.43
C VAL D 91 6.71 2.07 -4.94
N TRP D 92 5.97 2.98 -5.58
CA TRP D 92 6.06 3.10 -7.04
C TRP D 92 7.36 3.81 -7.49
N THR D 93 7.85 4.78 -6.71
CA THR D 93 9.09 5.44 -7.08
C THR D 93 10.23 4.42 -7.08
N TYR D 94 10.29 3.67 -5.98
CA TYR D 94 11.17 2.53 -5.83
C TYR D 94 11.08 1.57 -7.02
N ASN D 95 9.90 1.05 -7.30
CA ASN D 95 9.76 0.15 -8.44
C ASN D 95 10.32 0.74 -9.74
N ALA D 96 10.00 1.99 -10.04
CA ALA D 96 10.48 2.61 -11.28
C ALA D 96 11.98 2.80 -11.23
N GLU D 97 12.48 3.40 -10.16
CA GLU D 97 13.90 3.69 -10.07
C GLU D 97 14.78 2.41 -10.11
N LEU D 98 14.45 1.45 -9.27
CA LEU D 98 15.20 0.19 -9.26
C LEU D 98 15.14 -0.56 -10.59
N LEU D 99 13.95 -0.62 -11.19
CA LEU D 99 13.79 -1.32 -12.47
C LEU D 99 14.69 -0.70 -13.56
N VAL D 100 14.81 0.63 -13.55
CA VAL D 100 15.62 1.29 -14.56
C VAL D 100 17.12 0.98 -14.40
N LEU D 101 17.62 1.00 -13.17
CA LEU D 101 19.01 0.64 -12.91
C LEU D 101 19.29 -0.81 -13.32
N LEU D 102 18.37 -1.71 -12.97
CA LEU D 102 18.55 -3.12 -13.24
C LEU D 102 18.45 -3.37 -14.73
N GLU D 103 17.49 -2.76 -15.41
CA GLU D 103 17.34 -3.09 -16.84
C GLU D 103 18.46 -2.48 -17.70
N ASN D 104 18.97 -1.33 -17.29
CA ASN D 104 20.07 -0.71 -18.02
C ASN D 104 21.32 -1.60 -17.95
N GLU D 105 21.58 -2.13 -16.77
CA GLU D 105 22.68 -3.07 -16.57
C GLU D 105 22.53 -4.26 -17.50
N ARG D 106 21.31 -4.75 -17.66
CA ARG D 106 21.15 -5.98 -18.46
C ARG D 106 21.08 -5.69 -19.96
N THR D 107 20.61 -4.50 -20.32
CA THR D 107 20.60 -4.10 -21.72
C THR D 107 22.03 -3.95 -22.25
N LEU D 108 22.91 -3.30 -21.48
CA LEU D 108 24.30 -3.17 -21.90
C LEU D 108 24.98 -4.54 -21.96
N ASP D 109 24.55 -5.51 -21.14
CA ASP D 109 25.15 -6.87 -21.18
C ASP D 109 24.75 -7.59 -22.46
N LEU D 110 23.48 -7.45 -22.85
CA LEU D 110 22.93 -8.00 -24.10
C LEU D 110 23.73 -7.53 -25.32
N HIS D 111 24.03 -6.23 -25.39
CA HIS D 111 24.85 -5.70 -26.46
C HIS D 111 26.25 -6.31 -26.45
N ASP D 112 26.86 -6.33 -25.28
CA ASP D 112 28.13 -6.99 -25.08
C ASP D 112 28.09 -8.46 -25.55
N ALA D 113 27.01 -9.17 -25.24
CA ALA D 113 26.90 -10.60 -25.58
C ALA D 113 26.75 -10.78 -27.08
N ASN D 114 26.07 -9.84 -27.75
CA ASN D 114 25.92 -9.92 -29.19
C ASN D 114 27.22 -9.65 -29.96
N VAL D 115 28.00 -8.68 -29.51
CA VAL D 115 29.31 -8.44 -30.12
C VAL D 115 30.18 -9.69 -29.95
N LYS D 116 30.33 -10.16 -28.72
CA LYS D 116 31.07 -11.36 -28.37
C LYS D 116 30.69 -12.58 -29.20
N ASN D 117 29.41 -12.76 -29.45
CA ASN D 117 28.99 -13.93 -30.22
C ASN D 117 29.29 -13.78 -31.71
N LEU D 118 29.25 -12.55 -32.23
CA LEU D 118 29.70 -12.32 -33.61
C LEU D 118 31.18 -12.60 -33.76
N TYR D 119 31.97 -12.16 -32.80
CA TYR D 119 33.40 -12.40 -32.82
C TYR D 119 33.74 -13.90 -32.83
N GLU D 120 32.98 -14.70 -32.07
CA GLU D 120 33.19 -16.14 -31.98
C GLU D 120 32.73 -16.86 -33.23
N LYS D 121 31.65 -16.37 -33.83
CA LYS D 121 31.15 -16.95 -35.06
C LYS D 121 32.22 -16.87 -36.16
N VAL D 122 33.01 -15.80 -36.17
CA VAL D 122 34.06 -15.62 -37.17
C VAL D 122 35.35 -16.38 -36.79
N LYS D 123 35.75 -16.32 -35.53
CA LYS D 123 36.96 -17.02 -35.08
C LYS D 123 36.91 -18.54 -35.35
N SER D 124 35.71 -19.12 -35.32
CA SER D 124 35.57 -20.56 -35.52
C SER D 124 35.49 -20.94 -37.02
N GLN D 125 35.07 -20.00 -37.87
CA GLN D 125 35.08 -20.25 -39.30
C GLN D 125 36.51 -20.26 -39.86
N LEU D 126 37.33 -19.33 -39.39
CA LEU D 126 38.63 -19.09 -40.00
C LEU D 126 39.73 -20.05 -39.53
N ARG D 127 39.63 -20.51 -38.29
CA ARG D 127 40.65 -21.38 -37.70
C ARG D 127 42.05 -20.83 -37.95
N ASP D 128 42.96 -21.69 -38.39
CA ASP D 128 44.35 -21.30 -38.58
C ASP D 128 44.64 -20.63 -39.95
N ASN D 129 43.61 -20.45 -40.78
CA ASN D 129 43.70 -19.64 -42.01
C ASN D 129 43.83 -18.13 -41.79
N ALA D 130 43.65 -17.72 -40.55
CA ALA D 130 43.88 -16.32 -40.21
C ALA D 130 44.51 -16.19 -38.85
N ASN D 131 45.12 -15.04 -38.66
CA ASN D 131 45.91 -14.71 -37.49
C ASN D 131 45.18 -13.69 -36.63
N ASP D 132 44.97 -14.02 -35.36
CA ASP D 132 44.30 -13.10 -34.47
C ASP D 132 45.24 -11.95 -34.13
N LEU D 133 44.92 -10.75 -34.61
CA LEU D 133 45.55 -9.56 -34.08
C LEU D 133 44.78 -9.27 -32.80
N GLY D 134 45.11 -8.20 -32.09
CA GLY D 134 44.27 -7.85 -30.96
C GLY D 134 42.99 -7.15 -31.42
N ASN D 135 42.18 -6.75 -30.44
CA ASN D 135 41.09 -5.80 -30.67
C ASN D 135 40.00 -6.31 -31.59
N GLY D 136 39.80 -7.63 -31.63
CA GLY D 136 38.72 -8.19 -32.44
C GLY D 136 39.00 -8.28 -33.94
N CYS D 137 40.25 -8.08 -34.37
CA CYS D 137 40.64 -8.21 -35.78
C CYS D 137 41.39 -9.50 -36.17
N PHE D 138 41.06 -10.03 -37.35
CA PHE D 138 41.78 -11.17 -37.90
C PHE D 138 42.53 -10.81 -39.19
N GLU D 139 43.77 -11.23 -39.30
CA GLU D 139 44.47 -11.07 -40.58
C GLU D 139 44.52 -12.41 -41.28
N PHE D 140 43.94 -12.48 -42.48
CA PHE D 140 43.97 -13.71 -43.25
C PHE D 140 45.40 -14.08 -43.66
N TRP D 141 45.67 -15.38 -43.78
CA TRP D 141 46.95 -15.86 -44.28
C TRP D 141 46.89 -16.06 -45.78
N HIS D 142 45.74 -15.75 -46.36
CA HIS D 142 45.52 -15.99 -47.77
C HIS D 142 44.84 -14.78 -48.37
N LYS D 143 44.92 -14.60 -49.68
CA LYS D 143 44.22 -13.46 -50.25
C LYS D 143 42.73 -13.65 -50.03
N CYS D 144 42.05 -12.64 -49.50
CA CYS D 144 40.62 -12.81 -49.25
C CYS D 144 39.84 -11.84 -50.12
N ASP D 145 38.96 -12.41 -50.93
CA ASP D 145 38.13 -11.74 -51.90
C ASP D 145 36.99 -10.96 -51.21
N ASN D 146 36.35 -10.05 -51.93
CA ASN D 146 35.16 -9.42 -51.42
C ASN D 146 34.15 -10.51 -51.17
N GLU D 147 34.10 -11.43 -52.11
CA GLU D 147 33.22 -12.58 -52.05
C GLU D 147 33.62 -13.46 -50.86
N CYS D 148 34.93 -13.57 -50.62
CA CYS D 148 35.41 -14.25 -49.41
C CYS D 148 35.01 -13.48 -48.14
N MET D 149 35.07 -12.15 -48.18
CA MET D 149 34.56 -11.35 -47.06
C MET D 149 33.11 -11.68 -46.78
N GLU D 150 32.31 -11.82 -47.84
CA GLU D 150 30.89 -12.09 -47.66
C GLU D 150 30.67 -13.50 -47.12
N SER D 151 31.54 -14.43 -47.47
CA SER D 151 31.34 -15.80 -47.02
C SER D 151 31.65 -15.92 -45.53
N VAL D 152 32.55 -15.07 -45.03
CA VAL D 152 32.78 -15.04 -43.59
C VAL D 152 31.56 -14.46 -42.89
N LYS D 153 31.05 -13.35 -43.42
CA LYS D 153 29.89 -12.69 -42.85
C LYS D 153 28.65 -13.59 -42.89
N ASN D 154 28.28 -14.10 -44.07
CA ASN D 154 27.02 -14.82 -44.18
C ASN D 154 27.16 -16.23 -43.63
N GLY D 155 28.35 -16.56 -43.15
CA GLY D 155 28.58 -17.81 -42.46
C GLY D 155 28.88 -19.03 -43.31
N THR D 156 29.37 -18.83 -44.53
CA THR D 156 29.69 -19.96 -45.42
C THR D 156 31.13 -19.87 -45.92
N TYR D 157 32.03 -19.42 -45.05
CA TYR D 157 33.44 -19.36 -45.39
C TYR D 157 33.91 -20.76 -45.66
N ASP D 158 34.74 -20.91 -46.69
CA ASP D 158 35.19 -22.22 -47.14
C ASP D 158 36.62 -22.44 -46.71
N TYR D 159 36.81 -22.99 -45.54
CA TYR D 159 38.13 -23.16 -44.96
C TYR D 159 39.07 -24.01 -45.82
N PRO D 160 38.62 -25.21 -46.27
CA PRO D 160 39.60 -26.03 -47.02
C PRO D 160 40.13 -25.35 -48.29
N LYS D 161 39.27 -24.58 -48.97
CA LYS D 161 39.64 -23.92 -50.21
C LYS D 161 40.89 -23.06 -50.10
N TYR D 162 41.19 -22.57 -48.90
CA TYR D 162 42.35 -21.71 -48.73
C TYR D 162 43.39 -22.29 -47.80
N GLN D 163 43.14 -23.50 -47.31
CA GLN D 163 44.04 -24.16 -46.34
C GLN D 163 45.48 -24.29 -46.86
N LYS D 164 45.67 -24.54 -48.15
CA LYS D 164 47.04 -24.70 -48.66
C LYS D 164 47.73 -23.35 -48.90
N GLU D 165 47.08 -22.42 -49.61
CA GLU D 165 47.63 -21.07 -49.77
C GLU D 165 47.99 -20.49 -48.42
N SER D 166 47.07 -20.67 -47.48
CA SER D 166 47.22 -20.14 -46.14
C SER D 166 48.43 -20.74 -45.40
N LYS D 167 48.55 -22.07 -45.42
CA LYS D 167 49.63 -22.74 -44.71
C LYS D 167 51.01 -22.46 -45.32
N LEU D 168 51.07 -22.35 -46.65
CA LEU D 168 52.32 -21.96 -47.32
C LEU D 168 52.76 -20.58 -46.86
N ASN D 169 51.79 -19.71 -46.63
CA ASN D 169 52.09 -18.37 -46.15
C ASN D 169 52.42 -18.39 -44.68
N ARG D 170 51.54 -19.04 -43.91
CA ARG D 170 51.63 -19.15 -42.45
C ARG D 170 53.06 -19.34 -41.94
N GLN D 171 53.83 -20.21 -42.60
CA GLN D 171 55.18 -20.49 -42.14
C GLN D 171 56.20 -20.58 -43.27
N GLY D 172 55.97 -19.83 -44.34
CA GLY D 172 57.06 -19.48 -45.24
C GLY D 172 57.72 -18.27 -44.60
N ILE D 173 56.90 -17.53 -43.86
CA ILE D 173 57.28 -16.36 -43.09
C ILE D 173 58.59 -16.50 -42.31
N PRO E 3 32.81 -37.94 -43.72
CA PRO E 3 33.47 -39.26 -43.63
C PRO E 3 33.81 -39.65 -42.18
N GLY E 4 34.32 -38.70 -41.39
CA GLY E 4 34.77 -38.99 -40.04
C GLY E 4 33.63 -39.08 -39.05
N ASP E 5 33.82 -39.88 -38.02
CA ASP E 5 32.90 -39.95 -36.90
C ASP E 5 32.66 -38.56 -36.30
N LYS E 6 31.46 -38.33 -35.77
CA LYS E 6 31.09 -37.03 -35.22
C LYS E 6 30.45 -37.17 -33.86
N ILE E 7 30.76 -36.23 -32.98
CA ILE E 7 29.97 -36.07 -31.76
C ILE E 7 29.52 -34.60 -31.73
N CYS E 8 28.27 -34.41 -31.32
CA CYS E 8 27.62 -33.11 -31.40
C CYS E 8 27.02 -32.79 -30.05
N ILE E 9 27.03 -31.50 -29.70
CA ILE E 9 26.36 -31.03 -28.50
C ILE E 9 25.05 -30.38 -28.91
N GLY E 10 24.01 -30.57 -28.10
CA GLY E 10 22.70 -30.04 -28.44
C GLY E 10 21.71 -30.05 -27.30
N TYR E 11 20.44 -29.87 -27.64
CA TYR E 11 19.47 -29.63 -26.59
C TYR E 11 18.11 -30.17 -26.99
N HIS E 12 17.34 -30.53 -25.96
CA HIS E 12 16.02 -31.16 -26.07
C HIS E 12 15.01 -30.36 -26.87
N ALA E 13 14.05 -31.07 -27.46
CA ALA E 13 12.93 -30.46 -28.16
C ALA E 13 11.68 -31.32 -27.93
N ASN E 14 10.50 -30.79 -28.13
CA ASN E 14 9.32 -31.60 -27.96
C ASN E 14 8.06 -31.06 -28.59
N ASN E 15 7.00 -31.85 -28.51
CA ASN E 15 5.76 -31.55 -29.23
C ASN E 15 5.03 -30.32 -28.62
N SER E 16 5.67 -29.66 -27.65
CA SER E 16 5.07 -28.49 -26.99
C SER E 16 4.71 -27.32 -27.90
N THR E 17 3.54 -26.75 -27.62
CA THR E 17 3.05 -25.55 -28.25
C THR E 17 2.61 -24.53 -27.18
N THR E 18 2.76 -24.91 -25.90
CA THR E 18 2.70 -23.97 -24.78
C THR E 18 3.70 -22.81 -24.89
N GLN E 19 3.24 -21.59 -24.65
CA GLN E 19 4.07 -20.40 -24.87
C GLN E 19 4.22 -19.54 -23.63
N VAL E 20 5.34 -18.83 -23.54
CA VAL E 20 5.55 -17.87 -22.48
C VAL E 20 6.03 -16.57 -23.08
N ASP E 21 5.97 -15.51 -22.27
CA ASP E 21 6.45 -14.20 -22.67
C ASP E 21 7.68 -13.90 -21.86
N THR E 22 8.61 -13.13 -22.43
CA THR E 22 9.75 -12.62 -21.66
C THR E 22 9.82 -11.12 -21.90
N LEU E 23 10.62 -10.40 -21.14
CA LEU E 23 10.85 -8.98 -21.42
C LEU E 23 11.30 -8.71 -22.85
N LEU E 24 12.11 -9.60 -23.43
CA LEU E 24 12.64 -9.40 -24.77
C LEU E 24 11.74 -9.95 -25.88
N GLU E 25 10.85 -10.88 -25.53
CA GLU E 25 10.10 -11.56 -26.58
C GLU E 25 8.75 -12.14 -26.13
N LYS E 26 7.75 -12.03 -27.01
CA LYS E 26 6.44 -12.60 -26.72
C LYS E 26 6.28 -13.92 -27.47
N ASN E 27 5.45 -14.80 -26.94
CA ASN E 27 5.04 -16.00 -27.63
C ASN E 27 6.17 -16.97 -27.95
N VAL E 28 7.03 -17.20 -26.97
CA VAL E 28 8.13 -18.13 -27.14
C VAL E 28 7.71 -19.52 -26.70
N THR E 29 7.58 -20.44 -27.66
CA THR E 29 7.29 -21.83 -27.36
C THR E 29 8.42 -22.40 -26.52
N VAL E 30 8.06 -23.08 -25.45
CA VAL E 30 9.02 -23.60 -24.51
C VAL E 30 8.63 -25.06 -24.17
N THR E 31 9.63 -25.90 -23.95
CA THR E 31 9.50 -27.33 -23.77
C THR E 31 8.76 -27.71 -22.50
N HIS E 32 8.94 -26.91 -21.45
CA HIS E 32 8.33 -27.20 -20.15
C HIS E 32 8.04 -25.88 -19.44
N SER E 33 6.82 -25.75 -18.92
CA SER E 33 6.45 -24.56 -18.17
C SER E 33 5.49 -24.86 -17.03
N VAL E 34 5.31 -23.89 -16.14
CA VAL E 34 4.42 -24.04 -15.01
C VAL E 34 3.51 -22.83 -14.88
N GLU E 35 2.20 -23.07 -14.96
CA GLU E 35 1.23 -21.98 -14.81
C GLU E 35 1.00 -21.74 -13.33
N LEU E 36 1.15 -20.48 -12.89
CA LEU E 36 1.06 -20.16 -11.46
C LEU E 36 -0.31 -19.60 -11.06
N LEU E 37 -1.17 -19.32 -12.05
CA LEU E 37 -2.44 -18.65 -11.80
C LEU E 37 -3.63 -19.56 -12.06
N GLU E 38 -4.59 -19.54 -11.11
CA GLU E 38 -5.83 -20.31 -11.19
C GLU E 38 -7.04 -19.49 -11.59
N ASN E 39 -7.67 -19.85 -12.71
CA ASN E 39 -8.78 -19.06 -13.22
C ASN E 39 -10.11 -19.78 -13.21
N GLN E 40 -10.22 -20.86 -12.43
CA GLN E 40 -11.41 -21.72 -12.37
C GLN E 40 -11.91 -21.85 -10.95
N LYS E 41 -13.23 -21.95 -10.81
CA LYS E 41 -13.88 -22.06 -9.51
C LYS E 41 -15.06 -23.02 -9.56
N GLU E 42 -15.44 -23.59 -8.41
CA GLU E 42 -16.73 -24.25 -8.28
C GLU E 42 -17.75 -23.21 -7.80
N LYS E 43 -18.79 -22.96 -8.59
CA LYS E 43 -19.80 -21.93 -8.31
C LYS E 43 -20.81 -22.29 -7.19
N ARG E 44 -20.32 -22.36 -5.95
CA ARG E 44 -21.15 -22.77 -4.84
C ARG E 44 -20.46 -22.39 -3.54
N PHE E 45 -21.18 -22.50 -2.43
CA PHE E 45 -20.59 -22.30 -1.11
C PHE E 45 -20.43 -23.63 -0.40
N CYS E 46 -19.25 -23.90 0.12
CA CYS E 46 -18.98 -25.16 0.79
C CYS E 46 -18.62 -24.96 2.24
N LYS E 47 -18.45 -26.05 2.95
CA LYS E 47 -18.02 -25.98 4.33
C LYS E 47 -16.56 -25.59 4.31
N ILE E 48 -16.09 -24.96 5.38
CA ILE E 48 -14.69 -24.56 5.39
C ILE E 48 -13.89 -25.49 6.29
N MET E 49 -13.82 -25.21 7.58
CA MET E 49 -13.10 -26.11 8.46
C MET E 49 -14.04 -27.19 8.92
N ASN E 50 -14.58 -27.93 7.96
CA ASN E 50 -15.54 -28.97 8.24
C ASN E 50 -16.76 -28.34 8.88
N LYS E 51 -16.95 -27.06 8.62
CA LYS E 51 -18.03 -26.30 9.22
C LYS E 51 -18.88 -25.55 8.20
N ALA E 52 -20.20 -25.73 8.30
CA ALA E 52 -21.14 -25.13 7.38
C ALA E 52 -21.26 -23.63 7.60
N PRO E 53 -21.66 -22.90 6.57
CA PRO E 53 -21.91 -21.48 6.77
C PRO E 53 -23.37 -21.26 7.20
N LEU E 54 -23.66 -20.07 7.75
CA LEU E 54 -25.03 -19.68 8.07
C LEU E 54 -25.73 -19.06 6.88
N ASP E 55 -26.84 -19.68 6.49
CA ASP E 55 -27.62 -19.21 5.37
C ASP E 55 -28.77 -18.38 5.89
N LEU E 56 -28.69 -17.07 5.73
CA LEU E 56 -29.76 -16.17 6.15
C LEU E 56 -31.06 -16.35 5.34
N LYS E 57 -30.90 -16.64 4.06
CA LYS E 57 -31.96 -17.04 3.14
C LYS E 57 -32.96 -15.98 2.72
N ASP E 58 -33.82 -15.57 3.65
CA ASP E 58 -34.83 -14.58 3.35
C ASP E 58 -34.72 -13.40 4.28
N CYS E 59 -33.70 -13.42 5.12
CA CYS E 59 -33.56 -12.45 6.17
C CYS E 59 -32.25 -11.70 6.02
N THR E 60 -32.31 -10.39 6.16
CA THR E 60 -31.13 -9.58 6.24
C THR E 60 -30.53 -9.78 7.62
N ILE E 61 -29.29 -9.33 7.80
CA ILE E 61 -28.65 -9.43 9.10
C ILE E 61 -29.48 -8.70 10.16
N GLU E 62 -30.06 -7.56 9.82
CA GLU E 62 -30.97 -6.86 10.76
C GLU E 62 -32.15 -7.74 11.19
N GLY E 63 -32.84 -8.33 10.21
CA GLY E 63 -33.94 -9.24 10.48
C GLY E 63 -33.58 -10.40 11.41
N TRP E 64 -32.46 -11.06 11.12
CA TRP E 64 -31.99 -12.16 11.95
C TRP E 64 -31.73 -11.73 13.40
N ILE E 65 -30.84 -10.77 13.67
CA ILE E 65 -30.49 -10.58 15.09
C ILE E 65 -31.50 -9.71 15.88
N LEU E 66 -32.47 -9.08 15.22
CA LEU E 66 -33.50 -8.33 15.96
C LEU E 66 -34.64 -9.26 16.31
N GLY E 67 -34.81 -10.32 15.52
CA GLY E 67 -35.80 -11.32 15.79
C GLY E 67 -37.09 -11.02 15.05
N ASN E 68 -36.95 -10.55 13.82
CA ASN E 68 -38.11 -10.38 12.95
C ASN E 68 -38.91 -11.68 12.96
N PRO E 69 -40.21 -11.58 13.29
CA PRO E 69 -41.15 -12.70 13.36
C PRO E 69 -41.08 -13.65 12.16
N LYS E 70 -40.83 -13.13 10.98
CA LYS E 70 -40.62 -13.95 9.80
C LYS E 70 -39.28 -14.71 9.83
N CYS E 71 -38.34 -14.21 10.62
CA CYS E 71 -37.00 -14.77 10.67
C CYS E 71 -36.74 -15.86 11.71
N ASP E 72 -37.73 -16.16 12.53
CA ASP E 72 -37.68 -17.39 13.28
C ASP E 72 -38.41 -18.19 12.32
N LEU E 73 -37.65 -18.97 11.57
CA LEU E 73 -36.74 -20.04 11.94
C LEU E 73 -35.20 -19.91 11.90
N LEU E 74 -34.64 -18.80 12.35
CA LEU E 74 -33.20 -18.72 12.56
C LEU E 74 -32.88 -18.54 14.01
N LEU E 75 -33.89 -18.66 14.83
CA LEU E 75 -33.96 -18.16 16.17
C LEU E 75 -33.14 -18.87 17.23
N GLY E 76 -32.77 -20.11 17.00
CA GLY E 76 -31.95 -20.82 17.97
C GLY E 76 -30.60 -20.21 18.28
N ASP E 77 -29.64 -21.09 18.45
CA ASP E 77 -28.28 -20.70 18.60
C ASP E 77 -27.73 -20.84 17.22
N GLN E 78 -26.57 -20.27 16.98
CA GLN E 78 -25.87 -20.40 15.72
C GLN E 78 -24.37 -20.56 15.83
N SER E 79 -23.85 -21.39 14.92
CA SER E 79 -22.41 -21.57 14.69
C SER E 79 -22.17 -21.45 13.20
N TRP E 80 -21.10 -20.76 12.81
CA TRP E 80 -20.88 -20.57 11.38
C TRP E 80 -19.40 -20.35 11.08
N SER E 81 -19.00 -20.68 9.87
CA SER E 81 -17.63 -20.46 9.40
C SER E 81 -17.60 -19.17 8.58
N TYR E 82 -18.80 -18.71 8.24
CA TYR E 82 -19.03 -17.47 7.50
C TYR E 82 -20.51 -17.32 7.20
N ILE E 83 -20.92 -16.12 6.82
CA ILE E 83 -22.34 -15.83 6.59
C ILE E 83 -22.66 -15.60 5.11
N VAL E 84 -23.82 -16.07 4.70
CA VAL E 84 -24.37 -15.76 3.38
C VAL E 84 -25.69 -15.00 3.50
N GLU E 85 -25.65 -13.70 3.19
CA GLU E 85 -26.84 -12.92 3.03
C GLU E 85 -27.23 -12.89 1.56
N ARG E 86 -28.42 -13.39 1.27
CA ARG E 86 -28.97 -13.33 -0.07
C ARG E 86 -29.41 -11.90 -0.37
N PRO E 87 -29.05 -11.42 -1.56
CA PRO E 87 -29.15 -10.00 -1.92
C PRO E 87 -30.57 -9.47 -1.88
N ASN E 88 -31.54 -10.31 -2.21
CA ASN E 88 -32.91 -9.85 -2.35
C ASN E 88 -33.77 -10.14 -1.14
N ALA E 89 -33.17 -10.78 -0.14
CA ALA E 89 -33.83 -11.08 1.13
C ALA E 89 -34.74 -9.95 1.58
N GLN E 90 -35.99 -10.28 1.94
CA GLN E 90 -37.00 -9.25 2.20
C GLN E 90 -37.33 -9.01 3.66
N ASN E 91 -36.86 -9.85 4.57
CA ASN E 91 -37.26 -9.71 5.96
C ASN E 91 -36.20 -9.09 6.86
N GLY E 92 -36.27 -7.77 7.04
CA GLY E 92 -35.29 -7.05 7.83
C GLY E 92 -35.92 -6.26 8.95
N ILE E 93 -35.66 -4.96 8.98
CA ILE E 93 -36.36 -4.06 9.89
C ILE E 93 -37.80 -3.89 9.43
N CYS E 94 -38.72 -4.40 10.24
CA CYS E 94 -40.12 -4.51 9.81
C CYS E 94 -40.88 -3.25 10.21
N TYR E 95 -40.72 -2.83 11.46
CA TYR E 95 -41.19 -1.53 11.92
C TYR E 95 -40.17 -0.44 11.58
N PRO E 96 -40.59 0.57 10.79
CA PRO E 96 -39.64 1.55 10.21
C PRO E 96 -38.83 2.30 11.26
N GLY E 97 -37.61 2.65 10.87
CA GLY E 97 -36.68 3.31 11.77
C GLY E 97 -35.27 3.02 11.35
N VAL E 98 -34.32 3.51 12.14
CA VAL E 98 -32.92 3.36 11.80
C VAL E 98 -32.22 2.53 12.86
N LEU E 99 -31.44 1.55 12.42
CA LEU E 99 -30.60 0.83 13.36
C LEU E 99 -29.31 1.62 13.41
N ASN E 100 -29.08 2.27 14.53
CA ASN E 100 -27.92 3.13 14.67
C ASN E 100 -26.60 2.37 14.68
N GLU E 101 -25.59 2.93 14.05
CA GLU E 101 -24.30 2.26 13.89
C GLU E 101 -24.43 0.90 13.22
N LEU E 102 -25.22 0.86 12.15
CA LEU E 102 -25.48 -0.36 11.41
C LEU E 102 -24.24 -1.01 10.84
N GLU E 103 -23.33 -0.19 10.31
CA GLU E 103 -22.19 -0.70 9.56
C GLU E 103 -21.21 -1.33 10.53
N GLU E 104 -21.12 -0.71 11.70
CA GLU E 104 -20.21 -1.14 12.74
C GLU E 104 -20.78 -2.41 13.46
N LEU E 105 -22.10 -2.51 13.50
CA LEU E 105 -22.74 -3.75 13.95
C LEU E 105 -22.52 -4.89 12.95
N LYS E 106 -22.55 -4.60 11.65
CA LYS E 106 -22.36 -5.66 10.67
C LYS E 106 -20.92 -6.19 10.82
N ALA E 107 -19.98 -5.29 11.10
CA ALA E 107 -18.58 -5.67 11.21
C ALA E 107 -18.30 -6.49 12.45
N PHE E 108 -19.09 -6.28 13.51
CA PHE E 108 -18.84 -6.99 14.77
C PHE E 108 -19.42 -8.42 14.69
N ILE E 109 -20.60 -8.54 14.11
CA ILE E 109 -21.21 -9.84 13.87
C ILE E 109 -20.32 -10.65 12.94
N GLY E 110 -19.73 -9.99 11.95
CA GLY E 110 -18.90 -10.67 10.97
C GLY E 110 -17.72 -11.36 11.62
N SER E 111 -17.12 -10.68 12.59
CA SER E 111 -16.19 -11.31 13.49
C SER E 111 -17.00 -12.21 14.41
N GLY E 112 -16.38 -13.27 14.91
CA GLY E 112 -17.08 -14.18 15.77
C GLY E 112 -17.67 -15.35 15.01
N GLU E 113 -17.79 -16.48 15.69
CA GLU E 113 -18.19 -17.72 15.04
C GLU E 113 -19.50 -18.27 15.55
N ARG E 114 -19.97 -17.79 16.69
CA ARG E 114 -21.13 -18.41 17.31
C ARG E 114 -21.86 -17.47 18.27
N VAL E 115 -23.18 -17.58 18.31
CA VAL E 115 -24.01 -16.88 19.32
C VAL E 115 -24.93 -17.83 20.09
N GLU E 116 -25.14 -17.54 21.37
CA GLU E 116 -26.15 -18.23 22.16
C GLU E 116 -27.24 -17.27 22.64
N ARG E 117 -28.45 -17.47 22.14
CA ARG E 117 -29.60 -16.63 22.50
C ARG E 117 -30.14 -16.95 23.89
N PHE E 118 -30.39 -15.93 24.70
CA PHE E 118 -30.93 -16.17 26.04
C PHE E 118 -31.81 -14.99 26.46
N GLU E 119 -32.68 -15.23 27.44
CA GLU E 119 -33.55 -14.18 27.96
C GLU E 119 -32.78 -13.27 28.92
N MET E 120 -32.41 -12.07 28.48
CA MET E 120 -31.64 -11.14 29.33
C MET E 120 -32.52 -10.45 30.38
N PHE E 121 -33.70 -9.98 29.96
CA PHE E 121 -34.66 -9.36 30.88
C PHE E 121 -36.02 -10.00 30.73
N PRO E 122 -36.42 -10.80 31.73
CA PRO E 122 -37.79 -11.31 31.69
C PRO E 122 -38.81 -10.14 31.72
N LYS E 123 -39.96 -10.32 31.08
CA LYS E 123 -41.03 -9.32 31.13
C LYS E 123 -41.35 -8.86 32.55
N SER E 124 -41.10 -9.74 33.53
CA SER E 124 -41.39 -9.45 34.93
C SER E 124 -40.52 -8.31 35.47
N THR E 125 -39.48 -7.97 34.71
CA THR E 125 -38.48 -6.98 35.12
C THR E 125 -39.07 -5.61 35.38
N TRP E 126 -40.05 -5.24 34.57
CA TRP E 126 -40.63 -3.91 34.60
C TRP E 126 -41.98 -3.93 35.28
N ALA E 127 -42.11 -3.12 36.32
CA ALA E 127 -43.28 -3.15 37.17
C ALA E 127 -44.23 -2.04 36.80
N GLY E 128 -45.52 -2.34 36.91
CA GLY E 128 -46.55 -1.33 36.84
C GLY E 128 -46.96 -1.01 35.42
N VAL E 129 -46.64 -1.93 34.52
CA VAL E 129 -46.74 -1.64 33.10
C VAL E 129 -47.09 -2.87 32.24
N ASP E 130 -47.84 -2.65 31.15
CA ASP E 130 -48.28 -3.74 30.27
C ASP E 130 -47.15 -4.25 29.36
N THR E 131 -47.13 -5.56 29.13
CA THR E 131 -46.09 -6.18 28.33
C THR E 131 -46.68 -7.11 27.25
N SER E 132 -47.98 -7.38 27.34
CA SER E 132 -48.63 -8.28 26.39
C SER E 132 -49.19 -7.59 25.17
N ARG E 133 -49.24 -6.27 25.19
CA ARG E 133 -49.89 -5.52 24.12
C ARG E 133 -48.97 -4.92 23.05
N GLY E 134 -47.66 -5.10 23.19
CA GLY E 134 -46.72 -4.45 22.31
C GLY E 134 -46.51 -5.16 21.00
N VAL E 135 -47.52 -5.12 20.14
CA VAL E 135 -47.48 -5.79 18.85
C VAL E 135 -47.94 -4.85 17.74
N THR E 136 -47.46 -5.06 16.53
CA THR E 136 -47.78 -4.18 15.43
C THR E 136 -48.14 -4.95 14.17
N ASN E 137 -48.91 -4.33 13.31
CA ASN E 137 -49.28 -4.93 12.05
C ASN E 137 -48.17 -4.73 11.02
N ALA E 138 -47.13 -4.01 11.41
CA ALA E 138 -45.98 -3.83 10.53
C ALA E 138 -45.00 -4.99 10.69
N CYS E 139 -45.20 -5.82 11.73
CA CYS E 139 -44.36 -6.98 11.99
C CYS E 139 -45.17 -8.28 12.04
N PRO E 140 -45.79 -8.67 10.90
CA PRO E 140 -46.49 -9.96 10.92
C PRO E 140 -45.54 -11.14 11.11
N SER E 141 -45.99 -12.19 11.79
CA SER E 141 -45.33 -13.48 11.68
C SER E 141 -45.95 -14.14 10.47
N TYR E 142 -45.64 -15.41 10.21
CA TYR E 142 -46.31 -16.15 9.13
C TYR E 142 -47.71 -16.58 9.57
N THR E 143 -47.91 -16.70 10.87
CA THR E 143 -49.16 -17.24 11.43
C THR E 143 -50.15 -16.16 11.94
N ILE E 144 -49.64 -14.97 12.27
CA ILE E 144 -50.48 -13.89 12.76
C ILE E 144 -50.10 -12.54 12.17
N ASP E 145 -51.10 -11.65 12.07
CA ASP E 145 -50.94 -10.38 11.36
C ASP E 145 -50.25 -9.29 12.15
N SER E 146 -50.24 -9.40 13.47
CA SER E 146 -49.62 -8.38 14.32
C SER E 146 -48.75 -9.03 15.38
N SER E 147 -47.44 -8.94 15.19
CA SER E 147 -46.46 -9.50 16.13
C SER E 147 -45.35 -8.48 16.40
N PHE E 148 -44.18 -8.94 16.84
CA PHE E 148 -43.07 -8.03 17.06
C PHE E 148 -41.78 -8.82 17.12
N TYR E 149 -40.64 -8.10 17.08
CA TYR E 149 -39.32 -8.71 17.16
C TYR E 149 -39.20 -9.60 18.40
N ARG E 150 -38.66 -10.80 18.22
CA ARG E 150 -38.62 -11.73 19.33
C ARG E 150 -37.64 -11.29 20.40
N ASN E 151 -36.73 -10.39 20.05
CA ASN E 151 -35.70 -10.01 21.01
C ASN E 151 -36.02 -8.74 21.78
N LEU E 152 -37.15 -8.11 21.46
CA LEU E 152 -37.50 -6.87 22.10
C LEU E 152 -38.91 -6.98 22.67
N VAL E 153 -39.22 -6.14 23.68
CA VAL E 153 -40.58 -5.97 24.14
C VAL E 153 -41.08 -4.53 23.97
N TRP E 154 -42.09 -4.35 23.15
CA TRP E 154 -42.72 -3.03 23.06
C TRP E 154 -43.62 -2.74 24.28
N ILE E 155 -43.06 -2.08 25.28
CA ILE E 155 -43.77 -1.86 26.53
C ILE E 155 -44.78 -0.73 26.34
N VAL E 156 -45.95 -0.89 26.95
CA VAL E 156 -47.07 0.00 26.72
C VAL E 156 -47.79 0.30 28.05
N LYS E 157 -48.50 1.42 28.14
CA LYS E 157 -49.29 1.76 29.34
C LYS E 157 -50.25 0.67 29.82
N THR E 158 -50.29 0.48 31.13
CA THR E 158 -51.37 -0.28 31.80
C THR E 158 -52.75 0.34 31.54
N ASP E 159 -53.75 -0.52 31.31
CA ASP E 159 -55.16 -0.13 31.12
C ASP E 159 -55.57 1.05 32.01
N SER E 160 -55.16 1.01 33.26
CA SER E 160 -55.30 2.17 34.13
C SER E 160 -53.98 2.95 34.09
N ALA E 161 -54.03 4.19 33.60
CA ALA E 161 -52.86 5.06 33.61
C ALA E 161 -52.32 5.15 35.05
N THR E 162 -51.08 5.55 35.26
CA THR E 162 -50.15 5.99 34.23
C THR E 162 -48.99 5.01 34.06
N TYR E 163 -48.04 5.40 33.20
CA TYR E 163 -46.79 4.68 32.96
C TYR E 163 -45.71 5.14 33.93
N PRO E 164 -45.39 4.31 34.93
CA PRO E 164 -44.46 4.70 36.00
C PRO E 164 -42.98 4.50 35.63
N VAL E 165 -42.08 4.95 36.49
CA VAL E 165 -40.67 4.65 36.27
C VAL E 165 -40.46 3.15 36.39
N ILE E 166 -39.96 2.55 35.31
CA ILE E 166 -39.59 1.13 35.31
C ILE E 166 -38.07 1.01 35.32
N LYS E 167 -37.59 -0.09 35.84
CA LYS E 167 -36.17 -0.24 36.08
C LYS E 167 -35.76 -1.70 35.92
N GLY E 168 -34.53 -1.90 35.49
CA GLY E 168 -34.03 -3.25 35.29
C GLY E 168 -32.52 -3.21 35.25
N THR E 169 -31.91 -4.26 35.77
CA THR E 169 -30.47 -4.39 35.68
C THR E 169 -30.12 -5.80 35.27
N TYR E 170 -28.94 -5.95 34.71
CA TYR E 170 -28.41 -7.26 34.39
C TYR E 170 -26.92 -7.20 34.62
N ASN E 171 -26.40 -8.29 35.17
CA ASN E 171 -25.00 -8.36 35.49
C ASN E 171 -24.35 -9.52 34.78
N ASN E 172 -23.45 -9.22 33.84
CA ASN E 172 -22.74 -10.27 33.11
C ASN E 172 -21.69 -11.01 33.94
N THR E 173 -22.04 -12.21 34.41
CA THR E 173 -21.16 -13.06 35.23
C THR E 173 -20.42 -14.08 34.38
N GLY E 174 -20.93 -14.33 33.18
CA GLY E 174 -20.29 -15.23 32.25
C GLY E 174 -18.90 -14.75 31.82
N THR E 175 -18.33 -15.47 30.87
CA THR E 175 -17.02 -15.15 30.37
C THR E 175 -17.12 -14.52 28.99
N GLN E 176 -18.31 -14.55 28.40
CA GLN E 176 -18.52 -14.10 27.03
C GLN E 176 -19.18 -12.73 26.92
N PRO E 177 -18.84 -11.97 25.87
CA PRO E 177 -19.54 -10.70 25.67
C PRO E 177 -21.02 -10.91 25.32
N ILE E 178 -21.87 -9.94 25.67
CA ILE E 178 -23.30 -9.99 25.36
C ILE E 178 -23.71 -8.89 24.38
N LEU E 179 -24.25 -9.32 23.25
CA LEU E 179 -24.74 -8.41 22.25
C LEU E 179 -26.25 -8.33 22.43
N TYR E 180 -26.76 -7.13 22.66
CA TYR E 180 -28.17 -6.89 22.95
C TYR E 180 -28.68 -5.63 22.29
N PHE E 181 -29.99 -5.54 22.17
CA PHE E 181 -30.64 -4.48 21.43
C PHE E 181 -31.73 -3.76 22.25
N TRP E 182 -32.07 -2.56 21.82
CA TRP E 182 -33.20 -1.86 22.38
C TRP E 182 -33.62 -0.74 21.48
N GLY E 183 -34.64 -0.02 21.88
CA GLY E 183 -35.29 0.92 21.00
C GLY E 183 -35.90 2.06 21.75
N VAL E 184 -36.24 3.09 21.00
CA VAL E 184 -36.99 4.22 21.51
C VAL E 184 -38.08 4.50 20.50
N HIS E 185 -39.34 4.48 20.97
CA HIS E 185 -40.47 4.70 20.11
C HIS E 185 -40.71 6.19 19.87
N HIS E 186 -40.99 6.55 18.61
CA HIS E 186 -41.24 7.95 18.23
C HIS E 186 -42.59 8.06 17.54
N PRO E 187 -43.63 8.43 18.29
CA PRO E 187 -44.98 8.46 17.70
C PRO E 187 -45.15 9.59 16.66
N LEU E 188 -46.09 9.41 15.75
CA LEU E 188 -46.37 10.50 14.82
C LEU E 188 -47.16 11.64 15.50
N ASP E 189 -47.92 11.34 16.57
CA ASP E 189 -48.79 12.31 17.30
C ASP E 189 -48.56 12.37 18.78
N THR E 190 -49.02 13.46 19.38
CA THR E 190 -49.16 13.52 20.82
C THR E 190 -50.34 12.66 21.31
N THR E 191 -51.25 12.35 20.39
CA THR E 191 -52.39 11.52 20.74
C THR E 191 -51.89 10.10 20.99
N VAL E 192 -51.19 9.55 20.01
CA VAL E 192 -50.58 8.23 20.12
C VAL E 192 -49.62 8.22 21.30
N GLN E 193 -48.84 9.28 21.48
CA GLN E 193 -47.96 9.36 22.65
C GLN E 193 -48.73 9.26 23.97
N ASP E 194 -49.79 10.07 24.13
CA ASP E 194 -50.60 10.04 25.36
C ASP E 194 -51.29 8.70 25.53
N ASN E 195 -51.86 8.19 24.46
CA ASN E 195 -52.48 6.87 24.50
C ASN E 195 -51.55 5.76 25.04
N LEU E 196 -50.38 5.57 24.41
CA LEU E 196 -49.48 4.48 24.79
C LEU E 196 -48.69 4.74 26.08
N TYR E 197 -48.33 5.99 26.31
CA TYR E 197 -47.46 6.33 27.42
C TYR E 197 -48.20 7.35 28.25
N GLY E 198 -47.61 7.88 29.31
CA GLY E 198 -48.38 8.88 30.04
C GLY E 198 -48.56 10.22 29.32
N SER E 199 -48.81 11.24 30.12
CA SER E 199 -48.50 12.58 29.69
C SER E 199 -47.18 12.82 30.37
N GLY E 200 -46.47 13.85 29.95
CA GLY E 200 -45.25 14.23 30.64
C GLY E 200 -44.00 13.95 29.83
N ASP E 201 -42.90 14.59 30.23
CA ASP E 201 -41.63 14.36 29.58
C ASP E 201 -41.15 12.93 29.79
N LYS E 202 -40.96 12.22 28.69
CA LYS E 202 -40.53 10.83 28.69
C LYS E 202 -39.05 10.72 28.34
N TYR E 203 -38.36 9.81 29.04
CA TYR E 203 -36.95 9.57 28.76
C TYR E 203 -36.69 8.06 28.72
N VAL E 204 -35.58 7.71 28.07
CA VAL E 204 -35.06 6.34 28.14
C VAL E 204 -33.58 6.48 28.41
N ARG E 205 -33.16 5.96 29.56
CA ARG E 205 -31.76 6.03 29.92
C ARG E 205 -31.15 4.65 30.18
N MET E 206 -29.92 4.47 29.73
CA MET E 206 -29.23 3.23 29.98
C MET E 206 -27.81 3.52 30.38
N GLY E 207 -27.23 2.62 31.15
CA GLY E 207 -25.86 2.82 31.61
C GLY E 207 -25.19 1.54 32.07
N THR E 208 -23.88 1.51 31.88
CA THR E 208 -23.03 0.43 32.34
C THR E 208 -21.82 1.10 32.96
N GLU E 209 -20.77 0.33 33.23
CA GLU E 209 -19.56 0.89 33.81
C GLU E 209 -18.85 1.84 32.83
N SER E 210 -19.05 1.60 31.53
CA SER E 210 -18.28 2.31 30.49
C SER E 210 -19.16 2.94 29.40
N MET E 211 -20.47 2.71 29.45
CA MET E 211 -21.40 3.19 28.43
C MET E 211 -22.49 4.07 29.05
N ASN E 212 -22.85 5.17 28.38
CA ASN E 212 -23.94 6.06 28.80
C ASN E 212 -24.93 6.34 27.67
N PHE E 213 -26.19 6.00 27.88
CA PHE E 213 -27.21 6.31 26.89
C PHE E 213 -28.38 7.13 27.45
N ALA E 214 -28.82 8.14 26.70
CA ALA E 214 -30.00 8.96 27.08
C ALA E 214 -30.73 9.46 25.84
N LYS E 215 -32.04 9.29 25.79
CA LYS E 215 -32.83 9.74 24.64
C LYS E 215 -34.27 10.05 25.03
N SER E 216 -34.88 11.02 24.33
CA SER E 216 -36.28 11.36 24.52
C SER E 216 -37.07 11.29 23.21
N PRO E 217 -38.37 11.01 23.32
CA PRO E 217 -39.20 10.92 22.11
C PRO E 217 -39.23 12.22 21.28
N GLU E 218 -39.30 12.04 19.97
CA GLU E 218 -39.26 13.11 18.97
C GLU E 218 -40.50 12.98 18.11
N ILE E 219 -41.61 13.53 18.57
CA ILE E 219 -42.86 13.25 17.92
C ILE E 219 -43.04 14.06 16.65
N ALA E 220 -43.32 13.38 15.55
CA ALA E 220 -43.64 14.01 14.29
C ALA E 220 -44.08 12.91 13.34
N ALA E 221 -44.73 13.28 12.24
CA ALA E 221 -45.13 12.26 11.28
C ALA E 221 -44.15 12.19 10.10
N ARG E 222 -43.54 11.02 9.93
CA ARG E 222 -42.67 10.76 8.81
C ARG E 222 -43.49 10.10 7.71
N PRO E 223 -42.93 10.01 6.49
CA PRO E 223 -43.67 9.31 5.43
C PRO E 223 -44.00 7.86 5.81
N ALA E 224 -45.16 7.38 5.36
CA ALA E 224 -45.61 6.03 5.69
C ALA E 224 -44.68 4.97 5.12
N VAL E 225 -44.26 4.05 5.98
CA VAL E 225 -43.46 2.89 5.57
C VAL E 225 -44.01 1.68 6.29
N ASN E 226 -44.46 0.66 5.55
CA ASN E 226 -45.23 -0.44 6.13
C ASN E 226 -46.43 0.08 6.99
N GLY E 227 -47.15 1.07 6.45
CA GLY E 227 -48.29 1.66 7.14
C GLY E 227 -47.98 2.49 8.37
N GLN E 228 -46.71 2.79 8.59
CA GLN E 228 -46.31 3.49 9.82
C GLN E 228 -45.64 4.83 9.54
N ARG E 229 -46.22 5.89 10.11
CA ARG E 229 -45.66 7.23 10.04
C ARG E 229 -44.93 7.56 11.34
N SER E 230 -45.01 6.64 12.32
CA SER E 230 -44.13 6.67 13.47
C SER E 230 -42.80 5.94 13.15
N ARG E 231 -41.81 6.06 14.03
CA ARG E 231 -40.54 5.38 13.84
C ARG E 231 -40.11 4.82 15.18
N ILE E 232 -39.12 3.92 15.10
CA ILE E 232 -38.37 3.43 16.23
C ILE E 232 -36.89 3.64 15.89
N ASP E 233 -36.15 4.25 16.81
CA ASP E 233 -34.70 4.23 16.72
C ASP E 233 -34.22 2.99 17.47
N TYR E 234 -33.66 2.04 16.74
CA TYR E 234 -33.05 0.84 17.35
C TYR E 234 -31.59 1.06 17.73
N TYR E 235 -31.14 0.38 18.78
CA TYR E 235 -29.75 0.46 19.20
C TYR E 235 -29.15 -0.91 19.53
N TRP E 236 -27.84 -0.98 19.52
CA TRP E 236 -27.16 -2.21 19.88
C TRP E 236 -25.99 -1.89 20.75
N SER E 237 -25.54 -2.87 21.52
CA SER E 237 -24.32 -2.69 22.27
C SER E 237 -23.72 -4.02 22.73
N VAL E 238 -22.61 -3.91 23.45
CA VAL E 238 -21.95 -5.10 23.92
C VAL E 238 -21.66 -4.95 25.40
N LEU E 239 -22.27 -5.82 26.19
CA LEU E 239 -22.04 -5.83 27.62
C LEU E 239 -20.86 -6.76 27.92
N ARG E 240 -19.73 -6.19 28.31
CA ARG E 240 -18.50 -6.97 28.51
C ARG E 240 -18.65 -7.90 29.71
N PRO E 241 -17.84 -8.97 29.75
CA PRO E 241 -17.81 -9.83 30.95
C PRO E 241 -17.48 -9.01 32.19
N GLY E 242 -18.30 -9.16 33.24
CA GLY E 242 -18.11 -8.39 34.46
C GLY E 242 -18.81 -7.03 34.51
N GLU E 243 -19.44 -6.64 33.42
CA GLU E 243 -20.11 -5.34 33.37
C GLU E 243 -21.60 -5.49 33.66
N THR E 244 -22.13 -4.59 34.48
CA THR E 244 -23.57 -4.56 34.74
C THR E 244 -24.25 -3.52 33.84
N LEU E 245 -25.43 -3.88 33.32
CA LEU E 245 -26.26 -2.95 32.57
C LEU E 245 -27.41 -2.42 33.44
N ASN E 246 -27.53 -1.09 33.61
CA ASN E 246 -28.72 -0.48 34.26
C ASN E 246 -29.62 0.22 33.25
N VAL E 247 -30.90 -0.10 33.33
CA VAL E 247 -31.92 0.37 32.39
C VAL E 247 -33.04 1.10 33.11
N GLU E 248 -33.25 2.36 32.75
CA GLU E 248 -34.30 3.14 33.38
C GLU E 248 -35.06 3.99 32.38
N SER E 249 -36.40 3.87 32.41
CA SER E 249 -37.25 4.66 31.53
C SER E 249 -38.60 4.96 32.15
N ASN E 250 -39.24 6.05 31.73
CA ASN E 250 -40.60 6.30 32.18
C ASN E 250 -41.60 6.34 31.00
N GLY E 251 -41.21 5.72 29.88
CA GLY E 251 -42.04 5.64 28.69
C GLY E 251 -41.22 5.58 27.41
N ASN E 252 -41.81 5.05 26.33
CA ASN E 252 -41.20 5.00 24.98
C ASN E 252 -40.02 4.01 24.82
N LEU E 253 -39.72 3.29 25.89
CA LEU E 253 -38.75 2.21 25.85
C LEU E 253 -39.25 0.99 25.06
N ILE E 254 -38.47 0.59 24.05
CA ILE E 254 -38.67 -0.72 23.46
C ILE E 254 -37.58 -1.54 24.11
N ALA E 255 -37.99 -2.45 24.98
CA ALA E 255 -37.05 -3.03 25.92
C ALA E 255 -36.28 -4.23 25.35
N PRO E 256 -35.02 -4.41 25.81
CA PRO E 256 -34.28 -5.64 25.53
C PRO E 256 -35.02 -6.83 26.11
N TRP E 257 -35.25 -7.86 25.33
CA TRP E 257 -35.88 -9.05 25.90
C TRP E 257 -34.87 -10.20 25.87
N TYR E 258 -34.55 -10.66 24.67
CA TYR E 258 -33.53 -11.67 24.48
C TYR E 258 -32.26 -11.05 23.89
N ALA E 259 -31.11 -11.63 24.24
CA ALA E 259 -29.81 -11.17 23.78
C ALA E 259 -28.88 -12.34 23.45
N TYR E 260 -27.63 -12.05 23.12
CA TYR E 260 -26.74 -13.09 22.63
C TYR E 260 -25.38 -13.13 23.31
N LYS E 261 -25.10 -14.28 23.88
CA LYS E 261 -23.73 -14.65 24.21
C LYS E 261 -23.02 -14.78 22.89
N PHE E 262 -21.91 -14.07 22.78
CA PHE E 262 -21.24 -13.86 21.51
C PHE E 262 -19.80 -14.35 21.59
N VAL E 263 -19.44 -15.34 20.79
CA VAL E 263 -18.03 -15.76 20.80
C VAL E 263 -17.34 -15.37 19.50
N SER E 264 -16.26 -14.61 19.63
CA SER E 264 -15.34 -14.38 18.51
C SER E 264 -14.45 -15.60 18.27
N LYS E 267 -9.91 -15.07 13.88
CA LYS E 267 -9.57 -15.45 12.51
C LYS E 267 -10.15 -14.45 11.53
N LYS E 268 -10.27 -14.90 10.29
CA LYS E 268 -10.87 -14.09 9.24
C LYS E 268 -12.37 -14.32 9.23
N GLY E 269 -13.13 -13.24 9.33
CA GLY E 269 -14.57 -13.33 9.24
C GLY E 269 -15.03 -12.99 7.85
N ALA E 270 -16.21 -13.47 7.49
CA ALA E 270 -16.73 -13.25 6.16
C ALA E 270 -18.25 -13.20 6.12
N VAL E 271 -18.77 -12.13 5.53
CA VAL E 271 -20.17 -12.01 5.23
C VAL E 271 -20.30 -11.88 3.72
N PHE E 272 -20.65 -12.98 3.07
CA PHE E 272 -20.80 -12.98 1.63
C PHE E 272 -22.22 -12.60 1.24
N LYS E 273 -22.33 -11.70 0.28
CA LYS E 273 -23.63 -11.33 -0.27
C LYS E 273 -23.71 -11.93 -1.65
N SER E 274 -24.45 -13.01 -1.77
CA SER E 274 -24.37 -13.81 -2.98
C SER E 274 -25.64 -14.63 -3.15
N ASP E 275 -25.79 -15.30 -4.28
CA ASP E 275 -26.97 -16.09 -4.53
C ASP E 275 -26.61 -17.54 -4.81
N LEU E 276 -25.33 -17.87 -4.69
CA LEU E 276 -24.85 -19.22 -5.02
C LEU E 276 -25.45 -20.21 -4.02
N PRO E 277 -25.62 -21.49 -4.44
CA PRO E 277 -26.17 -22.53 -3.56
C PRO E 277 -25.19 -22.96 -2.48
N ILE E 278 -25.69 -23.48 -1.36
CA ILE E 278 -24.83 -24.04 -0.31
C ILE E 278 -24.95 -25.54 -0.34
N GLU E 279 -23.99 -26.21 -0.99
CA GLU E 279 -24.05 -27.66 -1.15
C GLU E 279 -23.27 -28.41 -0.06
N ASN E 280 -23.41 -29.73 -0.04
CA ASN E 280 -22.87 -30.55 1.05
C ASN E 280 -21.40 -30.93 0.82
N CYS E 281 -20.66 -29.97 0.28
CA CYS E 281 -19.26 -30.16 -0.09
C CYS E 281 -18.33 -29.69 1.04
N ASP E 282 -17.05 -30.02 0.93
CA ASP E 282 -16.05 -29.49 1.87
C ASP E 282 -14.98 -28.77 1.05
N ALA E 283 -14.25 -27.86 1.68
CA ALA E 283 -13.34 -26.96 0.95
C ALA E 283 -12.29 -26.35 1.84
N THR E 284 -11.23 -25.89 1.19
CA THR E 284 -10.07 -25.34 1.85
C THR E 284 -10.14 -23.81 1.72
N CYS E 285 -10.56 -23.39 0.53
CA CYS E 285 -10.61 -22.00 0.14
C CYS E 285 -11.97 -21.65 -0.48
N GLN E 286 -12.68 -20.71 0.16
CA GLN E 286 -13.97 -20.23 -0.34
C GLN E 286 -13.93 -18.74 -0.69
N THR E 287 -14.33 -18.41 -1.92
CA THR E 287 -14.47 -17.02 -2.31
C THR E 287 -15.93 -16.68 -2.55
N ILE E 288 -16.21 -15.38 -2.60
CA ILE E 288 -17.58 -14.88 -2.71
C ILE E 288 -18.26 -15.33 -4.01
N THR E 289 -17.46 -15.74 -5.00
CA THR E 289 -18.02 -16.19 -6.27
C THR E 289 -17.78 -17.69 -6.51
N GLY E 290 -17.21 -18.38 -5.53
CA GLY E 290 -17.10 -19.82 -5.61
C GLY E 290 -15.89 -20.45 -4.94
N VAL E 291 -15.82 -21.78 -4.99
CA VAL E 291 -14.76 -22.51 -4.31
C VAL E 291 -13.52 -22.57 -5.18
N LEU E 292 -12.36 -22.39 -4.56
CA LEU E 292 -11.10 -22.64 -5.23
C LEU E 292 -10.49 -23.89 -4.64
N ARG E 293 -10.32 -24.92 -5.46
CA ARG E 293 -9.60 -26.12 -5.05
C ARG E 293 -8.35 -26.27 -5.91
N THR E 294 -7.21 -25.83 -5.38
CA THR E 294 -6.06 -25.60 -6.24
C THR E 294 -4.75 -25.52 -5.45
N ASN E 295 -3.64 -25.82 -6.12
CA ASN E 295 -2.32 -25.67 -5.52
C ASN E 295 -1.60 -24.45 -6.05
N LYS E 296 -2.17 -23.83 -7.07
CA LYS E 296 -1.53 -22.69 -7.70
C LYS E 296 -1.39 -21.55 -6.69
N THR E 297 -0.47 -20.61 -6.96
CA THR E 297 -0.13 -19.61 -5.94
C THR E 297 -0.80 -18.25 -6.21
N PHE E 298 -1.24 -18.03 -7.44
CA PHE E 298 -2.10 -16.90 -7.74
C PHE E 298 -3.50 -17.35 -8.20
N GLN E 299 -4.47 -16.46 -8.00
CA GLN E 299 -5.84 -16.68 -8.47
C GLN E 299 -6.50 -15.42 -9.04
N ASN E 300 -7.28 -15.55 -10.09
CA ASN E 300 -7.88 -14.34 -10.63
C ASN E 300 -9.37 -14.22 -10.36
N VAL E 301 -9.84 -14.97 -9.37
CA VAL E 301 -11.27 -15.16 -9.16
C VAL E 301 -11.94 -14.05 -8.34
N SER E 302 -11.39 -13.77 -7.16
CA SER E 302 -11.94 -12.75 -6.26
C SER E 302 -10.94 -12.33 -5.19
N PRO E 303 -10.97 -11.04 -4.81
CA PRO E 303 -10.22 -10.54 -3.65
C PRO E 303 -10.91 -10.84 -2.30
N LEU E 304 -12.15 -11.34 -2.33
CA LEU E 304 -12.87 -11.62 -1.10
C LEU E 304 -12.97 -13.10 -0.87
N TRP E 305 -12.41 -13.57 0.25
CA TRP E 305 -12.46 -14.99 0.53
C TRP E 305 -12.27 -15.31 1.99
N ILE E 306 -12.54 -16.57 2.31
CA ILE E 306 -12.21 -17.15 3.61
C ILE E 306 -11.44 -18.46 3.40
N GLY E 307 -10.58 -18.82 4.35
CA GLY E 307 -9.76 -20.02 4.27
C GLY E 307 -8.33 -19.72 3.82
N GLU E 308 -7.66 -20.69 3.22
CA GLU E 308 -6.34 -20.46 2.67
C GLU E 308 -6.38 -20.37 1.15
N CYS E 309 -6.17 -19.17 0.62
CA CYS E 309 -6.39 -18.93 -0.79
C CYS E 309 -5.16 -18.37 -1.49
N PRO E 310 -5.08 -18.58 -2.80
CA PRO E 310 -3.95 -17.95 -3.51
C PRO E 310 -4.14 -16.43 -3.55
N LYS E 311 -3.04 -15.69 -3.79
CA LYS E 311 -3.05 -14.23 -3.88
C LYS E 311 -3.86 -13.79 -5.11
N TYR E 312 -4.68 -12.77 -4.93
CA TYR E 312 -5.51 -12.29 -6.01
C TYR E 312 -4.75 -11.26 -6.85
N VAL E 313 -4.83 -11.38 -8.18
CA VAL E 313 -4.14 -10.48 -9.10
C VAL E 313 -5.01 -10.33 -10.34
N LYS E 314 -4.89 -9.22 -11.06
CA LYS E 314 -5.73 -9.01 -12.25
C LYS E 314 -5.24 -9.77 -13.50
N SER E 315 -4.09 -10.43 -13.42
CA SER E 315 -3.55 -11.14 -14.58
C SER E 315 -4.46 -12.25 -15.15
N GLU E 316 -4.30 -12.55 -16.43
CA GLU E 316 -5.01 -13.66 -17.05
C GLU E 316 -4.18 -14.93 -16.99
N SER E 317 -2.87 -14.77 -16.86
CA SER E 317 -1.95 -15.90 -16.92
C SER E 317 -0.60 -15.51 -16.33
N LEU E 318 0.04 -16.45 -15.66
CA LEU E 318 1.34 -16.21 -15.05
C LEU E 318 2.20 -17.46 -15.27
N ARG E 319 2.61 -17.68 -16.50
CA ARG E 319 3.31 -18.93 -16.78
C ARG E 319 4.83 -18.76 -16.77
N LEU E 320 5.49 -19.43 -15.82
CA LEU E 320 6.95 -19.46 -15.79
C LEU E 320 7.50 -20.53 -16.73
N ALA E 321 8.45 -20.16 -17.59
CA ALA E 321 9.26 -21.16 -18.31
C ALA E 321 10.17 -21.86 -17.32
N THR E 322 10.22 -23.17 -17.45
CA THR E 322 11.16 -24.00 -16.69
C THR E 322 12.13 -24.71 -17.63
N GLY E 323 11.59 -25.27 -18.72
CA GLY E 323 12.43 -25.85 -19.76
C GLY E 323 13.02 -24.75 -20.64
N LEU E 324 13.40 -25.11 -21.86
CA LEU E 324 14.07 -24.15 -22.73
C LEU E 324 13.26 -23.84 -23.98
N ARG E 325 13.77 -22.93 -24.80
CA ARG E 325 13.14 -22.57 -26.05
C ARG E 325 13.01 -23.78 -26.96
N ASN E 326 11.80 -24.02 -27.43
CA ASN E 326 11.48 -25.21 -28.19
C ASN E 326 11.65 -24.96 -29.68
N VAL E 327 12.68 -25.55 -30.27
CA VAL E 327 12.86 -25.41 -31.70
C VAL E 327 13.19 -26.82 -32.24
N PRO E 328 12.12 -27.65 -32.43
CA PRO E 328 12.18 -29.01 -32.97
C PRO E 328 12.49 -29.07 -34.47
N GLN E 329 13.10 -30.16 -34.93
CA GLN E 329 13.37 -30.37 -36.35
C GLN E 329 12.49 -31.49 -36.90
N GLY F 1 20.26 -16.32 -29.42
CA GLY F 1 19.92 -16.43 -28.02
C GLY F 1 21.10 -15.76 -27.40
N ILE F 2 21.11 -15.44 -26.09
CA ILE F 2 22.16 -14.54 -25.53
C ILE F 2 23.59 -15.15 -25.29
N PHE F 3 23.70 -16.44 -24.94
CA PHE F 3 25.01 -17.09 -24.97
C PHE F 3 25.25 -17.69 -26.35
N GLY F 4 24.34 -17.41 -27.28
CA GLY F 4 24.52 -17.73 -28.68
C GLY F 4 24.41 -19.17 -29.15
N ALA F 5 24.16 -20.11 -28.23
CA ALA F 5 24.09 -21.52 -28.62
C ALA F 5 22.69 -21.93 -29.03
N ILE F 6 21.73 -21.85 -28.10
CA ILE F 6 20.32 -22.19 -28.37
C ILE F 6 19.71 -21.22 -29.38
N ALA F 7 19.08 -21.77 -30.42
CA ALA F 7 18.59 -21.01 -31.57
C ALA F 7 19.64 -20.03 -32.06
N GLY F 8 20.89 -20.48 -31.96
CA GLY F 8 22.05 -19.65 -32.25
C GLY F 8 22.90 -20.47 -33.18
N PHE F 9 24.16 -20.75 -32.84
CA PHE F 9 25.00 -21.52 -33.73
C PHE F 9 24.63 -23.02 -33.69
N ILE F 10 23.82 -23.43 -32.72
CA ILE F 10 23.22 -24.77 -32.80
C ILE F 10 21.78 -24.50 -33.16
N GLU F 11 21.55 -24.50 -34.47
CA GLU F 11 20.37 -23.92 -35.07
C GLU F 11 19.05 -24.48 -34.55
N GLY F 12 19.06 -25.73 -34.10
CA GLY F 12 17.83 -26.38 -33.67
C GLY F 12 18.05 -27.35 -32.54
N GLY F 13 16.95 -27.86 -31.98
CA GLY F 13 17.04 -28.83 -30.90
C GLY F 13 16.78 -30.24 -31.40
N TRP F 14 16.84 -31.21 -30.48
CA TRP F 14 16.66 -32.61 -30.82
C TRP F 14 15.40 -33.28 -30.19
N THR F 15 14.37 -33.50 -31.00
CA THR F 15 13.22 -34.31 -30.57
C THR F 15 13.65 -35.69 -30.11
N GLY F 16 14.78 -36.15 -30.64
CA GLY F 16 15.24 -37.49 -30.36
C GLY F 16 15.82 -37.62 -28.98
N MET F 17 16.52 -36.60 -28.50
CA MET F 17 17.06 -36.65 -27.15
C MET F 17 15.94 -36.42 -26.11
N ILE F 18 15.56 -37.51 -25.42
CA ILE F 18 14.31 -37.62 -24.66
C ILE F 18 14.51 -37.52 -23.16
N ASP F 19 15.66 -37.97 -22.70
CA ASP F 19 15.93 -38.17 -21.28
C ASP F 19 16.59 -36.96 -20.62
N GLY F 20 16.84 -35.90 -21.37
CA GLY F 20 17.56 -34.77 -20.82
C GLY F 20 17.35 -33.43 -21.49
N TRP F 21 17.62 -32.36 -20.75
CA TRP F 21 17.66 -31.01 -21.31
C TRP F 21 18.81 -30.74 -22.30
N TYR F 22 20.00 -31.24 -21.96
CA TYR F 22 21.21 -31.04 -22.76
C TYR F 22 21.87 -32.38 -23.04
N GLY F 23 22.45 -32.54 -24.23
CA GLY F 23 22.86 -33.85 -24.70
C GLY F 23 23.90 -33.97 -25.79
N TYR F 24 24.31 -35.20 -26.06
CA TYR F 24 25.23 -35.51 -27.14
C TYR F 24 24.59 -36.37 -28.22
N HIS F 25 24.81 -35.99 -29.48
CA HIS F 25 24.51 -36.83 -30.64
C HIS F 25 25.85 -37.34 -31.23
N HIS F 26 25.93 -38.61 -31.56
CA HIS F 26 27.15 -39.11 -32.15
C HIS F 26 26.86 -39.91 -33.40
N GLU F 27 27.81 -39.92 -34.33
CA GLU F 27 27.70 -40.82 -35.49
C GLU F 27 28.96 -41.70 -35.59
N ASN F 28 28.77 -42.97 -35.87
CA ASN F 28 29.92 -43.82 -36.12
C ASN F 28 29.57 -45.14 -36.77
N SER F 29 30.60 -45.87 -37.16
CA SER F 29 30.47 -47.09 -37.93
C SER F 29 29.46 -48.03 -37.24
N GLN F 30 29.35 -47.94 -35.91
CA GLN F 30 28.42 -48.77 -35.15
C GLN F 30 27.01 -48.18 -35.07
N GLY F 31 26.83 -46.93 -35.51
CA GLY F 31 25.52 -46.28 -35.49
C GLY F 31 25.51 -44.83 -35.03
N SER F 32 24.33 -44.36 -34.61
CA SER F 32 24.15 -42.96 -34.20
C SER F 32 23.09 -42.86 -33.13
N GLY F 33 23.18 -41.85 -32.26
CA GLY F 33 22.20 -41.74 -31.20
C GLY F 33 22.22 -40.46 -30.40
N TYR F 34 21.37 -40.42 -29.37
CA TYR F 34 21.22 -39.29 -28.45
C TYR F 34 21.50 -39.71 -27.01
N ALA F 35 22.13 -38.83 -26.25
CA ALA F 35 22.40 -39.13 -24.84
C ALA F 35 22.49 -37.85 -24.01
N ALA F 36 21.70 -37.79 -22.94
CA ALA F 36 21.70 -36.61 -22.07
C ALA F 36 22.90 -36.58 -21.15
N ASP F 37 23.44 -35.41 -20.93
CA ASP F 37 24.45 -35.19 -19.89
C ASP F 37 23.68 -35.16 -18.58
N ARG F 38 23.79 -36.23 -17.80
CA ARG F 38 22.99 -36.44 -16.61
C ARG F 38 23.28 -35.36 -15.56
N GLU F 39 24.54 -34.97 -15.45
CA GLU F 39 24.97 -34.05 -14.40
C GLU F 39 24.52 -32.60 -14.63
N SER F 40 24.74 -32.05 -15.82
CA SER F 40 24.34 -30.67 -16.03
C SER F 40 22.79 -30.55 -16.12
N THR F 41 22.12 -31.61 -16.55
CA THR F 41 20.68 -31.56 -16.65
C THR F 41 20.10 -31.52 -15.25
N GLN F 42 20.53 -32.44 -14.40
CA GLN F 42 20.11 -32.42 -13.01
C GLN F 42 20.48 -31.12 -12.32
N LYS F 43 21.66 -30.58 -12.61
CA LYS F 43 22.08 -29.35 -11.96
C LYS F 43 21.15 -28.21 -12.36
N ALA F 44 20.59 -28.30 -13.57
CA ALA F 44 19.65 -27.28 -14.05
C ALA F 44 18.25 -27.45 -13.45
N ILE F 45 17.78 -28.70 -13.42
CA ILE F 45 16.54 -29.06 -12.77
C ILE F 45 16.52 -28.63 -11.31
N ASP F 46 17.64 -28.79 -10.61
CA ASP F 46 17.68 -28.41 -9.20
C ASP F 46 17.54 -26.91 -9.04
N GLY F 47 18.27 -26.17 -9.87
CA GLY F 47 18.24 -24.72 -9.89
C GLY F 47 16.88 -24.15 -10.24
N ILE F 48 16.34 -24.54 -11.40
CA ILE F 48 15.01 -24.08 -11.84
C ILE F 48 13.93 -24.37 -10.76
N THR F 49 13.95 -25.58 -10.23
CA THR F 49 13.08 -26.01 -9.15
C THR F 49 13.18 -25.08 -7.95
N ASN F 50 14.41 -24.81 -7.52
CA ASN F 50 14.61 -23.92 -6.39
C ASN F 50 14.11 -22.50 -6.69
N LYS F 51 14.16 -22.09 -7.95
CA LYS F 51 13.77 -20.75 -8.33
C LYS F 51 12.25 -20.63 -8.23
N VAL F 52 11.56 -21.61 -8.82
CA VAL F 52 10.10 -21.70 -8.76
C VAL F 52 9.61 -21.75 -7.30
N ASN F 53 10.33 -22.45 -6.42
CA ASN F 53 9.89 -22.52 -5.02
C ASN F 53 10.18 -21.26 -4.25
N SER F 54 11.22 -20.54 -4.68
CA SER F 54 11.57 -19.27 -4.04
C SER F 54 10.51 -18.24 -4.38
N ILE F 55 10.06 -18.26 -5.63
CA ILE F 55 9.06 -17.34 -6.08
C ILE F 55 7.72 -17.61 -5.41
N ILE F 56 7.29 -18.86 -5.43
CA ILE F 56 6.10 -19.28 -4.75
C ILE F 56 6.16 -18.87 -3.27
N ASN F 57 7.31 -19.07 -2.64
CA ASN F 57 7.46 -18.75 -1.22
C ASN F 57 7.35 -17.26 -0.91
N LYS F 58 7.99 -16.44 -1.73
CA LYS F 58 7.94 -15.00 -1.56
C LYS F 58 6.53 -14.45 -1.75
N MET F 59 5.75 -15.17 -2.55
CA MET F 59 4.41 -14.77 -2.96
C MET F 59 3.35 -15.31 -2.01
N ASN F 60 3.79 -15.91 -0.91
CA ASN F 60 2.90 -16.54 0.04
C ASN F 60 1.89 -15.63 0.71
N THR F 61 2.30 -14.43 1.08
CA THR F 61 1.41 -13.51 1.76
C THR F 61 0.29 -13.06 0.84
N GLN F 62 -0.86 -12.79 1.43
CA GLN F 62 -1.97 -12.24 0.70
C GLN F 62 -2.43 -10.96 1.35
N PHE F 63 -3.02 -10.06 0.59
CA PHE F 63 -3.59 -8.85 1.13
C PHE F 63 -5.05 -9.08 1.35
N GLU F 64 -5.56 -8.73 2.52
CA GLU F 64 -6.94 -9.02 2.81
C GLU F 64 -7.88 -7.92 2.45
N ALA F 65 -8.56 -8.07 1.34
CA ALA F 65 -9.76 -7.25 1.07
C ALA F 65 -10.93 -7.67 1.99
N VAL F 66 -11.83 -6.77 2.32
CA VAL F 66 -12.82 -7.12 3.33
C VAL F 66 -14.29 -6.97 2.92
N ASP F 67 -14.63 -5.88 2.24
CA ASP F 67 -16.04 -5.55 1.99
C ASP F 67 -16.83 -5.34 3.28
N HIS F 68 -16.46 -4.29 4.00
CA HIS F 68 -17.27 -3.73 5.07
C HIS F 68 -18.27 -2.82 4.44
N GLU F 69 -19.34 -2.47 5.14
CA GLU F 69 -20.26 -1.51 4.57
C GLU F 69 -19.98 -0.09 5.04
N PHE F 70 -20.34 0.86 4.22
CA PHE F 70 -20.18 2.25 4.61
C PHE F 70 -21.48 2.99 4.39
N SER F 71 -21.79 3.91 5.29
CA SER F 71 -23.05 4.65 5.22
C SER F 71 -22.93 5.85 4.27
N ASN F 72 -24.01 6.61 4.13
CA ASN F 72 -24.01 7.73 3.21
C ASN F 72 -23.44 9.01 3.84
N LEU F 73 -22.89 8.90 5.05
CA LEU F 73 -21.99 9.92 5.57
C LEU F 73 -20.55 9.40 5.64
N GLU F 74 -20.24 8.37 4.87
CA GLU F 74 -18.88 7.81 4.89
C GLU F 74 -18.29 7.63 3.48
N ARG F 75 -18.62 8.54 2.56
CA ARG F 75 -18.07 8.52 1.22
C ARG F 75 -16.54 8.61 1.23
N ARG F 76 -15.99 9.49 2.07
CA ARG F 76 -14.53 9.63 2.15
C ARG F 76 -13.83 8.34 2.62
N ILE F 77 -14.21 7.77 3.77
CA ILE F 77 -13.46 6.58 4.19
C ILE F 77 -13.85 5.35 3.34
N GLY F 78 -15.06 5.31 2.80
CA GLY F 78 -15.42 4.27 1.86
C GLY F 78 -14.54 4.36 0.63
N ASN F 79 -14.34 5.59 0.15
CA ASN F 79 -13.51 5.81 -1.03
C ASN F 79 -12.04 5.49 -0.68
N LEU F 80 -11.65 5.83 0.54
CA LEU F 80 -10.30 5.57 1.02
C LEU F 80 -10.02 4.06 1.00
N ASN F 81 -10.97 3.31 1.52
CA ASN F 81 -10.84 1.87 1.53
C ASN F 81 -10.65 1.27 0.13
N LYS F 82 -11.50 1.67 -0.82
CA LYS F 82 -11.44 1.18 -2.19
C LYS F 82 -10.12 1.54 -2.89
N ARG F 83 -9.66 2.77 -2.72
CA ARG F 83 -8.41 3.19 -3.34
C ARG F 83 -7.25 2.40 -2.75
N MET F 84 -7.37 2.10 -1.46
CA MET F 84 -6.39 1.35 -0.73
C MET F 84 -6.30 -0.09 -1.30
N GLU F 85 -7.43 -0.79 -1.32
CA GLU F 85 -7.44 -2.16 -1.81
C GLU F 85 -7.06 -2.25 -3.30
N ASP F 86 -7.43 -1.26 -4.10
CA ASP F 86 -7.03 -1.24 -5.51
C ASP F 86 -5.57 -0.88 -5.67
N GLY F 87 -5.03 -0.16 -4.71
CA GLY F 87 -3.62 0.17 -4.71
C GLY F 87 -2.76 -1.06 -4.52
N PHE F 88 -3.09 -1.87 -3.51
CA PHE F 88 -2.34 -3.09 -3.26
C PHE F 88 -2.55 -4.10 -4.34
N LEU F 89 -3.76 -4.16 -4.88
CA LEU F 89 -4.04 -5.01 -6.02
C LEU F 89 -3.14 -4.65 -7.21
N ASP F 90 -2.96 -3.37 -7.44
CA ASP F 90 -2.20 -2.92 -8.60
C ASP F 90 -0.70 -3.26 -8.43
N VAL F 91 -0.21 -3.14 -7.20
CA VAL F 91 1.20 -3.38 -6.92
C VAL F 91 1.54 -4.87 -7.03
N TRP F 92 0.72 -5.74 -6.45
CA TRP F 92 0.98 -7.17 -6.55
C TRP F 92 0.77 -7.67 -7.98
N THR F 93 -0.13 -7.06 -8.73
CA THR F 93 -0.30 -7.45 -10.13
C THR F 93 0.95 -7.09 -10.95
N TYR F 94 1.52 -5.94 -10.64
CA TYR F 94 2.72 -5.49 -11.27
C TYR F 94 3.87 -6.44 -10.89
N ASN F 95 3.96 -6.77 -9.60
CA ASN F 95 5.05 -7.61 -9.13
C ASN F 95 5.06 -9.00 -9.76
N ALA F 96 3.93 -9.68 -9.71
CA ALA F 96 3.82 -10.97 -10.35
C ALA F 96 4.11 -10.88 -11.85
N GLU F 97 3.50 -9.95 -12.57
CA GLU F 97 3.63 -9.96 -14.03
C GLU F 97 5.06 -9.62 -14.53
N LEU F 98 5.75 -8.75 -13.80
CA LEU F 98 7.06 -8.30 -14.23
C LEU F 98 8.08 -9.34 -13.88
N LEU F 99 7.89 -9.94 -12.71
CA LEU F 99 8.75 -11.01 -12.22
C LEU F 99 8.82 -12.14 -13.24
N VAL F 100 7.64 -12.55 -13.70
CA VAL F 100 7.49 -13.60 -14.68
C VAL F 100 8.17 -13.25 -16.01
N LEU F 101 7.99 -12.02 -16.50
CA LEU F 101 8.66 -11.61 -17.73
C LEU F 101 10.19 -11.65 -17.59
N LEU F 102 10.67 -11.14 -16.47
CA LEU F 102 12.10 -11.05 -16.21
C LEU F 102 12.70 -12.42 -16.03
N GLU F 103 12.08 -13.19 -15.15
CA GLU F 103 12.54 -14.53 -14.82
C GLU F 103 12.54 -15.41 -16.05
N ASN F 104 11.51 -15.31 -16.89
CA ASN F 104 11.50 -16.12 -18.10
C ASN F 104 12.66 -15.78 -19.03
N GLU F 105 12.99 -14.49 -19.14
CA GLU F 105 14.14 -14.09 -19.94
C GLU F 105 15.41 -14.71 -19.41
N ARG F 106 15.54 -14.75 -18.09
CA ARG F 106 16.76 -15.24 -17.50
C ARG F 106 16.84 -16.76 -17.55
N THR F 107 15.70 -17.46 -17.43
CA THR F 107 15.71 -18.93 -17.45
C THR F 107 16.11 -19.41 -18.84
N LEU F 108 15.66 -18.70 -19.87
CA LEU F 108 16.06 -19.07 -21.21
C LEU F 108 17.58 -18.95 -21.36
N ASP F 109 18.16 -17.90 -20.76
CA ASP F 109 19.60 -17.68 -20.86
C ASP F 109 20.41 -18.70 -20.10
N LEU F 110 19.87 -19.20 -18.99
CA LEU F 110 20.54 -20.24 -18.22
C LEU F 110 20.71 -21.50 -19.10
N HIS F 111 19.61 -21.95 -19.68
CA HIS F 111 19.65 -23.02 -20.63
C HIS F 111 20.64 -22.75 -21.74
N ASP F 112 20.67 -21.52 -22.23
CA ASP F 112 21.63 -21.18 -23.27
C ASP F 112 23.08 -21.30 -22.73
N ALA F 113 23.34 -20.76 -21.54
CA ALA F 113 24.68 -20.84 -20.95
C ALA F 113 25.10 -22.30 -20.76
N ASN F 114 24.16 -23.15 -20.35
CA ASN F 114 24.47 -24.54 -20.04
C ASN F 114 24.87 -25.35 -21.26
N VAL F 115 24.14 -25.14 -22.35
CA VAL F 115 24.46 -25.79 -23.59
C VAL F 115 25.86 -25.33 -24.05
N LYS F 116 26.08 -24.00 -24.00
CA LYS F 116 27.36 -23.40 -24.35
C LYS F 116 28.51 -23.98 -23.54
N ASN F 117 28.30 -24.24 -22.24
CA ASN F 117 29.41 -24.72 -21.44
C ASN F 117 29.72 -26.20 -21.68
N LEU F 118 28.70 -26.93 -22.12
CA LEU F 118 28.89 -28.31 -22.53
C LEU F 118 29.74 -28.37 -23.81
N TYR F 119 29.43 -27.50 -24.76
CA TYR F 119 30.14 -27.48 -26.00
C TYR F 119 31.62 -27.22 -25.71
N GLU F 120 31.90 -26.19 -24.92
CA GLU F 120 33.28 -25.82 -24.64
C GLU F 120 34.07 -26.86 -23.83
N LYS F 121 33.34 -27.64 -23.02
CA LYS F 121 33.93 -28.71 -22.23
C LYS F 121 34.42 -29.85 -23.14
N VAL F 122 33.62 -30.15 -24.15
CA VAL F 122 33.96 -31.13 -25.15
C VAL F 122 35.10 -30.62 -26.02
N LYS F 123 34.91 -29.46 -26.61
CA LYS F 123 35.94 -28.84 -27.43
C LYS F 123 37.30 -28.84 -26.76
N SER F 124 37.29 -28.69 -25.44
CA SER F 124 38.51 -28.53 -24.68
C SER F 124 39.25 -29.85 -24.49
N GLN F 125 38.48 -30.94 -24.37
CA GLN F 125 39.05 -32.28 -24.40
C GLN F 125 39.64 -32.68 -25.73
N LEU F 126 38.88 -32.41 -26.78
CA LEU F 126 39.18 -32.90 -28.11
C LEU F 126 40.44 -32.28 -28.76
N ARG F 127 40.62 -30.98 -28.58
CA ARG F 127 41.77 -30.26 -29.11
C ARG F 127 41.87 -30.45 -30.62
N ASP F 128 43.05 -30.81 -31.12
CA ASP F 128 43.26 -30.98 -32.57
C ASP F 128 42.92 -32.40 -33.09
N ASN F 129 42.50 -33.29 -32.20
CA ASN F 129 42.09 -34.67 -32.55
C ASN F 129 40.78 -34.63 -33.34
N ALA F 130 40.15 -33.46 -33.34
CA ALA F 130 38.86 -33.30 -33.98
C ALA F 130 38.70 -31.89 -34.52
N ASN F 131 37.87 -31.79 -35.54
CA ASN F 131 37.57 -30.56 -36.25
C ASN F 131 36.20 -30.00 -35.81
N ASP F 132 36.21 -28.77 -35.32
CA ASP F 132 35.01 -28.06 -34.88
C ASP F 132 34.26 -27.45 -36.06
N LEU F 133 33.17 -28.08 -36.48
CA LEU F 133 32.34 -27.51 -37.53
C LEU F 133 31.60 -26.27 -37.01
N GLY F 134 30.72 -25.69 -37.79
CA GLY F 134 30.10 -24.45 -37.32
C GLY F 134 29.08 -24.60 -36.17
N ASN F 135 28.53 -25.79 -36.07
CA ASN F 135 27.22 -26.00 -35.51
C ASN F 135 27.18 -26.87 -34.26
N GLY F 136 28.19 -26.76 -33.41
CA GLY F 136 28.24 -27.55 -32.18
C GLY F 136 28.75 -28.98 -32.38
N CYS F 137 29.14 -29.32 -33.62
CA CYS F 137 29.60 -30.66 -33.94
C CYS F 137 31.11 -30.75 -34.15
N PHE F 138 31.65 -31.93 -33.86
CA PHE F 138 33.08 -32.19 -33.98
C PHE F 138 33.31 -33.41 -34.86
N GLU F 139 34.08 -33.23 -35.93
CA GLU F 139 34.45 -34.34 -36.80
C GLU F 139 35.80 -34.86 -36.36
N PHE F 140 35.87 -36.12 -35.98
CA PHE F 140 37.13 -36.68 -35.47
C PHE F 140 38.17 -36.93 -36.54
N TRP F 141 39.43 -36.71 -36.20
CA TRP F 141 40.53 -37.07 -37.11
C TRP F 141 41.00 -38.49 -36.82
N HIS F 142 40.14 -39.29 -36.21
CA HIS F 142 40.48 -40.69 -35.95
C HIS F 142 39.21 -41.52 -35.83
N LYS F 143 39.35 -42.84 -35.74
CA LYS F 143 38.17 -43.67 -35.54
C LYS F 143 37.74 -43.65 -34.07
N CYS F 144 36.55 -43.11 -33.83
CA CYS F 144 36.01 -43.07 -32.47
C CYS F 144 34.99 -44.19 -32.21
N ASP F 145 35.44 -45.17 -31.43
CA ASP F 145 34.67 -46.26 -30.86
C ASP F 145 33.47 -45.80 -30.01
N ASN F 146 32.58 -46.73 -29.64
CA ASN F 146 31.55 -46.46 -28.62
C ASN F 146 32.19 -46.23 -27.25
N GLU F 147 33.35 -46.85 -27.02
CA GLU F 147 34.13 -46.57 -25.80
C GLU F 147 34.61 -45.13 -25.83
N CYS F 148 35.10 -44.75 -27.00
CA CYS F 148 35.68 -43.46 -27.22
C CYS F 148 34.62 -42.34 -27.03
N MET F 149 33.45 -42.54 -27.64
CA MET F 149 32.34 -41.60 -27.50
C MET F 149 31.93 -41.48 -26.04
N GLU F 150 31.72 -42.61 -25.38
CA GLU F 150 31.32 -42.63 -23.97
C GLU F 150 32.36 -41.95 -23.09
N SER F 151 33.63 -42.04 -23.46
CA SER F 151 34.67 -41.37 -22.71
C SER F 151 34.65 -39.83 -22.92
N VAL F 152 34.30 -39.40 -24.13
CA VAL F 152 34.11 -38.00 -24.42
C VAL F 152 33.03 -37.38 -23.52
N LYS F 153 31.94 -38.10 -23.29
CA LYS F 153 30.85 -37.64 -22.44
C LYS F 153 31.23 -37.71 -20.97
N ASN F 154 32.02 -38.71 -20.60
CA ASN F 154 32.45 -38.94 -19.22
C ASN F 154 33.44 -37.88 -18.73
N GLY F 155 34.16 -37.27 -19.67
CA GLY F 155 35.22 -36.34 -19.31
C GLY F 155 36.55 -37.05 -19.16
N THR F 156 36.56 -38.32 -19.54
CA THR F 156 37.75 -39.15 -19.43
C THR F 156 38.32 -39.51 -20.79
N TYR F 157 38.24 -38.58 -21.75
CA TYR F 157 38.73 -38.85 -23.09
C TYR F 157 40.26 -38.76 -23.16
N ASP F 158 40.90 -39.72 -23.83
CA ASP F 158 42.37 -39.81 -23.84
C ASP F 158 42.96 -39.16 -25.08
N TYR F 159 43.33 -37.89 -24.97
CA TYR F 159 43.88 -37.18 -26.11
C TYR F 159 45.23 -37.72 -26.65
N PRO F 160 46.22 -37.97 -25.76
CA PRO F 160 47.48 -38.43 -26.36
C PRO F 160 47.30 -39.77 -27.07
N LYS F 161 46.47 -40.63 -26.51
CA LYS F 161 46.23 -41.96 -27.08
C LYS F 161 45.81 -41.92 -28.55
N TYR F 162 45.28 -40.80 -29.02
CA TYR F 162 44.83 -40.73 -30.41
C TYR F 162 45.58 -39.67 -31.19
N GLN F 163 46.52 -39.01 -30.54
CA GLN F 163 47.23 -37.89 -31.16
C GLN F 163 47.89 -38.29 -32.48
N LYS F 164 48.70 -39.34 -32.47
CA LYS F 164 49.45 -39.77 -33.67
C LYS F 164 48.54 -40.08 -34.87
N GLU F 165 47.58 -40.97 -34.68
CA GLU F 165 46.58 -41.28 -35.71
C GLU F 165 45.90 -40.04 -36.27
N SER F 166 45.64 -39.06 -35.40
CA SER F 166 44.95 -37.84 -35.79
C SER F 166 45.85 -36.94 -36.64
N LYS F 167 47.09 -36.76 -36.18
CA LYS F 167 48.09 -35.99 -36.92
C LYS F 167 48.18 -36.47 -38.37
N LEU F 168 48.32 -37.79 -38.53
CA LEU F 168 48.41 -38.43 -39.85
C LEU F 168 47.27 -38.06 -40.78
N ASN F 169 46.05 -38.42 -40.38
CA ASN F 169 44.88 -38.22 -41.23
C ASN F 169 44.64 -36.74 -41.47
N ARG F 170 45.02 -35.93 -40.49
CA ARG F 170 44.96 -34.49 -40.63
C ARG F 170 45.99 -34.04 -41.69
N GLN F 171 47.10 -34.79 -41.81
CA GLN F 171 48.10 -34.52 -42.86
C GLN F 171 47.72 -35.06 -44.23
N GLY F 172 47.14 -36.26 -44.25
CA GLY F 172 46.75 -36.93 -45.49
C GLY F 172 45.95 -36.12 -46.52
#